data_2FPH
# 
_entry.id   2FPH 
# 
_audit_conform.dict_name       mmcif_pdbx.dic 
_audit_conform.dict_version    5.387 
_audit_conform.dict_location   http://mmcif.pdb.org/dictionaries/ascii/mmcif_pdbx.dic 
# 
loop_
_database_2.database_id 
_database_2.database_code 
_database_2.pdbx_database_accession 
_database_2.pdbx_DOI 
PDB   2FPH         pdb_00002fph 10.2210/pdb2fph/pdb 
RCSB  RCSB036152   ?            ?                   
WWPDB D_1000036152 ?            ?                   
# 
loop_
_pdbx_audit_revision_history.ordinal 
_pdbx_audit_revision_history.data_content_type 
_pdbx_audit_revision_history.major_revision 
_pdbx_audit_revision_history.minor_revision 
_pdbx_audit_revision_history.revision_date 
1 'Structure model' 1 0 2007-02-20 
2 'Structure model' 1 1 2008-05-01 
3 'Structure model' 1 2 2011-07-13 
4 'Structure model' 1 3 2024-02-14 
# 
_pdbx_audit_revision_details.ordinal             1 
_pdbx_audit_revision_details.revision_ordinal    1 
_pdbx_audit_revision_details.data_content_type   'Structure model' 
_pdbx_audit_revision_details.provider            repository 
_pdbx_audit_revision_details.type                'Initial release' 
_pdbx_audit_revision_details.description         ? 
_pdbx_audit_revision_details.details             ? 
# 
loop_
_pdbx_audit_revision_group.ordinal 
_pdbx_audit_revision_group.revision_ordinal 
_pdbx_audit_revision_group.data_content_type 
_pdbx_audit_revision_group.group 
1 2 'Structure model' 'Version format compliance' 
2 3 'Structure model' 'Source and taxonomy'       
3 3 'Structure model' 'Version format compliance' 
4 4 'Structure model' 'Data collection'           
5 4 'Structure model' 'Database references'       
# 
loop_
_pdbx_audit_revision_category.ordinal 
_pdbx_audit_revision_category.revision_ordinal 
_pdbx_audit_revision_category.data_content_type 
_pdbx_audit_revision_category.category 
1 4 'Structure model' chem_comp_atom 
2 4 'Structure model' chem_comp_bond 
3 4 'Structure model' database_2     
# 
loop_
_pdbx_audit_revision_item.ordinal 
_pdbx_audit_revision_item.revision_ordinal 
_pdbx_audit_revision_item.data_content_type 
_pdbx_audit_revision_item.item 
1 4 'Structure model' '_database_2.pdbx_DOI'                
2 4 'Structure model' '_database_2.pdbx_database_accession' 
# 
_pdbx_database_status.status_code                     REL 
_pdbx_database_status.entry_id                        2FPH 
_pdbx_database_status.recvd_initial_deposition_date   2006-01-16 
_pdbx_database_status.deposit_site                    RCSB 
_pdbx_database_status.process_site                    RCSB 
_pdbx_database_status.status_code_sf                  REL 
_pdbx_database_status.status_code_mr                  ? 
_pdbx_database_status.SG_entry                        ? 
_pdbx_database_status.pdb_format_compatible           Y 
_pdbx_database_status.status_code_cs                  ? 
_pdbx_database_status.status_code_nmr_data            ? 
_pdbx_database_status.methods_development_category    ? 
# 
loop_
_audit_author.name 
_audit_author.pdbx_ordinal 
'Garau, G.'    1 
'Dideberg, O.' 2 
# 
_citation.id                        primary 
_citation.title                     'Cell division protein ylmH from Streptococcus pneumoniae' 
_citation.journal_abbrev            'To be Published' 
_citation.journal_volume            ? 
_citation.page_first                ? 
_citation.page_last                 ? 
_citation.year                      ? 
_citation.journal_id_ASTM           ? 
_citation.country                   ? 
_citation.journal_id_ISSN           ? 
_citation.journal_id_CSD            0353 
_citation.book_publisher            ? 
_citation.pdbx_database_id_PubMed   ? 
_citation.pdbx_database_id_DOI      ? 
# 
loop_
_citation_author.citation_id 
_citation_author.name 
_citation_author.ordinal 
_citation_author.identifier_ORCID 
primary 'Garau, G.'    1 ? 
primary 'Job, V.'      2 ? 
primary 'Dideberg, O.' 3 ? 
# 
loop_
_entity.id 
_entity.type 
_entity.src_method 
_entity.pdbx_description 
_entity.formula_weight 
_entity.pdbx_number_of_molecules 
_entity.pdbx_ec 
_entity.pdbx_mutation 
_entity.pdbx_fragment 
_entity.details 
1 polymer man ylmH  19270.088 1  ? ? 'Residues 5-169' ? 
2 water   nat water 18.015    61 ? ? ?                ? 
# 
_entity_poly.entity_id                      1 
_entity_poly.type                           'polypeptide(L)' 
_entity_poly.nstd_linkage                   no 
_entity_poly.nstd_monomer                   no 
_entity_poly.pdbx_seq_one_letter_code       
;GIYQHFSIEDRPFLDKGMEWIKKVEDSYAPFLTPFINPHQEKLLKILAKTYGLACSSSGEFVSSEYVRVLLYPDYFQPEF
SDFEISLQEIVYSNKFEYLTHAKILGTVINQLGIERKLFGDILVDEERAQIMINQQFLLLFQDGLKKIGRIPVSLEERPF
TEKID
;
_entity_poly.pdbx_seq_one_letter_code_can   
;GIYQHFSIEDRPFLDKGMEWIKKVEDSYAPFLTPFINPHQEKLLKILAKTYGLACSSSGEFVSSEYVRVLLYPDYFQPEF
SDFEISLQEIVYSNKFEYLTHAKILGTVINQLGIERKLFGDILVDEERAQIMINQQFLLLFQDGLKKIGRIPVSLEERPF
TEKID
;
_entity_poly.pdbx_strand_id                 X 
_entity_poly.pdbx_target_identifier         ? 
# 
_pdbx_entity_nonpoly.entity_id   2 
_pdbx_entity_nonpoly.name        water 
_pdbx_entity_nonpoly.comp_id     HOH 
# 
loop_
_entity_poly_seq.entity_id 
_entity_poly_seq.num 
_entity_poly_seq.mon_id 
_entity_poly_seq.hetero 
1 1   GLY n 
1 2   ILE n 
1 3   TYR n 
1 4   GLN n 
1 5   HIS n 
1 6   PHE n 
1 7   SER n 
1 8   ILE n 
1 9   GLU n 
1 10  ASP n 
1 11  ARG n 
1 12  PRO n 
1 13  PHE n 
1 14  LEU n 
1 15  ASP n 
1 16  LYS n 
1 17  GLY n 
1 18  MET n 
1 19  GLU n 
1 20  TRP n 
1 21  ILE n 
1 22  LYS n 
1 23  LYS n 
1 24  VAL n 
1 25  GLU n 
1 26  ASP n 
1 27  SER n 
1 28  TYR n 
1 29  ALA n 
1 30  PRO n 
1 31  PHE n 
1 32  LEU n 
1 33  THR n 
1 34  PRO n 
1 35  PHE n 
1 36  ILE n 
1 37  ASN n 
1 38  PRO n 
1 39  HIS n 
1 40  GLN n 
1 41  GLU n 
1 42  LYS n 
1 43  LEU n 
1 44  LEU n 
1 45  LYS n 
1 46  ILE n 
1 47  LEU n 
1 48  ALA n 
1 49  LYS n 
1 50  THR n 
1 51  TYR n 
1 52  GLY n 
1 53  LEU n 
1 54  ALA n 
1 55  CYS n 
1 56  SER n 
1 57  SER n 
1 58  SER n 
1 59  GLY n 
1 60  GLU n 
1 61  PHE n 
1 62  VAL n 
1 63  SER n 
1 64  SER n 
1 65  GLU n 
1 66  TYR n 
1 67  VAL n 
1 68  ARG n 
1 69  VAL n 
1 70  LEU n 
1 71  LEU n 
1 72  TYR n 
1 73  PRO n 
1 74  ASP n 
1 75  TYR n 
1 76  PHE n 
1 77  GLN n 
1 78  PRO n 
1 79  GLU n 
1 80  PHE n 
1 81  SER n 
1 82  ASP n 
1 83  PHE n 
1 84  GLU n 
1 85  ILE n 
1 86  SER n 
1 87  LEU n 
1 88  GLN n 
1 89  GLU n 
1 90  ILE n 
1 91  VAL n 
1 92  TYR n 
1 93  SER n 
1 94  ASN n 
1 95  LYS n 
1 96  PHE n 
1 97  GLU n 
1 98  TYR n 
1 99  LEU n 
1 100 THR n 
1 101 HIS n 
1 102 ALA n 
1 103 LYS n 
1 104 ILE n 
1 105 LEU n 
1 106 GLY n 
1 107 THR n 
1 108 VAL n 
1 109 ILE n 
1 110 ASN n 
1 111 GLN n 
1 112 LEU n 
1 113 GLY n 
1 114 ILE n 
1 115 GLU n 
1 116 ARG n 
1 117 LYS n 
1 118 LEU n 
1 119 PHE n 
1 120 GLY n 
1 121 ASP n 
1 122 ILE n 
1 123 LEU n 
1 124 VAL n 
1 125 ASP n 
1 126 GLU n 
1 127 GLU n 
1 128 ARG n 
1 129 ALA n 
1 130 GLN n 
1 131 ILE n 
1 132 MET n 
1 133 ILE n 
1 134 ASN n 
1 135 GLN n 
1 136 GLN n 
1 137 PHE n 
1 138 LEU n 
1 139 LEU n 
1 140 LEU n 
1 141 PHE n 
1 142 GLN n 
1 143 ASP n 
1 144 GLY n 
1 145 LEU n 
1 146 LYS n 
1 147 LYS n 
1 148 ILE n 
1 149 GLY n 
1 150 ARG n 
1 151 ILE n 
1 152 PRO n 
1 153 VAL n 
1 154 SER n 
1 155 LEU n 
1 156 GLU n 
1 157 GLU n 
1 158 ARG n 
1 159 PRO n 
1 160 PHE n 
1 161 THR n 
1 162 GLU n 
1 163 LYS n 
1 164 ILE n 
1 165 ASP n 
# 
_entity_src_gen.entity_id                          1 
_entity_src_gen.pdbx_src_id                        1 
_entity_src_gen.pdbx_alt_source_flag               sample 
_entity_src_gen.pdbx_seq_type                      ? 
_entity_src_gen.pdbx_beg_seq_num                   ? 
_entity_src_gen.pdbx_end_seq_num                   ? 
_entity_src_gen.gene_src_common_name               ? 
_entity_src_gen.gene_src_genus                     Streptococcus 
_entity_src_gen.pdbx_gene_src_gene                 ? 
_entity_src_gen.gene_src_species                   'Streptococcus pneumoniae' 
_entity_src_gen.gene_src_strain                    R6 
_entity_src_gen.gene_src_tissue                    ? 
_entity_src_gen.gene_src_tissue_fraction           ? 
_entity_src_gen.gene_src_details                   ? 
_entity_src_gen.pdbx_gene_src_fragment             ? 
_entity_src_gen.pdbx_gene_src_scientific_name      'Streptococcus pneumoniae' 
_entity_src_gen.pdbx_gene_src_ncbi_taxonomy_id     171101 
_entity_src_gen.pdbx_gene_src_variant              ? 
_entity_src_gen.pdbx_gene_src_cell_line            ? 
_entity_src_gen.pdbx_gene_src_atcc                 ? 
_entity_src_gen.pdbx_gene_src_organ                ? 
_entity_src_gen.pdbx_gene_src_organelle            ? 
_entity_src_gen.pdbx_gene_src_cell                 ? 
_entity_src_gen.pdbx_gene_src_cellular_location    ? 
_entity_src_gen.host_org_common_name               ? 
_entity_src_gen.pdbx_host_org_scientific_name      'Escherichia coli' 
_entity_src_gen.pdbx_host_org_ncbi_taxonomy_id     562 
_entity_src_gen.host_org_genus                     Escherichia 
_entity_src_gen.pdbx_host_org_gene                 ? 
_entity_src_gen.pdbx_host_org_organ                ? 
_entity_src_gen.host_org_species                   ? 
_entity_src_gen.pdbx_host_org_tissue               ? 
_entity_src_gen.pdbx_host_org_tissue_fraction      ? 
_entity_src_gen.pdbx_host_org_strain               'BL21 (RIL)' 
_entity_src_gen.pdbx_host_org_variant              ? 
_entity_src_gen.pdbx_host_org_cell_line            ? 
_entity_src_gen.pdbx_host_org_atcc                 ? 
_entity_src_gen.pdbx_host_org_culture_collection   ? 
_entity_src_gen.pdbx_host_org_cell                 ? 
_entity_src_gen.pdbx_host_org_organelle            ? 
_entity_src_gen.pdbx_host_org_cellular_location    ? 
_entity_src_gen.pdbx_host_org_vector_type          ? 
_entity_src_gen.pdbx_host_org_vector               ? 
_entity_src_gen.host_org_details                   ? 
_entity_src_gen.expression_system_id               ? 
_entity_src_gen.plasmid_name                       ? 
_entity_src_gen.plasmid_details                    ? 
_entity_src_gen.pdbx_description                   ? 
# 
loop_
_chem_comp.id 
_chem_comp.type 
_chem_comp.mon_nstd_flag 
_chem_comp.name 
_chem_comp.pdbx_synonyms 
_chem_comp.formula 
_chem_comp.formula_weight 
ALA 'L-peptide linking' y ALANINE         ? 'C3 H7 N O2'     89.093  
ARG 'L-peptide linking' y ARGININE        ? 'C6 H15 N4 O2 1' 175.209 
ASN 'L-peptide linking' y ASPARAGINE      ? 'C4 H8 N2 O3'    132.118 
ASP 'L-peptide linking' y 'ASPARTIC ACID' ? 'C4 H7 N O4'     133.103 
CYS 'L-peptide linking' y CYSTEINE        ? 'C3 H7 N O2 S'   121.158 
GLN 'L-peptide linking' y GLUTAMINE       ? 'C5 H10 N2 O3'   146.144 
GLU 'L-peptide linking' y 'GLUTAMIC ACID' ? 'C5 H9 N O4'     147.129 
GLY 'peptide linking'   y GLYCINE         ? 'C2 H5 N O2'     75.067  
HIS 'L-peptide linking' y HISTIDINE       ? 'C6 H10 N3 O2 1' 156.162 
HOH non-polymer         . WATER           ? 'H2 O'           18.015  
ILE 'L-peptide linking' y ISOLEUCINE      ? 'C6 H13 N O2'    131.173 
LEU 'L-peptide linking' y LEUCINE         ? 'C6 H13 N O2'    131.173 
LYS 'L-peptide linking' y LYSINE          ? 'C6 H15 N2 O2 1' 147.195 
MET 'L-peptide linking' y METHIONINE      ? 'C5 H11 N O2 S'  149.211 
PHE 'L-peptide linking' y PHENYLALANINE   ? 'C9 H11 N O2'    165.189 
PRO 'L-peptide linking' y PROLINE         ? 'C5 H9 N O2'     115.130 
SER 'L-peptide linking' y SERINE          ? 'C3 H7 N O3'     105.093 
THR 'L-peptide linking' y THREONINE       ? 'C4 H9 N O3'     119.119 
TRP 'L-peptide linking' y TRYPTOPHAN      ? 'C11 H12 N2 O2'  204.225 
TYR 'L-peptide linking' y TYROSINE        ? 'C9 H11 N O3'    181.189 
VAL 'L-peptide linking' y VALINE          ? 'C5 H11 N O2'    117.146 
# 
loop_
_pdbx_poly_seq_scheme.asym_id 
_pdbx_poly_seq_scheme.entity_id 
_pdbx_poly_seq_scheme.seq_id 
_pdbx_poly_seq_scheme.mon_id 
_pdbx_poly_seq_scheme.ndb_seq_num 
_pdbx_poly_seq_scheme.pdb_seq_num 
_pdbx_poly_seq_scheme.auth_seq_num 
_pdbx_poly_seq_scheme.pdb_mon_id 
_pdbx_poly_seq_scheme.auth_mon_id 
_pdbx_poly_seq_scheme.pdb_strand_id 
_pdbx_poly_seq_scheme.pdb_ins_code 
_pdbx_poly_seq_scheme.hetero 
A 1 1   GLY 1   5   5   GLY GLY X . n 
A 1 2   ILE 2   6   6   ILE ILE X . n 
A 1 3   TYR 3   7   7   TYR TYR X . n 
A 1 4   GLN 4   8   8   GLN GLN X . n 
A 1 5   HIS 5   9   9   HIS HIS X . n 
A 1 6   PHE 6   10  10  PHE PHE X . n 
A 1 7   SER 7   11  11  SER SER X . n 
A 1 8   ILE 8   12  12  ILE ILE X . n 
A 1 9   GLU 9   13  13  GLU GLU X . n 
A 1 10  ASP 10  14  14  ASP ASP X . n 
A 1 11  ARG 11  15  15  ARG ARG X . n 
A 1 12  PRO 12  16  16  PRO PRO X . n 
A 1 13  PHE 13  17  17  PHE PHE X . n 
A 1 14  LEU 14  18  18  LEU LEU X . n 
A 1 15  ASP 15  19  19  ASP ASP X . n 
A 1 16  LYS 16  20  20  LYS LYS X . n 
A 1 17  GLY 17  21  21  GLY GLY X . n 
A 1 18  MET 18  22  22  MET MET X . n 
A 1 19  GLU 19  23  23  GLU GLU X . n 
A 1 20  TRP 20  24  24  TRP TRP X . n 
A 1 21  ILE 21  25  25  ILE ILE X . n 
A 1 22  LYS 22  26  26  LYS LYS X . n 
A 1 23  LYS 23  27  27  LYS LYS X . n 
A 1 24  VAL 24  28  28  VAL VAL X . n 
A 1 25  GLU 25  29  29  GLU GLU X . n 
A 1 26  ASP 26  30  30  ASP ASP X . n 
A 1 27  SER 27  31  31  SER SER X . n 
A 1 28  TYR 28  32  32  TYR TYR X . n 
A 1 29  ALA 29  33  33  ALA ALA X . n 
A 1 30  PRO 30  34  34  PRO PRO X . n 
A 1 31  PHE 31  35  35  PHE PHE X . n 
A 1 32  LEU 32  36  36  LEU LEU X . n 
A 1 33  THR 33  37  37  THR THR X . n 
A 1 34  PRO 34  38  38  PRO PRO X . n 
A 1 35  PHE 35  39  39  PHE PHE X . n 
A 1 36  ILE 36  40  40  ILE ILE X . n 
A 1 37  ASN 37  41  41  ASN ASN X . n 
A 1 38  PRO 38  42  42  PRO PRO X . n 
A 1 39  HIS 39  43  43  HIS HIS X . n 
A 1 40  GLN 40  44  44  GLN GLN X . n 
A 1 41  GLU 41  45  45  GLU GLU X . n 
A 1 42  LYS 42  46  46  LYS LYS X . n 
A 1 43  LEU 43  47  47  LEU LEU X . n 
A 1 44  LEU 44  48  48  LEU LEU X . n 
A 1 45  LYS 45  49  49  LYS LYS X . n 
A 1 46  ILE 46  50  50  ILE ILE X . n 
A 1 47  LEU 47  51  51  LEU LEU X . n 
A 1 48  ALA 48  52  52  ALA ALA X . n 
A 1 49  LYS 49  53  53  LYS LYS X . n 
A 1 50  THR 50  54  54  THR THR X . n 
A 1 51  TYR 51  55  55  TYR TYR X . n 
A 1 52  GLY 52  56  56  GLY GLY X . n 
A 1 53  LEU 53  57  57  LEU LEU X . n 
A 1 54  ALA 54  58  58  ALA ALA X . n 
A 1 55  CYS 55  59  59  CYS CYS X . n 
A 1 56  SER 56  60  60  SER SER X . n 
A 1 57  SER 57  61  61  SER SER X . n 
A 1 58  SER 58  62  62  SER SER X . n 
A 1 59  GLY 59  63  63  GLY GLY X . n 
A 1 60  GLU 60  64  64  GLU GLU X . n 
A 1 61  PHE 61  65  65  PHE PHE X . n 
A 1 62  VAL 62  66  66  VAL VAL X . n 
A 1 63  SER 63  67  67  SER SER X . n 
A 1 64  SER 64  68  68  SER SER X . n 
A 1 65  GLU 65  69  69  GLU GLU X . n 
A 1 66  TYR 66  70  70  TYR TYR X . n 
A 1 67  VAL 67  71  71  VAL VAL X . n 
A 1 68  ARG 68  72  72  ARG ARG X . n 
A 1 69  VAL 69  73  73  VAL VAL X . n 
A 1 70  LEU 70  74  74  LEU LEU X . n 
A 1 71  LEU 71  75  75  LEU LEU X . n 
A 1 72  TYR 72  76  76  TYR TYR X . n 
A 1 73  PRO 73  77  77  PRO PRO X . n 
A 1 74  ASP 74  78  78  ASP ASP X . n 
A 1 75  TYR 75  79  79  TYR TYR X . n 
A 1 76  PHE 76  80  80  PHE PHE X . n 
A 1 77  GLN 77  81  81  GLN GLN X . n 
A 1 78  PRO 78  82  82  PRO PRO X . n 
A 1 79  GLU 79  83  83  GLU GLU X . n 
A 1 80  PHE 80  84  84  PHE PHE X . n 
A 1 81  SER 81  85  85  SER SER X . n 
A 1 82  ASP 82  86  86  ASP ASP X . n 
A 1 83  PHE 83  87  87  PHE PHE X . n 
A 1 84  GLU 84  88  88  GLU GLU X . n 
A 1 85  ILE 85  89  89  ILE ILE X . n 
A 1 86  SER 86  90  90  SER SER X . n 
A 1 87  LEU 87  91  91  LEU LEU X . n 
A 1 88  GLN 88  92  92  GLN GLN X . n 
A 1 89  GLU 89  93  93  GLU GLU X . n 
A 1 90  ILE 90  94  94  ILE ILE X . n 
A 1 91  VAL 91  95  95  VAL VAL X . n 
A 1 92  TYR 92  96  96  TYR TYR X . n 
A 1 93  SER 93  97  97  SER SER X . n 
A 1 94  ASN 94  98  98  ASN ASN X . n 
A 1 95  LYS 95  99  99  LYS LYS X . n 
A 1 96  PHE 96  100 100 PHE PHE X . n 
A 1 97  GLU 97  101 101 GLU GLU X . n 
A 1 98  TYR 98  102 102 TYR TYR X . n 
A 1 99  LEU 99  103 103 LEU LEU X . n 
A 1 100 THR 100 104 104 THR THR X . n 
A 1 101 HIS 101 105 105 HIS HIS X . n 
A 1 102 ALA 102 106 106 ALA ALA X . n 
A 1 103 LYS 103 107 107 LYS LYS X . n 
A 1 104 ILE 104 108 108 ILE ILE X . n 
A 1 105 LEU 105 109 109 LEU LEU X . n 
A 1 106 GLY 106 110 110 GLY GLY X . n 
A 1 107 THR 107 111 111 THR THR X . n 
A 1 108 VAL 108 112 112 VAL VAL X . n 
A 1 109 ILE 109 113 113 ILE ILE X . n 
A 1 110 ASN 110 114 114 ASN ASN X . n 
A 1 111 GLN 111 115 115 GLN GLN X . n 
A 1 112 LEU 112 116 116 LEU LEU X . n 
A 1 113 GLY 113 117 117 GLY GLY X . n 
A 1 114 ILE 114 118 118 ILE ILE X . n 
A 1 115 GLU 115 119 119 GLU GLU X . n 
A 1 116 ARG 116 120 120 ARG ARG X . n 
A 1 117 LYS 117 121 121 LYS LYS X . n 
A 1 118 LEU 118 122 122 LEU LEU X . n 
A 1 119 PHE 119 123 123 PHE PHE X . n 
A 1 120 GLY 120 124 124 GLY GLY X . n 
A 1 121 ASP 121 125 125 ASP ASP X . n 
A 1 122 ILE 122 126 126 ILE ILE X . n 
A 1 123 LEU 123 127 127 LEU LEU X . n 
A 1 124 VAL 124 128 128 VAL VAL X . n 
A 1 125 ASP 125 129 129 ASP ASP X . n 
A 1 126 GLU 126 130 130 GLU GLU X . n 
A 1 127 GLU 127 131 131 GLU GLU X . n 
A 1 128 ARG 128 132 132 ARG ARG X . n 
A 1 129 ALA 129 133 133 ALA ALA X . n 
A 1 130 GLN 130 134 134 GLN GLN X . n 
A 1 131 ILE 131 135 135 ILE ILE X . n 
A 1 132 MET 132 136 136 MET MET X . n 
A 1 133 ILE 133 137 137 ILE ILE X . n 
A 1 134 ASN 134 138 138 ASN ASN X . n 
A 1 135 GLN 135 139 139 GLN GLN X . n 
A 1 136 GLN 136 140 140 GLN GLN X . n 
A 1 137 PHE 137 141 141 PHE PHE X . n 
A 1 138 LEU 138 142 142 LEU LEU X . n 
A 1 139 LEU 139 143 143 LEU LEU X . n 
A 1 140 LEU 140 144 144 LEU LEU X . n 
A 1 141 PHE 141 145 145 PHE PHE X . n 
A 1 142 GLN 142 146 146 GLN GLN X . n 
A 1 143 ASP 143 147 147 ASP ASP X . n 
A 1 144 GLY 144 148 148 GLY GLY X . n 
A 1 145 LEU 145 149 149 LEU LEU X . n 
A 1 146 LYS 146 150 150 LYS LYS X . n 
A 1 147 LYS 147 151 151 LYS LYS X . n 
A 1 148 ILE 148 152 152 ILE ILE X . n 
A 1 149 GLY 149 153 153 GLY GLY X . n 
A 1 150 ARG 150 154 154 ARG ARG X . n 
A 1 151 ILE 151 155 155 ILE ILE X . n 
A 1 152 PRO 152 156 156 PRO PRO X . n 
A 1 153 VAL 153 157 157 VAL VAL X . n 
A 1 154 SER 154 158 158 SER SER X . n 
A 1 155 LEU 155 159 159 LEU LEU X . n 
A 1 156 GLU 156 160 160 GLU GLU X . n 
A 1 157 GLU 157 161 161 GLU GLU X . n 
A 1 158 ARG 158 162 162 ARG ARG X . n 
A 1 159 PRO 159 163 163 PRO PRO X . n 
A 1 160 PHE 160 164 164 PHE PHE X . n 
A 1 161 THR 161 165 165 THR THR X . n 
A 1 162 GLU 162 166 166 GLU GLU X . n 
A 1 163 LYS 163 167 167 LYS LYS X . n 
A 1 164 ILE 164 168 168 ILE ILE X . n 
A 1 165 ASP 165 169 169 ASP ASP X . n 
# 
loop_
_pdbx_nonpoly_scheme.asym_id 
_pdbx_nonpoly_scheme.entity_id 
_pdbx_nonpoly_scheme.mon_id 
_pdbx_nonpoly_scheme.ndb_seq_num 
_pdbx_nonpoly_scheme.pdb_seq_num 
_pdbx_nonpoly_scheme.auth_seq_num 
_pdbx_nonpoly_scheme.pdb_mon_id 
_pdbx_nonpoly_scheme.auth_mon_id 
_pdbx_nonpoly_scheme.pdb_strand_id 
_pdbx_nonpoly_scheme.pdb_ins_code 
B 2 HOH 1  170 1  HOH HOH X . 
B 2 HOH 2  171 2  HOH HOH X . 
B 2 HOH 3  172 3  HOH HOH X . 
B 2 HOH 4  173 4  HOH HOH X . 
B 2 HOH 5  174 5  HOH HOH X . 
B 2 HOH 6  175 6  HOH HOH X . 
B 2 HOH 7  176 7  HOH HOH X . 
B 2 HOH 8  177 8  HOH HOH X . 
B 2 HOH 9  178 9  HOH HOH X . 
B 2 HOH 10 179 10 HOH HOH X . 
B 2 HOH 11 180 11 HOH HOH X . 
B 2 HOH 12 181 12 HOH HOH X . 
B 2 HOH 13 182 13 HOH HOH X . 
B 2 HOH 14 183 14 HOH HOH X . 
B 2 HOH 15 184 15 HOH HOH X . 
B 2 HOH 16 185 16 HOH HOH X . 
B 2 HOH 17 186 17 HOH HOH X . 
B 2 HOH 18 187 18 HOH HOH X . 
B 2 HOH 19 188 20 HOH HOH X . 
B 2 HOH 20 189 21 HOH HOH X . 
B 2 HOH 21 190 22 HOH HOH X . 
B 2 HOH 22 191 23 HOH HOH X . 
B 2 HOH 23 192 24 HOH HOH X . 
B 2 HOH 24 193 25 HOH HOH X . 
B 2 HOH 25 194 26 HOH HOH X . 
B 2 HOH 26 195 27 HOH HOH X . 
B 2 HOH 27 196 28 HOH HOH X . 
B 2 HOH 28 197 29 HOH HOH X . 
B 2 HOH 29 198 30 HOH HOH X . 
B 2 HOH 30 199 31 HOH HOH X . 
B 2 HOH 31 200 32 HOH HOH X . 
B 2 HOH 32 201 33 HOH HOH X . 
B 2 HOH 33 202 34 HOH HOH X . 
B 2 HOH 34 203 35 HOH HOH X . 
B 2 HOH 35 204 36 HOH HOH X . 
B 2 HOH 36 205 37 HOH HOH X . 
B 2 HOH 37 206 38 HOH HOH X . 
B 2 HOH 38 207 39 HOH HOH X . 
B 2 HOH 39 208 40 HOH HOH X . 
B 2 HOH 40 209 41 HOH HOH X . 
B 2 HOH 41 210 42 HOH HOH X . 
B 2 HOH 42 211 43 HOH HOH X . 
B 2 HOH 43 212 44 HOH HOH X . 
B 2 HOH 44 213 45 HOH HOH X . 
B 2 HOH 45 214 46 HOH HOH X . 
B 2 HOH 46 215 47 HOH HOH X . 
B 2 HOH 47 216 48 HOH HOH X . 
B 2 HOH 48 217 49 HOH HOH X . 
B 2 HOH 49 218 50 HOH HOH X . 
B 2 HOH 50 219 51 HOH HOH X . 
B 2 HOH 51 220 52 HOH HOH X . 
B 2 HOH 52 221 53 HOH HOH X . 
B 2 HOH 53 222 54 HOH HOH X . 
B 2 HOH 54 223 55 HOH HOH X . 
B 2 HOH 55 224 56 HOH HOH X . 
B 2 HOH 56 225 57 HOH HOH X . 
B 2 HOH 57 226 58 HOH HOH X . 
B 2 HOH 58 227 59 HOH HOH X . 
B 2 HOH 59 228 60 HOH HOH X . 
B 2 HOH 60 229 61 HOH HOH X . 
B 2 HOH 61 230 62 HOH HOH X . 
# 
loop_
_software.name 
_software.classification 
_software.version 
_software.citation_id 
_software.pdbx_ordinal 
REFMAC refinement       5.1.24    ? 1 
MOSFLM 'data reduction' .         ? 2 
CCP4   'data scaling'   '(SCALA)' ? 3 
SOLVE  phasing          .         ? 4 
# 
_cell.entry_id           2FPH 
_cell.length_a           34.180 
_cell.length_b           46.267 
_cell.length_c           50.261 
_cell.angle_alpha        90.00 
_cell.angle_beta         99.70 
_cell.angle_gamma        90.00 
_cell.Z_PDB              2 
_cell.pdbx_unique_axis   ? 
_cell.length_a_esd       ? 
_cell.length_b_esd       ? 
_cell.length_c_esd       ? 
_cell.angle_alpha_esd    ? 
_cell.angle_beta_esd     ? 
_cell.angle_gamma_esd    ? 
# 
_symmetry.entry_id                         2FPH 
_symmetry.space_group_name_H-M             'P 1 21 1' 
_symmetry.pdbx_full_space_group_name_H-M   ? 
_symmetry.cell_setting                     ? 
_symmetry.Int_Tables_number                4 
_symmetry.space_group_name_Hall            ? 
# 
_exptl.entry_id          2FPH 
_exptl.method            'X-RAY DIFFRACTION' 
_exptl.crystals_number   1 
# 
_exptl_crystal.id                    1 
_exptl_crystal.density_meas          ? 
_exptl_crystal.density_Matthews      2.03 
_exptl_crystal.density_percent_sol   39.47 
_exptl_crystal.description           ? 
_exptl_crystal.F_000                 ? 
_exptl_crystal.preparation           ? 
# 
_exptl_crystal_grow.crystal_id      1 
_exptl_crystal_grow.method          ? 
_exptl_crystal_grow.temp            293 
_exptl_crystal_grow.temp_details    ? 
_exptl_crystal_grow.pH              5.00 
_exptl_crystal_grow.pdbx_details    
'10% PEG6000, 1.0M LiCl, 100mM citrate buffer, pH 5.0, VAPOR DIFFUSION, HANGING DROP, temperature 293K, pH 5.00' 
_exptl_crystal_grow.pdbx_pH_range   . 
# 
_diffrn.id                     1 
_diffrn.ambient_temp           100.0 
_diffrn.ambient_temp_details   ? 
_diffrn.crystal_id             1 
# 
_diffrn_detector.diffrn_id              1 
_diffrn_detector.detector               CCD 
_diffrn_detector.type                   MACSCIENCE 
_diffrn_detector.pdbx_collection_date   2005-11-17 
_diffrn_detector.details                ? 
# 
_diffrn_radiation.diffrn_id                        1 
_diffrn_radiation.wavelength_id                    1 
_diffrn_radiation.pdbx_monochromatic_or_laue_m_l   M 
_diffrn_radiation.monochromator                    'SI 111' 
_diffrn_radiation.pdbx_diffrn_protocol             'SINGLE WAVELENGTH' 
_diffrn_radiation.pdbx_scattering_type             x-ray 
# 
_diffrn_radiation_wavelength.id           1 
_diffrn_radiation_wavelength.wavelength   0.91840 
_diffrn_radiation_wavelength.wt           1.0 
# 
_diffrn_source.diffrn_id                   1 
_diffrn_source.source                      SYNCHROTRON 
_diffrn_source.type                        'ESRF BEAMLINE ID23-1' 
_diffrn_source.pdbx_synchrotron_site       ESRF 
_diffrn_source.pdbx_synchrotron_beamline   ID23-1 
_diffrn_source.pdbx_wavelength             0.91840 
_diffrn_source.pdbx_wavelength_list        ? 
# 
_reflns.entry_id                     2FPH 
_reflns.observed_criterion_sigma_I   2.000 
_reflns.observed_criterion_sigma_F   ? 
_reflns.d_resolution_low             50.000 
_reflns.d_resolution_high            1.700 
_reflns.number_obs                   17137 
_reflns.number_all                   ? 
_reflns.percent_possible_obs         99.8 
_reflns.pdbx_Rmerge_I_obs            0.068 
_reflns.pdbx_Rsym_value              0.068 
_reflns.pdbx_netI_over_sigmaI        5.2 
_reflns.B_iso_Wilson_estimate        21.60 
_reflns.pdbx_redundancy              7.100 
_reflns.R_free_details               ? 
_reflns.limit_h_max                  ? 
_reflns.limit_h_min                  ? 
_reflns.limit_k_max                  ? 
_reflns.limit_k_min                  ? 
_reflns.limit_l_max                  ? 
_reflns.limit_l_min                  ? 
_reflns.observed_criterion_F_max     ? 
_reflns.observed_criterion_F_min     ? 
_reflns.pdbx_chi_squared             ? 
_reflns.pdbx_scaling_rejects         ? 
_reflns.pdbx_ordinal                 1 
_reflns.pdbx_diffrn_id               1 
# 
_reflns_shell.d_res_high             1.70 
_reflns_shell.d_res_low              1.79 
_reflns_shell.percent_possible_all   100.0 
_reflns_shell.Rmerge_I_obs           0.217 
_reflns_shell.pdbx_Rsym_value        0.217 
_reflns_shell.meanI_over_sigI_obs    2.8 
_reflns_shell.pdbx_redundancy        7.3 
_reflns_shell.percent_possible_obs   ? 
_reflns_shell.number_unique_all      ? 
_reflns_shell.number_measured_all    ? 
_reflns_shell.number_measured_obs    ? 
_reflns_shell.number_unique_obs      ? 
_reflns_shell.pdbx_chi_squared       ? 
_reflns_shell.pdbx_ordinal           1 
_reflns_shell.pdbx_diffrn_id         1 
# 
_refine.entry_id                                 2FPH 
_refine.ls_number_reflns_obs                     16255 
_refine.ls_number_reflns_all                     ? 
_refine.pdbx_ls_sigma_I                          ? 
_refine.pdbx_ls_sigma_F                          2.000 
_refine.pdbx_data_cutoff_high_absF               ? 
_refine.pdbx_data_cutoff_low_absF                ? 
_refine.pdbx_data_cutoff_high_rms_absF           ? 
_refine.ls_d_res_low                             49.39 
_refine.ls_d_res_high                            1.70 
_refine.ls_percent_reflns_obs                    99.8 
_refine.ls_R_factor_obs                          0.243 
_refine.ls_R_factor_all                          ? 
_refine.ls_R_factor_R_work                       0.24 
_refine.ls_R_factor_R_free                       0.299 
_refine.ls_R_factor_R_free_error                 ? 
_refine.ls_R_factor_R_free_error_details         ? 
_refine.ls_percent_reflns_R_free                 5.100 
_refine.ls_number_reflns_R_free                  867 
_refine.ls_number_parameters                     ? 
_refine.ls_number_restraints                     ? 
_refine.occupancy_min                            ? 
_refine.occupancy_max                            ? 
_refine.correlation_coeff_Fo_to_Fc               0.922 
_refine.correlation_coeff_Fo_to_Fc_free          0.883 
_refine.B_iso_mean                               23.97 
_refine.aniso_B[1][1]                            -0.13000 
_refine.aniso_B[2][2]                            0.74000 
_refine.aniso_B[3][3]                            -0.83000 
_refine.aniso_B[1][2]                            0.00000 
_refine.aniso_B[1][3]                            -0.65000 
_refine.aniso_B[2][3]                            0.00000 
_refine.solvent_model_details                    'BABINET MODEL WITH MASK' 
_refine.solvent_model_param_ksol                 ? 
_refine.solvent_model_param_bsol                 ? 
_refine.pdbx_solvent_vdw_probe_radii             1.40 
_refine.pdbx_solvent_ion_probe_radii             0.80 
_refine.pdbx_solvent_shrinkage_radii             0.80 
_refine.pdbx_ls_cross_valid_method               THROUGHOUT 
_refine.details                                  'HYDROGENS HAVE BEEN ADDED IN THE RIDING POSITIONS' 
_refine.pdbx_starting_model                      ? 
_refine.pdbx_method_to_determine_struct          SIRAS 
_refine.pdbx_isotropic_thermal_model             ? 
_refine.pdbx_stereochemistry_target_values       'MAXIMUM LIKELIHOOD' 
_refine.pdbx_stereochem_target_val_spec_case     ? 
_refine.pdbx_R_Free_selection_details            RANDOM 
_refine.pdbx_overall_ESU_R                       0.153 
_refine.pdbx_overall_ESU_R_Free                  0.154 
_refine.overall_SU_ML                            0.101 
_refine.overall_SU_B                             2.982 
_refine.ls_redundancy_reflns_obs                 ? 
_refine.B_iso_min                                ? 
_refine.B_iso_max                                ? 
_refine.overall_SU_R_Cruickshank_DPI             ? 
_refine.overall_SU_R_free                        ? 
_refine.ls_wR_factor_R_free                      ? 
_refine.ls_wR_factor_R_work                      ? 
_refine.overall_FOM_free_R_set                   ? 
_refine.overall_FOM_work_R_set                   ? 
_refine.pdbx_refine_id                           'X-RAY DIFFRACTION' 
_refine.pdbx_diffrn_id                           1 
_refine.pdbx_TLS_residual_ADP_flag               ? 
_refine.pdbx_overall_phase_error                 ? 
_refine.pdbx_overall_SU_R_free_Cruickshank_DPI   ? 
_refine.pdbx_overall_SU_R_Blow_DPI               ? 
_refine.pdbx_overall_SU_R_free_Blow_DPI          ? 
# 
_refine_hist.pdbx_refine_id                   'X-RAY DIFFRACTION' 
_refine_hist.cycle_id                         LAST 
_refine_hist.pdbx_number_atoms_protein        1362 
_refine_hist.pdbx_number_atoms_nucleic_acid   0 
_refine_hist.pdbx_number_atoms_ligand         0 
_refine_hist.number_atoms_solvent             61 
_refine_hist.number_atoms_total               1423 
_refine_hist.d_res_high                       1.70 
_refine_hist.d_res_low                        49.39 
# 
loop_
_refine_ls_restr.type 
_refine_ls_restr.dev_ideal 
_refine_ls_restr.dev_ideal_target 
_refine_ls_restr.weight 
_refine_ls_restr.number 
_refine_ls_restr.pdbx_refine_id 
_refine_ls_restr.pdbx_restraint_function 
r_bond_refined_d             0.021  0.022 ? 1402 'X-RAY DIFFRACTION' ? 
r_bond_other_d               0.003  0.020 ? 1278 'X-RAY DIFFRACTION' ? 
r_angle_refined_deg          2.155  1.970 ? 1891 'X-RAY DIFFRACTION' ? 
r_angle_other_deg            1.824  3.000 ? 2990 'X-RAY DIFFRACTION' ? 
r_dihedral_angle_1_deg       11.967 5.000 ? 164  'X-RAY DIFFRACTION' ? 
r_dihedral_angle_2_deg       ?      ?     ? ?    'X-RAY DIFFRACTION' ? 
r_dihedral_angle_3_deg       ?      ?     ? ?    'X-RAY DIFFRACTION' ? 
r_dihedral_angle_4_deg       ?      ?     ? ?    'X-RAY DIFFRACTION' ? 
r_chiral_restr               0.161  0.200 ? 204  'X-RAY DIFFRACTION' ? 
r_gen_planes_refined         0.011  0.020 ? 1526 'X-RAY DIFFRACTION' ? 
r_gen_planes_other           0.010  0.020 ? 292  'X-RAY DIFFRACTION' ? 
r_nbd_refined                0.251  0.200 ? 320  'X-RAY DIFFRACTION' ? 
r_nbd_other                  0.250  0.200 ? 1544 'X-RAY DIFFRACTION' ? 
r_nbtor_refined              ?      ?     ? ?    'X-RAY DIFFRACTION' ? 
r_nbtor_other                0.094  0.200 ? 854  'X-RAY DIFFRACTION' ? 
r_xyhbond_nbd_refined        0.216  0.200 ? 41   'X-RAY DIFFRACTION' ? 
r_xyhbond_nbd_other          ?      ?     ? ?    'X-RAY DIFFRACTION' ? 
r_metal_ion_refined          ?      ?     ? ?    'X-RAY DIFFRACTION' ? 
r_metal_ion_other            ?      ?     ? ?    'X-RAY DIFFRACTION' ? 
r_symmetry_vdw_refined       0.327  0.200 ? 29   'X-RAY DIFFRACTION' ? 
r_symmetry_vdw_other         0.276  0.200 ? 87   'X-RAY DIFFRACTION' ? 
r_symmetry_hbond_refined     0.270  0.200 ? 13   'X-RAY DIFFRACTION' ? 
r_symmetry_hbond_other       ?      ?     ? ?    'X-RAY DIFFRACTION' ? 
r_symmetry_metal_ion_refined ?      ?     ? ?    'X-RAY DIFFRACTION' ? 
r_symmetry_metal_ion_other   ?      ?     ? ?    'X-RAY DIFFRACTION' ? 
r_mcbond_it                  1.336  1.500 ? 823  'X-RAY DIFFRACTION' ? 
r_mcbond_other               ?      ?     ? ?    'X-RAY DIFFRACTION' ? 
r_mcangle_it                 2.449  2.000 ? 1340 'X-RAY DIFFRACTION' ? 
r_scbond_it                  3.182  3.000 ? 579  'X-RAY DIFFRACTION' ? 
r_scangle_it                 4.961  4.500 ? 551  'X-RAY DIFFRACTION' ? 
r_rigid_bond_restr           ?      ?     ? ?    'X-RAY DIFFRACTION' ? 
r_sphericity_free            ?      ?     ? ?    'X-RAY DIFFRACTION' ? 
r_sphericity_bonded          ?      ?     ? ?    'X-RAY DIFFRACTION' ? 
# 
_refine_ls_shell.pdbx_total_number_of_bins_used   20 
_refine_ls_shell.d_res_high                       1.70 
_refine_ls_shell.d_res_low                        1.74 
_refine_ls_shell.number_reflns_R_work             1186 
_refine_ls_shell.R_factor_R_work                  0.248 
_refine_ls_shell.percent_reflns_obs               ? 
_refine_ls_shell.R_factor_R_free                  0.389 
_refine_ls_shell.R_factor_R_free_error            ? 
_refine_ls_shell.percent_reflns_R_free            ? 
_refine_ls_shell.number_reflns_R_free             63 
_refine_ls_shell.number_reflns_all                ? 
_refine_ls_shell.R_factor_all                     ? 
_refine_ls_shell.redundancy_reflns_obs            ? 
_refine_ls_shell.number_reflns_obs                ? 
_refine_ls_shell.pdbx_refine_id                   'X-RAY DIFFRACTION' 
# 
_struct.entry_id                  2FPH 
_struct.title                     'Cell division protein ylmH from Streptococcus pneumoniae' 
_struct.pdbx_model_details        ? 
_struct.pdbx_CASP_flag            ? 
_struct.pdbx_model_type_details   ? 
# 
_struct_keywords.entry_id        2FPH 
_struct_keywords.pdbx_keywords   'DNA BINDING PROTEIN' 
_struct_keywords.text            'DIVISION PROTEIN, BACTERIA, GRAM+, DNA BINDING PROTEIN' 
# 
loop_
_struct_asym.id 
_struct_asym.pdbx_blank_PDB_chainid_flag 
_struct_asym.pdbx_modified 
_struct_asym.entity_id 
_struct_asym.details 
A N N 1 ? 
B N N 2 ? 
# 
_struct_ref.id                         1 
_struct_ref.db_name                    GB 
_struct_ref.db_code                    AAL00310 
_struct_ref.pdbx_db_accession          15459167 
_struct_ref.entity_id                  1 
_struct_ref.pdbx_seq_one_letter_code   
;GIYQHFSIEDRPFLDKGMEWIKKVEDSYAPFLTPFINPHQEKLLKILAKTYGLACSSSGEFVSSEYVRVLLYPDYFQPEF
SDFEISLQEIVYSNKFEYLTHAKILGTVINQLGIERKLFGDILVDEERAQIMINQQFLLLFQDGLKKIGRIPVSLEERPF
TEKID
;
_struct_ref.pdbx_align_begin           26 
_struct_ref.pdbx_db_isoform            ? 
# 
_struct_ref_seq.align_id                      1 
_struct_ref_seq.ref_id                        1 
_struct_ref_seq.pdbx_PDB_id_code              2FPH 
_struct_ref_seq.pdbx_strand_id                X 
_struct_ref_seq.seq_align_beg                 1 
_struct_ref_seq.pdbx_seq_align_beg_ins_code   ? 
_struct_ref_seq.seq_align_end                 165 
_struct_ref_seq.pdbx_seq_align_end_ins_code   ? 
_struct_ref_seq.pdbx_db_accession             15459167 
_struct_ref_seq.db_align_beg                  26 
_struct_ref_seq.pdbx_db_align_beg_ins_code    ? 
_struct_ref_seq.db_align_end                  190 
_struct_ref_seq.pdbx_db_align_end_ins_code    ? 
_struct_ref_seq.pdbx_auth_seq_align_beg       5 
_struct_ref_seq.pdbx_auth_seq_align_end       169 
# 
_pdbx_struct_assembly.id                   1 
_pdbx_struct_assembly.details              author_defined_assembly 
_pdbx_struct_assembly.method_details       ? 
_pdbx_struct_assembly.oligomeric_details   monomeric 
_pdbx_struct_assembly.oligomeric_count     1 
# 
_pdbx_struct_assembly_gen.assembly_id       1 
_pdbx_struct_assembly_gen.oper_expression   1 
_pdbx_struct_assembly_gen.asym_id_list      A,B 
# 
_pdbx_struct_oper_list.id                   1 
_pdbx_struct_oper_list.type                 'identity operation' 
_pdbx_struct_oper_list.name                 1_555 
_pdbx_struct_oper_list.symmetry_operation   x,y,z 
_pdbx_struct_oper_list.matrix[1][1]         1.0000000000 
_pdbx_struct_oper_list.matrix[1][2]         0.0000000000 
_pdbx_struct_oper_list.matrix[1][3]         0.0000000000 
_pdbx_struct_oper_list.vector[1]            0.0000000000 
_pdbx_struct_oper_list.matrix[2][1]         0.0000000000 
_pdbx_struct_oper_list.matrix[2][2]         1.0000000000 
_pdbx_struct_oper_list.matrix[2][3]         0.0000000000 
_pdbx_struct_oper_list.vector[2]            0.0000000000 
_pdbx_struct_oper_list.matrix[3][1]         0.0000000000 
_pdbx_struct_oper_list.matrix[3][2]         0.0000000000 
_pdbx_struct_oper_list.matrix[3][3]         1.0000000000 
_pdbx_struct_oper_list.vector[3]            0.0000000000 
# 
_struct_biol.id   1 
# 
loop_
_struct_conf.conf_type_id 
_struct_conf.id 
_struct_conf.pdbx_PDB_helix_id 
_struct_conf.beg_label_comp_id 
_struct_conf.beg_label_asym_id 
_struct_conf.beg_label_seq_id 
_struct_conf.pdbx_beg_PDB_ins_code 
_struct_conf.end_label_comp_id 
_struct_conf.end_label_asym_id 
_struct_conf.end_label_seq_id 
_struct_conf.pdbx_end_PDB_ins_code 
_struct_conf.beg_auth_comp_id 
_struct_conf.beg_auth_asym_id 
_struct_conf.beg_auth_seq_id 
_struct_conf.end_auth_comp_id 
_struct_conf.end_auth_asym_id 
_struct_conf.end_auth_seq_id 
_struct_conf.pdbx_PDB_helix_class 
_struct_conf.details 
_struct_conf.pdbx_PDB_helix_length 
HELX_P HELX_P1 1 SER A 7   ? GLU A 9   ? SER X 11  GLU X 13  5 ? 3  
HELX_P HELX_P2 2 ASP A 10  ? TYR A 28  ? ASP X 14  TYR X 32  1 ? 19 
HELX_P HELX_P3 3 ASN A 37  ? TYR A 51  ? ASN X 41  TYR X 55  1 ? 15 
HELX_P HELX_P4 4 GLY A 59  ? PHE A 61  ? GLY X 63  PHE X 65  5 ? 3  
HELX_P HELX_P5 5 GLU A 79  ? PHE A 83  ? GLU X 83  PHE X 87  5 ? 5  
HELX_P HELX_P6 6 PHE A 96  ? GLY A 106 ? PHE X 100 GLY X 110 1 ? 11 
HELX_P HELX_P7 7 GLU A 115 ? LYS A 117 ? GLU X 119 LYS X 121 5 ? 3  
HELX_P HELX_P8 8 PHE A 137 ? LEU A 145 ? PHE X 141 LEU X 149 1 ? 9  
HELX_P HELX_P9 9 PRO A 159 ? LYS A 163 ? PRO X 163 LYS X 167 5 ? 5  
# 
_struct_conf_type.id          HELX_P 
_struct_conf_type.criteria    ? 
_struct_conf_type.reference   ? 
# 
loop_
_struct_mon_prot_cis.pdbx_id 
_struct_mon_prot_cis.label_comp_id 
_struct_mon_prot_cis.label_seq_id 
_struct_mon_prot_cis.label_asym_id 
_struct_mon_prot_cis.label_alt_id 
_struct_mon_prot_cis.pdbx_PDB_ins_code 
_struct_mon_prot_cis.auth_comp_id 
_struct_mon_prot_cis.auth_seq_id 
_struct_mon_prot_cis.auth_asym_id 
_struct_mon_prot_cis.pdbx_label_comp_id_2 
_struct_mon_prot_cis.pdbx_label_seq_id_2 
_struct_mon_prot_cis.pdbx_label_asym_id_2 
_struct_mon_prot_cis.pdbx_PDB_ins_code_2 
_struct_mon_prot_cis.pdbx_auth_comp_id_2 
_struct_mon_prot_cis.pdbx_auth_seq_id_2 
_struct_mon_prot_cis.pdbx_auth_asym_id_2 
_struct_mon_prot_cis.pdbx_PDB_model_num 
_struct_mon_prot_cis.pdbx_omega_angle 
1 PHE 76  A . ? PHE 80  X GLN 77  A ? GLN 81  X 1 28.08 
2 ASN 94  A . ? ASN 98  X LYS 95  A ? LYS 99  X 1 23.19 
3 GLY 106 A . ? GLY 110 X THR 107 A ? THR 111 X 1 15.35 
4 ILE 109 A . ? ILE 113 X ASN 110 A ? ASN 114 X 1 7.70  
# 
loop_
_struct_sheet.id 
_struct_sheet.type 
_struct_sheet.number_strands 
_struct_sheet.details 
A ? 3 ? 
B ? 4 ? 
C ? 2 ? 
# 
loop_
_struct_sheet_order.sheet_id 
_struct_sheet_order.range_id_1 
_struct_sheet_order.range_id_2 
_struct_sheet_order.offset 
_struct_sheet_order.sense 
A 1 2 ? anti-parallel 
A 2 3 ? anti-parallel 
B 1 2 ? anti-parallel 
B 2 3 ? anti-parallel 
B 3 4 ? anti-parallel 
C 1 2 ? anti-parallel 
# 
loop_
_struct_sheet_range.sheet_id 
_struct_sheet_range.id 
_struct_sheet_range.beg_label_comp_id 
_struct_sheet_range.beg_label_asym_id 
_struct_sheet_range.beg_label_seq_id 
_struct_sheet_range.pdbx_beg_PDB_ins_code 
_struct_sheet_range.end_label_comp_id 
_struct_sheet_range.end_label_asym_id 
_struct_sheet_range.end_label_seq_id 
_struct_sheet_range.pdbx_end_PDB_ins_code 
_struct_sheet_range.beg_auth_comp_id 
_struct_sheet_range.beg_auth_asym_id 
_struct_sheet_range.beg_auth_seq_id 
_struct_sheet_range.end_auth_comp_id 
_struct_sheet_range.end_auth_asym_id 
_struct_sheet_range.end_auth_seq_id 
A 1 PHE A 31  ? LEU A 32  ? PHE X 35  LEU X 36  
A 2 VAL A 69  ? TYR A 72  ? VAL X 73  TYR X 76  
A 3 ALA A 54  ? SER A 57  ? ALA X 58  SER X 61  
B 1 PHE A 119 ? LEU A 123 ? PHE X 123 LEU X 127 
B 2 GLN A 130 ? ASN A 134 ? GLN X 134 ASN X 138 
B 3 ILE A 85  ? VAL A 91  ? ILE X 89  VAL X 95  
B 4 SER A 154 ? GLU A 157 ? SER X 158 GLU X 161 
C 1 LYS A 147 ? ILE A 148 ? LYS X 151 ILE X 152 
C 2 ILE A 151 ? PRO A 152 ? ILE X 155 PRO X 156 
# 
loop_
_pdbx_struct_sheet_hbond.sheet_id 
_pdbx_struct_sheet_hbond.range_id_1 
_pdbx_struct_sheet_hbond.range_id_2 
_pdbx_struct_sheet_hbond.range_1_label_atom_id 
_pdbx_struct_sheet_hbond.range_1_label_comp_id 
_pdbx_struct_sheet_hbond.range_1_label_asym_id 
_pdbx_struct_sheet_hbond.range_1_label_seq_id 
_pdbx_struct_sheet_hbond.range_1_PDB_ins_code 
_pdbx_struct_sheet_hbond.range_1_auth_atom_id 
_pdbx_struct_sheet_hbond.range_1_auth_comp_id 
_pdbx_struct_sheet_hbond.range_1_auth_asym_id 
_pdbx_struct_sheet_hbond.range_1_auth_seq_id 
_pdbx_struct_sheet_hbond.range_2_label_atom_id 
_pdbx_struct_sheet_hbond.range_2_label_comp_id 
_pdbx_struct_sheet_hbond.range_2_label_asym_id 
_pdbx_struct_sheet_hbond.range_2_label_seq_id 
_pdbx_struct_sheet_hbond.range_2_PDB_ins_code 
_pdbx_struct_sheet_hbond.range_2_auth_atom_id 
_pdbx_struct_sheet_hbond.range_2_auth_comp_id 
_pdbx_struct_sheet_hbond.range_2_auth_asym_id 
_pdbx_struct_sheet_hbond.range_2_auth_seq_id 
A 1 2 N PHE A 31  ? N PHE X 35  O LEU A 71  ? O LEU X 75  
A 2 3 O LEU A 70  ? O LEU X 74  N SER A 56  ? N SER X 60  
B 1 2 N GLY A 120 ? N GLY X 124 O MET A 132 ? O MET X 136 
B 2 3 O ILE A 131 ? O ILE X 135 N GLN A 88  ? N GLN X 92  
B 3 4 N GLU A 89  ? N GLU X 93  O GLU A 156 ? O GLU X 160 
C 1 2 N ILE A 148 ? N ILE X 152 O ILE A 151 ? O ILE X 155 
# 
loop_
_pdbx_validate_close_contact.id 
_pdbx_validate_close_contact.PDB_model_num 
_pdbx_validate_close_contact.auth_atom_id_1 
_pdbx_validate_close_contact.auth_asym_id_1 
_pdbx_validate_close_contact.auth_comp_id_1 
_pdbx_validate_close_contact.auth_seq_id_1 
_pdbx_validate_close_contact.PDB_ins_code_1 
_pdbx_validate_close_contact.label_alt_id_1 
_pdbx_validate_close_contact.auth_atom_id_2 
_pdbx_validate_close_contact.auth_asym_id_2 
_pdbx_validate_close_contact.auth_comp_id_2 
_pdbx_validate_close_contact.auth_seq_id_2 
_pdbx_validate_close_contact.PDB_ins_code_2 
_pdbx_validate_close_contact.label_alt_id_2 
_pdbx_validate_close_contact.dist 
1 1 ND2 X ASN 98  ? ? OG1 X THR 104 ? ? 1.98 
2 1 OD1 X ASN 114 ? ? O   X GLY 148 ? ? 2.18 
# 
_pdbx_validate_symm_contact.id                1 
_pdbx_validate_symm_contact.PDB_model_num     1 
_pdbx_validate_symm_contact.auth_atom_id_1    NZ 
_pdbx_validate_symm_contact.auth_asym_id_1    X 
_pdbx_validate_symm_contact.auth_comp_id_1    LYS 
_pdbx_validate_symm_contact.auth_seq_id_1     150 
_pdbx_validate_symm_contact.PDB_ins_code_1    ? 
_pdbx_validate_symm_contact.label_alt_id_1    ? 
_pdbx_validate_symm_contact.site_symmetry_1   1_555 
_pdbx_validate_symm_contact.auth_atom_id_2    O 
_pdbx_validate_symm_contact.auth_asym_id_2    X 
_pdbx_validate_symm_contact.auth_comp_id_2    HOH 
_pdbx_validate_symm_contact.auth_seq_id_2     227 
_pdbx_validate_symm_contact.PDB_ins_code_2    ? 
_pdbx_validate_symm_contact.label_alt_id_2    ? 
_pdbx_validate_symm_contact.site_symmetry_2   2_656 
_pdbx_validate_symm_contact.dist              2.19 
# 
_pdbx_validate_rmsd_angle.id                         1 
_pdbx_validate_rmsd_angle.PDB_model_num              1 
_pdbx_validate_rmsd_angle.auth_atom_id_1             CB 
_pdbx_validate_rmsd_angle.auth_asym_id_1             X 
_pdbx_validate_rmsd_angle.auth_comp_id_1             LEU 
_pdbx_validate_rmsd_angle.auth_seq_id_1              48 
_pdbx_validate_rmsd_angle.PDB_ins_code_1             ? 
_pdbx_validate_rmsd_angle.label_alt_id_1             ? 
_pdbx_validate_rmsd_angle.auth_atom_id_2             CG 
_pdbx_validate_rmsd_angle.auth_asym_id_2             X 
_pdbx_validate_rmsd_angle.auth_comp_id_2             LEU 
_pdbx_validate_rmsd_angle.auth_seq_id_2              48 
_pdbx_validate_rmsd_angle.PDB_ins_code_2             ? 
_pdbx_validate_rmsd_angle.label_alt_id_2             ? 
_pdbx_validate_rmsd_angle.auth_atom_id_3             CD2 
_pdbx_validate_rmsd_angle.auth_asym_id_3             X 
_pdbx_validate_rmsd_angle.auth_comp_id_3             LEU 
_pdbx_validate_rmsd_angle.auth_seq_id_3              48 
_pdbx_validate_rmsd_angle.PDB_ins_code_3             ? 
_pdbx_validate_rmsd_angle.label_alt_id_3             ? 
_pdbx_validate_rmsd_angle.angle_value                121.27 
_pdbx_validate_rmsd_angle.angle_target_value         111.00 
_pdbx_validate_rmsd_angle.angle_deviation            10.27 
_pdbx_validate_rmsd_angle.angle_standard_deviation   1.70 
_pdbx_validate_rmsd_angle.linker_flag                N 
# 
loop_
_pdbx_validate_torsion.id 
_pdbx_validate_torsion.PDB_model_num 
_pdbx_validate_torsion.auth_comp_id 
_pdbx_validate_torsion.auth_asym_id 
_pdbx_validate_torsion.auth_seq_id 
_pdbx_validate_torsion.PDB_ins_code 
_pdbx_validate_torsion.label_alt_id 
_pdbx_validate_torsion.phi 
_pdbx_validate_torsion.psi 
1  1 GLN X 81  ? ? 110.62  -11.55  
2  1 TYR X 96  ? ? 82.82   58.85   
3  1 SER X 97  ? ? 59.27   179.77  
4  1 ASN X 98  ? ? -103.78 -77.51  
5  1 THR X 111 ? ? 52.03   144.28  
6  1 ILE X 113 ? ? 141.93  64.34   
7  1 GLN X 115 ? ? 30.23   -173.71 
8  1 LEU X 116 ? ? 112.81  79.61   
9  1 GLU X 130 ? ? -143.15 -85.52  
10 1 GLU X 131 ? ? 171.61  -32.98  
11 1 ARG X 154 ? ? 155.51  -24.58  
# 
loop_
_pdbx_validate_peptide_omega.id 
_pdbx_validate_peptide_omega.PDB_model_num 
_pdbx_validate_peptide_omega.auth_comp_id_1 
_pdbx_validate_peptide_omega.auth_asym_id_1 
_pdbx_validate_peptide_omega.auth_seq_id_1 
_pdbx_validate_peptide_omega.PDB_ins_code_1 
_pdbx_validate_peptide_omega.label_alt_id_1 
_pdbx_validate_peptide_omega.auth_comp_id_2 
_pdbx_validate_peptide_omega.auth_asym_id_2 
_pdbx_validate_peptide_omega.auth_seq_id_2 
_pdbx_validate_peptide_omega.PDB_ins_code_2 
_pdbx_validate_peptide_omega.label_alt_id_2 
_pdbx_validate_peptide_omega.omega 
1 1 TYR X 55  ? ? GLY X 56  ? ? -74.70  
2 1 THR X 111 ? ? VAL X 112 ? ? 38.89   
3 1 ASP X 129 ? ? GLU X 130 ? ? -135.21 
4 1 GLY X 153 ? ? ARG X 154 ? ? -145.23 
# 
loop_
_chem_comp_atom.comp_id 
_chem_comp_atom.atom_id 
_chem_comp_atom.type_symbol 
_chem_comp_atom.pdbx_aromatic_flag 
_chem_comp_atom.pdbx_stereo_config 
_chem_comp_atom.pdbx_ordinal 
ALA N    N N N 1   
ALA CA   C N S 2   
ALA C    C N N 3   
ALA O    O N N 4   
ALA CB   C N N 5   
ALA OXT  O N N 6   
ALA H    H N N 7   
ALA H2   H N N 8   
ALA HA   H N N 9   
ALA HB1  H N N 10  
ALA HB2  H N N 11  
ALA HB3  H N N 12  
ALA HXT  H N N 13  
ARG N    N N N 14  
ARG CA   C N S 15  
ARG C    C N N 16  
ARG O    O N N 17  
ARG CB   C N N 18  
ARG CG   C N N 19  
ARG CD   C N N 20  
ARG NE   N N N 21  
ARG CZ   C N N 22  
ARG NH1  N N N 23  
ARG NH2  N N N 24  
ARG OXT  O N N 25  
ARG H    H N N 26  
ARG H2   H N N 27  
ARG HA   H N N 28  
ARG HB2  H N N 29  
ARG HB3  H N N 30  
ARG HG2  H N N 31  
ARG HG3  H N N 32  
ARG HD2  H N N 33  
ARG HD3  H N N 34  
ARG HE   H N N 35  
ARG HH11 H N N 36  
ARG HH12 H N N 37  
ARG HH21 H N N 38  
ARG HH22 H N N 39  
ARG HXT  H N N 40  
ASN N    N N N 41  
ASN CA   C N S 42  
ASN C    C N N 43  
ASN O    O N N 44  
ASN CB   C N N 45  
ASN CG   C N N 46  
ASN OD1  O N N 47  
ASN ND2  N N N 48  
ASN OXT  O N N 49  
ASN H    H N N 50  
ASN H2   H N N 51  
ASN HA   H N N 52  
ASN HB2  H N N 53  
ASN HB3  H N N 54  
ASN HD21 H N N 55  
ASN HD22 H N N 56  
ASN HXT  H N N 57  
ASP N    N N N 58  
ASP CA   C N S 59  
ASP C    C N N 60  
ASP O    O N N 61  
ASP CB   C N N 62  
ASP CG   C N N 63  
ASP OD1  O N N 64  
ASP OD2  O N N 65  
ASP OXT  O N N 66  
ASP H    H N N 67  
ASP H2   H N N 68  
ASP HA   H N N 69  
ASP HB2  H N N 70  
ASP HB3  H N N 71  
ASP HD2  H N N 72  
ASP HXT  H N N 73  
CYS N    N N N 74  
CYS CA   C N R 75  
CYS C    C N N 76  
CYS O    O N N 77  
CYS CB   C N N 78  
CYS SG   S N N 79  
CYS OXT  O N N 80  
CYS H    H N N 81  
CYS H2   H N N 82  
CYS HA   H N N 83  
CYS HB2  H N N 84  
CYS HB3  H N N 85  
CYS HG   H N N 86  
CYS HXT  H N N 87  
GLN N    N N N 88  
GLN CA   C N S 89  
GLN C    C N N 90  
GLN O    O N N 91  
GLN CB   C N N 92  
GLN CG   C N N 93  
GLN CD   C N N 94  
GLN OE1  O N N 95  
GLN NE2  N N N 96  
GLN OXT  O N N 97  
GLN H    H N N 98  
GLN H2   H N N 99  
GLN HA   H N N 100 
GLN HB2  H N N 101 
GLN HB3  H N N 102 
GLN HG2  H N N 103 
GLN HG3  H N N 104 
GLN HE21 H N N 105 
GLN HE22 H N N 106 
GLN HXT  H N N 107 
GLU N    N N N 108 
GLU CA   C N S 109 
GLU C    C N N 110 
GLU O    O N N 111 
GLU CB   C N N 112 
GLU CG   C N N 113 
GLU CD   C N N 114 
GLU OE1  O N N 115 
GLU OE2  O N N 116 
GLU OXT  O N N 117 
GLU H    H N N 118 
GLU H2   H N N 119 
GLU HA   H N N 120 
GLU HB2  H N N 121 
GLU HB3  H N N 122 
GLU HG2  H N N 123 
GLU HG3  H N N 124 
GLU HE2  H N N 125 
GLU HXT  H N N 126 
GLY N    N N N 127 
GLY CA   C N N 128 
GLY C    C N N 129 
GLY O    O N N 130 
GLY OXT  O N N 131 
GLY H    H N N 132 
GLY H2   H N N 133 
GLY HA2  H N N 134 
GLY HA3  H N N 135 
GLY HXT  H N N 136 
HIS N    N N N 137 
HIS CA   C N S 138 
HIS C    C N N 139 
HIS O    O N N 140 
HIS CB   C N N 141 
HIS CG   C Y N 142 
HIS ND1  N Y N 143 
HIS CD2  C Y N 144 
HIS CE1  C Y N 145 
HIS NE2  N Y N 146 
HIS OXT  O N N 147 
HIS H    H N N 148 
HIS H2   H N N 149 
HIS HA   H N N 150 
HIS HB2  H N N 151 
HIS HB3  H N N 152 
HIS HD1  H N N 153 
HIS HD2  H N N 154 
HIS HE1  H N N 155 
HIS HE2  H N N 156 
HIS HXT  H N N 157 
HOH O    O N N 158 
HOH H1   H N N 159 
HOH H2   H N N 160 
ILE N    N N N 161 
ILE CA   C N S 162 
ILE C    C N N 163 
ILE O    O N N 164 
ILE CB   C N S 165 
ILE CG1  C N N 166 
ILE CG2  C N N 167 
ILE CD1  C N N 168 
ILE OXT  O N N 169 
ILE H    H N N 170 
ILE H2   H N N 171 
ILE HA   H N N 172 
ILE HB   H N N 173 
ILE HG12 H N N 174 
ILE HG13 H N N 175 
ILE HG21 H N N 176 
ILE HG22 H N N 177 
ILE HG23 H N N 178 
ILE HD11 H N N 179 
ILE HD12 H N N 180 
ILE HD13 H N N 181 
ILE HXT  H N N 182 
LEU N    N N N 183 
LEU CA   C N S 184 
LEU C    C N N 185 
LEU O    O N N 186 
LEU CB   C N N 187 
LEU CG   C N N 188 
LEU CD1  C N N 189 
LEU CD2  C N N 190 
LEU OXT  O N N 191 
LEU H    H N N 192 
LEU H2   H N N 193 
LEU HA   H N N 194 
LEU HB2  H N N 195 
LEU HB3  H N N 196 
LEU HG   H N N 197 
LEU HD11 H N N 198 
LEU HD12 H N N 199 
LEU HD13 H N N 200 
LEU HD21 H N N 201 
LEU HD22 H N N 202 
LEU HD23 H N N 203 
LEU HXT  H N N 204 
LYS N    N N N 205 
LYS CA   C N S 206 
LYS C    C N N 207 
LYS O    O N N 208 
LYS CB   C N N 209 
LYS CG   C N N 210 
LYS CD   C N N 211 
LYS CE   C N N 212 
LYS NZ   N N N 213 
LYS OXT  O N N 214 
LYS H    H N N 215 
LYS H2   H N N 216 
LYS HA   H N N 217 
LYS HB2  H N N 218 
LYS HB3  H N N 219 
LYS HG2  H N N 220 
LYS HG3  H N N 221 
LYS HD2  H N N 222 
LYS HD3  H N N 223 
LYS HE2  H N N 224 
LYS HE3  H N N 225 
LYS HZ1  H N N 226 
LYS HZ2  H N N 227 
LYS HZ3  H N N 228 
LYS HXT  H N N 229 
MET N    N N N 230 
MET CA   C N S 231 
MET C    C N N 232 
MET O    O N N 233 
MET CB   C N N 234 
MET CG   C N N 235 
MET SD   S N N 236 
MET CE   C N N 237 
MET OXT  O N N 238 
MET H    H N N 239 
MET H2   H N N 240 
MET HA   H N N 241 
MET HB2  H N N 242 
MET HB3  H N N 243 
MET HG2  H N N 244 
MET HG3  H N N 245 
MET HE1  H N N 246 
MET HE2  H N N 247 
MET HE3  H N N 248 
MET HXT  H N N 249 
PHE N    N N N 250 
PHE CA   C N S 251 
PHE C    C N N 252 
PHE O    O N N 253 
PHE CB   C N N 254 
PHE CG   C Y N 255 
PHE CD1  C Y N 256 
PHE CD2  C Y N 257 
PHE CE1  C Y N 258 
PHE CE2  C Y N 259 
PHE CZ   C Y N 260 
PHE OXT  O N N 261 
PHE H    H N N 262 
PHE H2   H N N 263 
PHE HA   H N N 264 
PHE HB2  H N N 265 
PHE HB3  H N N 266 
PHE HD1  H N N 267 
PHE HD2  H N N 268 
PHE HE1  H N N 269 
PHE HE2  H N N 270 
PHE HZ   H N N 271 
PHE HXT  H N N 272 
PRO N    N N N 273 
PRO CA   C N S 274 
PRO C    C N N 275 
PRO O    O N N 276 
PRO CB   C N N 277 
PRO CG   C N N 278 
PRO CD   C N N 279 
PRO OXT  O N N 280 
PRO H    H N N 281 
PRO HA   H N N 282 
PRO HB2  H N N 283 
PRO HB3  H N N 284 
PRO HG2  H N N 285 
PRO HG3  H N N 286 
PRO HD2  H N N 287 
PRO HD3  H N N 288 
PRO HXT  H N N 289 
SER N    N N N 290 
SER CA   C N S 291 
SER C    C N N 292 
SER O    O N N 293 
SER CB   C N N 294 
SER OG   O N N 295 
SER OXT  O N N 296 
SER H    H N N 297 
SER H2   H N N 298 
SER HA   H N N 299 
SER HB2  H N N 300 
SER HB3  H N N 301 
SER HG   H N N 302 
SER HXT  H N N 303 
THR N    N N N 304 
THR CA   C N S 305 
THR C    C N N 306 
THR O    O N N 307 
THR CB   C N R 308 
THR OG1  O N N 309 
THR CG2  C N N 310 
THR OXT  O N N 311 
THR H    H N N 312 
THR H2   H N N 313 
THR HA   H N N 314 
THR HB   H N N 315 
THR HG1  H N N 316 
THR HG21 H N N 317 
THR HG22 H N N 318 
THR HG23 H N N 319 
THR HXT  H N N 320 
TRP N    N N N 321 
TRP CA   C N S 322 
TRP C    C N N 323 
TRP O    O N N 324 
TRP CB   C N N 325 
TRP CG   C Y N 326 
TRP CD1  C Y N 327 
TRP CD2  C Y N 328 
TRP NE1  N Y N 329 
TRP CE2  C Y N 330 
TRP CE3  C Y N 331 
TRP CZ2  C Y N 332 
TRP CZ3  C Y N 333 
TRP CH2  C Y N 334 
TRP OXT  O N N 335 
TRP H    H N N 336 
TRP H2   H N N 337 
TRP HA   H N N 338 
TRP HB2  H N N 339 
TRP HB3  H N N 340 
TRP HD1  H N N 341 
TRP HE1  H N N 342 
TRP HE3  H N N 343 
TRP HZ2  H N N 344 
TRP HZ3  H N N 345 
TRP HH2  H N N 346 
TRP HXT  H N N 347 
TYR N    N N N 348 
TYR CA   C N S 349 
TYR C    C N N 350 
TYR O    O N N 351 
TYR CB   C N N 352 
TYR CG   C Y N 353 
TYR CD1  C Y N 354 
TYR CD2  C Y N 355 
TYR CE1  C Y N 356 
TYR CE2  C Y N 357 
TYR CZ   C Y N 358 
TYR OH   O N N 359 
TYR OXT  O N N 360 
TYR H    H N N 361 
TYR H2   H N N 362 
TYR HA   H N N 363 
TYR HB2  H N N 364 
TYR HB3  H N N 365 
TYR HD1  H N N 366 
TYR HD2  H N N 367 
TYR HE1  H N N 368 
TYR HE2  H N N 369 
TYR HH   H N N 370 
TYR HXT  H N N 371 
VAL N    N N N 372 
VAL CA   C N S 373 
VAL C    C N N 374 
VAL O    O N N 375 
VAL CB   C N N 376 
VAL CG1  C N N 377 
VAL CG2  C N N 378 
VAL OXT  O N N 379 
VAL H    H N N 380 
VAL H2   H N N 381 
VAL HA   H N N 382 
VAL HB   H N N 383 
VAL HG11 H N N 384 
VAL HG12 H N N 385 
VAL HG13 H N N 386 
VAL HG21 H N N 387 
VAL HG22 H N N 388 
VAL HG23 H N N 389 
VAL HXT  H N N 390 
# 
loop_
_chem_comp_bond.comp_id 
_chem_comp_bond.atom_id_1 
_chem_comp_bond.atom_id_2 
_chem_comp_bond.value_order 
_chem_comp_bond.pdbx_aromatic_flag 
_chem_comp_bond.pdbx_stereo_config 
_chem_comp_bond.pdbx_ordinal 
ALA N   CA   sing N N 1   
ALA N   H    sing N N 2   
ALA N   H2   sing N N 3   
ALA CA  C    sing N N 4   
ALA CA  CB   sing N N 5   
ALA CA  HA   sing N N 6   
ALA C   O    doub N N 7   
ALA C   OXT  sing N N 8   
ALA CB  HB1  sing N N 9   
ALA CB  HB2  sing N N 10  
ALA CB  HB3  sing N N 11  
ALA OXT HXT  sing N N 12  
ARG N   CA   sing N N 13  
ARG N   H    sing N N 14  
ARG N   H2   sing N N 15  
ARG CA  C    sing N N 16  
ARG CA  CB   sing N N 17  
ARG CA  HA   sing N N 18  
ARG C   O    doub N N 19  
ARG C   OXT  sing N N 20  
ARG CB  CG   sing N N 21  
ARG CB  HB2  sing N N 22  
ARG CB  HB3  sing N N 23  
ARG CG  CD   sing N N 24  
ARG CG  HG2  sing N N 25  
ARG CG  HG3  sing N N 26  
ARG CD  NE   sing N N 27  
ARG CD  HD2  sing N N 28  
ARG CD  HD3  sing N N 29  
ARG NE  CZ   sing N N 30  
ARG NE  HE   sing N N 31  
ARG CZ  NH1  sing N N 32  
ARG CZ  NH2  doub N N 33  
ARG NH1 HH11 sing N N 34  
ARG NH1 HH12 sing N N 35  
ARG NH2 HH21 sing N N 36  
ARG NH2 HH22 sing N N 37  
ARG OXT HXT  sing N N 38  
ASN N   CA   sing N N 39  
ASN N   H    sing N N 40  
ASN N   H2   sing N N 41  
ASN CA  C    sing N N 42  
ASN CA  CB   sing N N 43  
ASN CA  HA   sing N N 44  
ASN C   O    doub N N 45  
ASN C   OXT  sing N N 46  
ASN CB  CG   sing N N 47  
ASN CB  HB2  sing N N 48  
ASN CB  HB3  sing N N 49  
ASN CG  OD1  doub N N 50  
ASN CG  ND2  sing N N 51  
ASN ND2 HD21 sing N N 52  
ASN ND2 HD22 sing N N 53  
ASN OXT HXT  sing N N 54  
ASP N   CA   sing N N 55  
ASP N   H    sing N N 56  
ASP N   H2   sing N N 57  
ASP CA  C    sing N N 58  
ASP CA  CB   sing N N 59  
ASP CA  HA   sing N N 60  
ASP C   O    doub N N 61  
ASP C   OXT  sing N N 62  
ASP CB  CG   sing N N 63  
ASP CB  HB2  sing N N 64  
ASP CB  HB3  sing N N 65  
ASP CG  OD1  doub N N 66  
ASP CG  OD2  sing N N 67  
ASP OD2 HD2  sing N N 68  
ASP OXT HXT  sing N N 69  
CYS N   CA   sing N N 70  
CYS N   H    sing N N 71  
CYS N   H2   sing N N 72  
CYS CA  C    sing N N 73  
CYS CA  CB   sing N N 74  
CYS CA  HA   sing N N 75  
CYS C   O    doub N N 76  
CYS C   OXT  sing N N 77  
CYS CB  SG   sing N N 78  
CYS CB  HB2  sing N N 79  
CYS CB  HB3  sing N N 80  
CYS SG  HG   sing N N 81  
CYS OXT HXT  sing N N 82  
GLN N   CA   sing N N 83  
GLN N   H    sing N N 84  
GLN N   H2   sing N N 85  
GLN CA  C    sing N N 86  
GLN CA  CB   sing N N 87  
GLN CA  HA   sing N N 88  
GLN C   O    doub N N 89  
GLN C   OXT  sing N N 90  
GLN CB  CG   sing N N 91  
GLN CB  HB2  sing N N 92  
GLN CB  HB3  sing N N 93  
GLN CG  CD   sing N N 94  
GLN CG  HG2  sing N N 95  
GLN CG  HG3  sing N N 96  
GLN CD  OE1  doub N N 97  
GLN CD  NE2  sing N N 98  
GLN NE2 HE21 sing N N 99  
GLN NE2 HE22 sing N N 100 
GLN OXT HXT  sing N N 101 
GLU N   CA   sing N N 102 
GLU N   H    sing N N 103 
GLU N   H2   sing N N 104 
GLU CA  C    sing N N 105 
GLU CA  CB   sing N N 106 
GLU CA  HA   sing N N 107 
GLU C   O    doub N N 108 
GLU C   OXT  sing N N 109 
GLU CB  CG   sing N N 110 
GLU CB  HB2  sing N N 111 
GLU CB  HB3  sing N N 112 
GLU CG  CD   sing N N 113 
GLU CG  HG2  sing N N 114 
GLU CG  HG3  sing N N 115 
GLU CD  OE1  doub N N 116 
GLU CD  OE2  sing N N 117 
GLU OE2 HE2  sing N N 118 
GLU OXT HXT  sing N N 119 
GLY N   CA   sing N N 120 
GLY N   H    sing N N 121 
GLY N   H2   sing N N 122 
GLY CA  C    sing N N 123 
GLY CA  HA2  sing N N 124 
GLY CA  HA3  sing N N 125 
GLY C   O    doub N N 126 
GLY C   OXT  sing N N 127 
GLY OXT HXT  sing N N 128 
HIS N   CA   sing N N 129 
HIS N   H    sing N N 130 
HIS N   H2   sing N N 131 
HIS CA  C    sing N N 132 
HIS CA  CB   sing N N 133 
HIS CA  HA   sing N N 134 
HIS C   O    doub N N 135 
HIS C   OXT  sing N N 136 
HIS CB  CG   sing N N 137 
HIS CB  HB2  sing N N 138 
HIS CB  HB3  sing N N 139 
HIS CG  ND1  sing Y N 140 
HIS CG  CD2  doub Y N 141 
HIS ND1 CE1  doub Y N 142 
HIS ND1 HD1  sing N N 143 
HIS CD2 NE2  sing Y N 144 
HIS CD2 HD2  sing N N 145 
HIS CE1 NE2  sing Y N 146 
HIS CE1 HE1  sing N N 147 
HIS NE2 HE2  sing N N 148 
HIS OXT HXT  sing N N 149 
HOH O   H1   sing N N 150 
HOH O   H2   sing N N 151 
ILE N   CA   sing N N 152 
ILE N   H    sing N N 153 
ILE N   H2   sing N N 154 
ILE CA  C    sing N N 155 
ILE CA  CB   sing N N 156 
ILE CA  HA   sing N N 157 
ILE C   O    doub N N 158 
ILE C   OXT  sing N N 159 
ILE CB  CG1  sing N N 160 
ILE CB  CG2  sing N N 161 
ILE CB  HB   sing N N 162 
ILE CG1 CD1  sing N N 163 
ILE CG1 HG12 sing N N 164 
ILE CG1 HG13 sing N N 165 
ILE CG2 HG21 sing N N 166 
ILE CG2 HG22 sing N N 167 
ILE CG2 HG23 sing N N 168 
ILE CD1 HD11 sing N N 169 
ILE CD1 HD12 sing N N 170 
ILE CD1 HD13 sing N N 171 
ILE OXT HXT  sing N N 172 
LEU N   CA   sing N N 173 
LEU N   H    sing N N 174 
LEU N   H2   sing N N 175 
LEU CA  C    sing N N 176 
LEU CA  CB   sing N N 177 
LEU CA  HA   sing N N 178 
LEU C   O    doub N N 179 
LEU C   OXT  sing N N 180 
LEU CB  CG   sing N N 181 
LEU CB  HB2  sing N N 182 
LEU CB  HB3  sing N N 183 
LEU CG  CD1  sing N N 184 
LEU CG  CD2  sing N N 185 
LEU CG  HG   sing N N 186 
LEU CD1 HD11 sing N N 187 
LEU CD1 HD12 sing N N 188 
LEU CD1 HD13 sing N N 189 
LEU CD2 HD21 sing N N 190 
LEU CD2 HD22 sing N N 191 
LEU CD2 HD23 sing N N 192 
LEU OXT HXT  sing N N 193 
LYS N   CA   sing N N 194 
LYS N   H    sing N N 195 
LYS N   H2   sing N N 196 
LYS CA  C    sing N N 197 
LYS CA  CB   sing N N 198 
LYS CA  HA   sing N N 199 
LYS C   O    doub N N 200 
LYS C   OXT  sing N N 201 
LYS CB  CG   sing N N 202 
LYS CB  HB2  sing N N 203 
LYS CB  HB3  sing N N 204 
LYS CG  CD   sing N N 205 
LYS CG  HG2  sing N N 206 
LYS CG  HG3  sing N N 207 
LYS CD  CE   sing N N 208 
LYS CD  HD2  sing N N 209 
LYS CD  HD3  sing N N 210 
LYS CE  NZ   sing N N 211 
LYS CE  HE2  sing N N 212 
LYS CE  HE3  sing N N 213 
LYS NZ  HZ1  sing N N 214 
LYS NZ  HZ2  sing N N 215 
LYS NZ  HZ3  sing N N 216 
LYS OXT HXT  sing N N 217 
MET N   CA   sing N N 218 
MET N   H    sing N N 219 
MET N   H2   sing N N 220 
MET CA  C    sing N N 221 
MET CA  CB   sing N N 222 
MET CA  HA   sing N N 223 
MET C   O    doub N N 224 
MET C   OXT  sing N N 225 
MET CB  CG   sing N N 226 
MET CB  HB2  sing N N 227 
MET CB  HB3  sing N N 228 
MET CG  SD   sing N N 229 
MET CG  HG2  sing N N 230 
MET CG  HG3  sing N N 231 
MET SD  CE   sing N N 232 
MET CE  HE1  sing N N 233 
MET CE  HE2  sing N N 234 
MET CE  HE3  sing N N 235 
MET OXT HXT  sing N N 236 
PHE N   CA   sing N N 237 
PHE N   H    sing N N 238 
PHE N   H2   sing N N 239 
PHE CA  C    sing N N 240 
PHE CA  CB   sing N N 241 
PHE CA  HA   sing N N 242 
PHE C   O    doub N N 243 
PHE C   OXT  sing N N 244 
PHE CB  CG   sing N N 245 
PHE CB  HB2  sing N N 246 
PHE CB  HB3  sing N N 247 
PHE CG  CD1  doub Y N 248 
PHE CG  CD2  sing Y N 249 
PHE CD1 CE1  sing Y N 250 
PHE CD1 HD1  sing N N 251 
PHE CD2 CE2  doub Y N 252 
PHE CD2 HD2  sing N N 253 
PHE CE1 CZ   doub Y N 254 
PHE CE1 HE1  sing N N 255 
PHE CE2 CZ   sing Y N 256 
PHE CE2 HE2  sing N N 257 
PHE CZ  HZ   sing N N 258 
PHE OXT HXT  sing N N 259 
PRO N   CA   sing N N 260 
PRO N   CD   sing N N 261 
PRO N   H    sing N N 262 
PRO CA  C    sing N N 263 
PRO CA  CB   sing N N 264 
PRO CA  HA   sing N N 265 
PRO C   O    doub N N 266 
PRO C   OXT  sing N N 267 
PRO CB  CG   sing N N 268 
PRO CB  HB2  sing N N 269 
PRO CB  HB3  sing N N 270 
PRO CG  CD   sing N N 271 
PRO CG  HG2  sing N N 272 
PRO CG  HG3  sing N N 273 
PRO CD  HD2  sing N N 274 
PRO CD  HD3  sing N N 275 
PRO OXT HXT  sing N N 276 
SER N   CA   sing N N 277 
SER N   H    sing N N 278 
SER N   H2   sing N N 279 
SER CA  C    sing N N 280 
SER CA  CB   sing N N 281 
SER CA  HA   sing N N 282 
SER C   O    doub N N 283 
SER C   OXT  sing N N 284 
SER CB  OG   sing N N 285 
SER CB  HB2  sing N N 286 
SER CB  HB3  sing N N 287 
SER OG  HG   sing N N 288 
SER OXT HXT  sing N N 289 
THR N   CA   sing N N 290 
THR N   H    sing N N 291 
THR N   H2   sing N N 292 
THR CA  C    sing N N 293 
THR CA  CB   sing N N 294 
THR CA  HA   sing N N 295 
THR C   O    doub N N 296 
THR C   OXT  sing N N 297 
THR CB  OG1  sing N N 298 
THR CB  CG2  sing N N 299 
THR CB  HB   sing N N 300 
THR OG1 HG1  sing N N 301 
THR CG2 HG21 sing N N 302 
THR CG2 HG22 sing N N 303 
THR CG2 HG23 sing N N 304 
THR OXT HXT  sing N N 305 
TRP N   CA   sing N N 306 
TRP N   H    sing N N 307 
TRP N   H2   sing N N 308 
TRP CA  C    sing N N 309 
TRP CA  CB   sing N N 310 
TRP CA  HA   sing N N 311 
TRP C   O    doub N N 312 
TRP C   OXT  sing N N 313 
TRP CB  CG   sing N N 314 
TRP CB  HB2  sing N N 315 
TRP CB  HB3  sing N N 316 
TRP CG  CD1  doub Y N 317 
TRP CG  CD2  sing Y N 318 
TRP CD1 NE1  sing Y N 319 
TRP CD1 HD1  sing N N 320 
TRP CD2 CE2  doub Y N 321 
TRP CD2 CE3  sing Y N 322 
TRP NE1 CE2  sing Y N 323 
TRP NE1 HE1  sing N N 324 
TRP CE2 CZ2  sing Y N 325 
TRP CE3 CZ3  doub Y N 326 
TRP CE3 HE3  sing N N 327 
TRP CZ2 CH2  doub Y N 328 
TRP CZ2 HZ2  sing N N 329 
TRP CZ3 CH2  sing Y N 330 
TRP CZ3 HZ3  sing N N 331 
TRP CH2 HH2  sing N N 332 
TRP OXT HXT  sing N N 333 
TYR N   CA   sing N N 334 
TYR N   H    sing N N 335 
TYR N   H2   sing N N 336 
TYR CA  C    sing N N 337 
TYR CA  CB   sing N N 338 
TYR CA  HA   sing N N 339 
TYR C   O    doub N N 340 
TYR C   OXT  sing N N 341 
TYR CB  CG   sing N N 342 
TYR CB  HB2  sing N N 343 
TYR CB  HB3  sing N N 344 
TYR CG  CD1  doub Y N 345 
TYR CG  CD2  sing Y N 346 
TYR CD1 CE1  sing Y N 347 
TYR CD1 HD1  sing N N 348 
TYR CD2 CE2  doub Y N 349 
TYR CD2 HD2  sing N N 350 
TYR CE1 CZ   doub Y N 351 
TYR CE1 HE1  sing N N 352 
TYR CE2 CZ   sing Y N 353 
TYR CE2 HE2  sing N N 354 
TYR CZ  OH   sing N N 355 
TYR OH  HH   sing N N 356 
TYR OXT HXT  sing N N 357 
VAL N   CA   sing N N 358 
VAL N   H    sing N N 359 
VAL N   H2   sing N N 360 
VAL CA  C    sing N N 361 
VAL CA  CB   sing N N 362 
VAL CA  HA   sing N N 363 
VAL C   O    doub N N 364 
VAL C   OXT  sing N N 365 
VAL CB  CG1  sing N N 366 
VAL CB  CG2  sing N N 367 
VAL CB  HB   sing N N 368 
VAL CG1 HG11 sing N N 369 
VAL CG1 HG12 sing N N 370 
VAL CG1 HG13 sing N N 371 
VAL CG2 HG21 sing N N 372 
VAL CG2 HG22 sing N N 373 
VAL CG2 HG23 sing N N 374 
VAL OXT HXT  sing N N 375 
# 
_atom_sites.entry_id                    2FPH 
_atom_sites.fract_transf_matrix[1][1]   -0.01870487 
_atom_sites.fract_transf_matrix[1][2]   0.00968334 
_atom_sites.fract_transf_matrix[1][3]   0.02091250 
_atom_sites.fract_transf_matrix[2][1]   0.00021698 
_atom_sites.fract_transf_matrix[2][2]   -0.01953777 
_atom_sites.fract_transf_matrix[2][3]   0.00924086 
_atom_sites.fract_transf_matrix[3][1]   0.01330430 
_atom_sites.fract_transf_matrix[3][2]   0.00661085 
_atom_sites.fract_transf_matrix[3][3]   0.01366479 
_atom_sites.fract_transf_vector[1]      0.517141 
_atom_sites.fract_transf_vector[2]      0.508283 
_atom_sites.fract_transf_vector[3]      0.679809 
# 
loop_
_atom_type.symbol 
C 
N 
O 
S 
# 
loop_
_atom_site.group_PDB 
_atom_site.id 
_atom_site.type_symbol 
_atom_site.label_atom_id 
_atom_site.label_alt_id 
_atom_site.label_comp_id 
_atom_site.label_asym_id 
_atom_site.label_entity_id 
_atom_site.label_seq_id 
_atom_site.pdbx_PDB_ins_code 
_atom_site.Cartn_x 
_atom_site.Cartn_y 
_atom_site.Cartn_z 
_atom_site.occupancy 
_atom_site.B_iso_or_equiv 
_atom_site.pdbx_formal_charge 
_atom_site.auth_seq_id 
_atom_site.auth_comp_id 
_atom_site.auth_asym_id 
_atom_site.auth_atom_id 
_atom_site.pdbx_PDB_model_num 
ATOM   1    N N   . GLY A 1 1   ? 14.691  15.581  17.487  1.00 38.34 ? 5   GLY X N   1 
ATOM   2    C CA  . GLY A 1 1   ? 15.548  15.988  16.341  1.00 37.40 ? 5   GLY X CA  1 
ATOM   3    C C   . GLY A 1 1   ? 14.937  17.120  15.562  1.00 36.11 ? 5   GLY X C   1 
ATOM   4    O O   . GLY A 1 1   ? 13.873  17.643  15.924  1.00 38.36 ? 5   GLY X O   1 
ATOM   5    N N   . ILE A 1 2   ? 15.618  17.512  14.493  1.00 33.11 ? 6   ILE X N   1 
ATOM   6    C CA  . ILE A 1 2   ? 15.157  18.613  13.656  1.00 30.83 ? 6   ILE X CA  1 
ATOM   7    C C   . ILE A 1 2   ? 14.792  18.098  12.267  1.00 28.78 ? 6   ILE X C   1 
ATOM   8    O O   . ILE A 1 2   ? 15.635  17.530  11.553  1.00 27.39 ? 6   ILE X O   1 
ATOM   9    C CB  . ILE A 1 2   ? 16.281  19.672  13.580  1.00 29.40 ? 6   ILE X CB  1 
ATOM   10   C CG1 . ILE A 1 2   ? 16.749  19.992  14.994  1.00 30.32 ? 6   ILE X CG1 1 
ATOM   11   C CG2 . ILE A 1 2   ? 15.799  20.914  12.820  1.00 30.92 ? 6   ILE X CG2 1 
ATOM   12   C CD1 . ILE A 1 2   ? 18.079  20.683  15.129  1.00 31.26 ? 6   ILE X CD1 1 
ATOM   13   N N   . TYR A 1 3   ? 13.539  18.335  11.856  1.00 27.30 ? 7   TYR X N   1 
ATOM   14   C CA  . TYR A 1 3   ? 13.086  17.840  10.562  1.00 26.66 ? 7   TYR X CA  1 
ATOM   15   C C   . TYR A 1 3   ? 12.629  18.974  9.701   1.00 24.02 ? 7   TYR X C   1 
ATOM   16   O O   . TYR A 1 3   ? 12.410  20.105  10.183  1.00 24.23 ? 7   TYR X O   1 
ATOM   17   C CB  . TYR A 1 3   ? 11.969  16.772  10.689  1.00 26.93 ? 7   TYR X CB  1 
ATOM   18   C CG  . TYR A 1 3   ? 12.528  15.545  11.343  1.00 33.17 ? 7   TYR X CG  1 
ATOM   19   C CD1 . TYR A 1 3   ? 13.326  14.667  10.626  1.00 36.22 ? 7   TYR X CD1 1 
ATOM   20   C CD2 . TYR A 1 3   ? 12.368  15.331  12.698  1.00 35.28 ? 7   TYR X CD2 1 
ATOM   21   C CE1 . TYR A 1 3   ? 13.908  13.568  11.237  1.00 41.21 ? 7   TYR X CE1 1 
ATOM   22   C CE2 . TYR A 1 3   ? 12.939  14.223  13.321  1.00 38.57 ? 7   TYR X CE2 1 
ATOM   23   C CZ  . TYR A 1 3   ? 13.714  13.356  12.583  1.00 40.94 ? 7   TYR X CZ  1 
ATOM   24   O OH  . TYR A 1 3   ? 14.301  12.254  13.170  1.00 45.23 ? 7   TYR X OH  1 
ATOM   25   N N   . GLN A 1 4   ? 12.491  18.668  8.423   1.00 20.89 ? 8   GLN X N   1 
ATOM   26   C CA  . GLN A 1 4   ? 12.132  19.650  7.455   1.00 20.87 ? 8   GLN X CA  1 
ATOM   27   C C   . GLN A 1 4   ? 10.752  20.203  7.775   1.00 19.71 ? 8   GLN X C   1 
ATOM   28   O O   . GLN A 1 4   ? 9.831   19.476  8.162   1.00 20.06 ? 8   GLN X O   1 
ATOM   29   C CB  . GLN A 1 4   ? 12.122  19.038  6.040   1.00 21.47 ? 8   GLN X CB  1 
ATOM   30   C CG  . GLN A 1 4   ? 12.061  20.074  4.929   1.00 24.68 ? 8   GLN X CG  1 
ATOM   31   C CD  . GLN A 1 4   ? 12.549  19.573  3.549   1.00 28.60 ? 8   GLN X CD  1 
ATOM   32   O OE1 . GLN A 1 4   ? 13.161  18.513  3.413   1.00 36.61 ? 8   GLN X OE1 1 
ATOM   33   N NE2 . GLN A 1 4   ? 12.257  20.354  2.535   1.00 37.23 ? 8   GLN X NE2 1 
ATOM   34   N N   . HIS A 1 5   ? 10.640  21.515  7.630   1.00 17.00 ? 9   HIS X N   1 
ATOM   35   C CA  . HIS A 1 5   ? 9.366   22.233  7.765   1.00 16.83 ? 9   HIS X CA  1 
ATOM   36   C C   . HIS A 1 5   ? 8.267   21.611  6.915   1.00 16.48 ? 9   HIS X C   1 
ATOM   37   O O   . HIS A 1 5   ? 8.462   21.239  5.703   1.00 17.62 ? 9   HIS X O   1 
ATOM   38   C CB  . HIS A 1 5   ? 9.537   23.655  7.316   1.00 17.24 ? 9   HIS X CB  1 
ATOM   39   C CG  . HIS A 1 5   ? 10.449  24.461  8.189   1.00 17.51 ? 9   HIS X CG  1 
ATOM   40   N ND1 . HIS A 1 5   ? 11.174  25.518  7.695   1.00 21.42 ? 9   HIS X ND1 1 
ATOM   41   C CD2 . HIS A 1 5   ? 10.690  24.432  9.518   1.00 18.01 ? 9   HIS X CD2 1 
ATOM   42   C CE1 . HIS A 1 5   ? 11.890  26.049  8.673   1.00 19.73 ? 9   HIS X CE1 1 
ATOM   43   N NE2 . HIS A 1 5   ? 11.612  25.415  9.790   1.00 17.16 ? 9   HIS X NE2 1 
ATOM   44   N N   . PHE A 1 6   ? 7.086   21.503  7.520   1.00 14.57 ? 10  PHE X N   1 
ATOM   45   C CA  . PHE A 1 6   ? 5.897   21.168  6.764   1.00 14.19 ? 10  PHE X CA  1 
ATOM   46   C C   . PHE A 1 6   ? 5.453   22.360  5.933   1.00 15.28 ? 10  PHE X C   1 
ATOM   47   O O   . PHE A 1 6   ? 5.897   23.514  6.146   1.00 15.17 ? 10  PHE X O   1 
ATOM   48   C CB  . PHE A 1 6   ? 4.780   20.759  7.697   1.00 15.06 ? 10  PHE X CB  1 
ATOM   49   C CG  . PHE A 1 6   ? 5.122   19.609  8.610   1.00 14.40 ? 10  PHE X CG  1 
ATOM   50   C CD1 . PHE A 1 6   ? 5.599   18.414  8.086   1.00 16.24 ? 10  PHE X CD1 1 
ATOM   51   C CD2 . PHE A 1 6   ? 4.906   19.705  9.940   1.00 12.07 ? 10  PHE X CD2 1 
ATOM   52   C CE1 . PHE A 1 6   ? 5.882   17.373  8.921   1.00 16.79 ? 10  PHE X CE1 1 
ATOM   53   C CE2 . PHE A 1 6   ? 5.206   18.664  10.793  1.00 12.64 ? 10  PHE X CE2 1 
ATOM   54   C CZ  . PHE A 1 6   ? 5.686   17.472  10.250  1.00 17.75 ? 10  PHE X CZ  1 
ATOM   55   N N   . SER A 1 7   ? 4.552   22.063  5.023   1.00 16.22 ? 11  SER X N   1 
ATOM   56   C CA  . SER A 1 7   ? 3.986   22.995  4.067   1.00 17.76 ? 11  SER X CA  1 
ATOM   57   C C   . SER A 1 7   ? 2.464   22.990  4.212   1.00 17.47 ? 11  SER X C   1 
ATOM   58   O O   . SER A 1 7   ? 1.880   22.134  4.857   1.00 17.63 ? 11  SER X O   1 
ATOM   59   C CB  . SER A 1 7   ? 4.406   22.568  2.688   1.00 18.68 ? 11  SER X CB  1 
ATOM   60   O OG  . SER A 1 7   ? 3.606   21.508  2.250   1.00 21.60 ? 11  SER X OG  1 
ATOM   61   N N   . ILE A 1 8   ? 1.827   24.025  3.677   1.00 18.27 ? 12  ILE X N   1 
ATOM   62   C CA  . ILE A 1 8   ? 0.363   24.089  3.684   1.00 19.83 ? 12  ILE X CA  1 
ATOM   63   C C   . ILE A 1 8   ? -0.242  22.863  2.968   1.00 19.33 ? 12  ILE X C   1 
ATOM   64   O O   . ILE A 1 8   ? -1.270  22.316  3.440   1.00 18.60 ? 12  ILE X O   1 
ATOM   65   C CB  . ILE A 1 8   ? -0.117  25.423  3.019   1.00 21.92 ? 12  ILE X CB  1 
ATOM   66   C CG1 . ILE A 1 8   ? 0.298   26.613  3.886   1.00 26.02 ? 12  ILE X CG1 1 
ATOM   67   C CG2 . ILE A 1 8   ? -1.616  25.432  2.808   1.00 22.83 ? 12  ILE X CG2 1 
ATOM   68   C CD1 . ILE A 1 8   ? 0.499   27.904  3.048   1.00 28.57 ? 12  ILE X CD1 1 
ATOM   69   N N   . GLU A 1 9   ? 0.440   22.403  1.920   1.00 18.78 ? 13  GLU X N   1 
ATOM   70   C CA  . GLU A 1 9   ? -0.007  21.286  1.095   1.00 19.50 ? 13  GLU X CA  1 
ATOM   71   C C   . GLU A 1 9   ? -0.085  20.026  1.995   1.00 18.57 ? 13  GLU X C   1 
ATOM   72   O O   . GLU A 1 9   ? -0.878  19.132  1.762   1.00 18.59 ? 13  GLU X O   1 
ATOM   73   C CB  . GLU A 1 9   ? 0.919   20.990  -0.079  1.00 20.52 ? 13  GLU X CB  1 
ATOM   74   C CG  . GLU A 1 9   ? 0.763   21.841  -1.334  1.00 25.72 ? 13  GLU X CG  1 
ATOM   75   C CD  . GLU A 1 9   ? 1.700   21.443  -2.493  1.00 34.55 ? 13  GLU X CD  1 
ATOM   76   O OE1 . GLU A 1 9   ? 2.364   20.347  -2.537  1.00 40.01 ? 13  GLU X OE1 1 
ATOM   77   O OE2 . GLU A 1 9   ? 1.784   22.255  -3.434  1.00 40.87 ? 13  GLU X OE2 1 
ATOM   78   N N   . ASP A 1 10  ? 0.768   19.975  3.003   1.00 18.85 ? 14  ASP X N   1 
ATOM   79   C CA  . ASP A 1 10  ? 0.846   18.757  3.857   1.00 16.60 ? 14  ASP X CA  1 
ATOM   80   C C   . ASP A 1 10  ? -0.309  18.635  4.837   1.00 17.47 ? 14  ASP X C   1 
ATOM   81   O O   . ASP A 1 10  ? -0.502  17.568  5.423   1.00 15.60 ? 14  ASP X O   1 
ATOM   82   C CB  . ASP A 1 10  ? 2.131   18.748  4.680   1.00 17.77 ? 14  ASP X CB  1 
ATOM   83   C CG  . ASP A 1 10  ? 3.402   18.721  3.860   1.00 18.51 ? 14  ASP X CG  1 
ATOM   84   O OD1 . ASP A 1 10  ? 3.459   18.128  2.759   1.00 19.19 ? 14  ASP X OD1 1 
ATOM   85   O OD2 . ASP A 1 10  ? 4.453   19.229  4.345   1.00 19.82 ? 14  ASP X OD2 1 
ATOM   86   N N   . ARG A 1 11  ? -1.070  19.703  5.085   1.00 16.61 ? 15  ARG X N   1 
ATOM   87   C CA  . ARG A 1 11  ? -1.993  19.733  6.220   1.00 17.35 ? 15  ARG X CA  1 
ATOM   88   C C   . ARG A 1 11  ? -3.061  18.684  6.186   1.00 15.88 ? 15  ARG X C   1 
ATOM   89   O O   . ARG A 1 11  ? -3.256  18.022  7.200   1.00 18.06 ? 15  ARG X O   1 
ATOM   90   C CB  . ARG A 1 11  ? -2.565  21.129  6.544   1.00 19.78 ? 15  ARG X CB  1 
ATOM   91   C CG  . ARG A 1 11  ? -1.481  22.185  6.657   1.00 23.57 ? 15  ARG X CG  1 
ATOM   92   C CD  . ARG A 1 11  ? -2.054  23.574  6.462   1.00 30.50 ? 15  ARG X CD  1 
ATOM   93   N NE  . ARG A 1 11  ? -2.872  23.915  7.622   1.00 33.41 ? 15  ARG X NE  1 
ATOM   94   C CZ  . ARG A 1 11  ? -3.637  24.989  7.726   1.00 38.43 ? 15  ARG X CZ  1 
ATOM   95   N NH1 . ARG A 1 11  ? -3.844  25.800  6.682   1.00 35.69 ? 15  ARG X NH1 1 
ATOM   96   N NH2 . ARG A 1 11  ? -4.272  25.206  8.875   1.00 41.19 ? 15  ARG X NH2 1 
ATOM   97   N N   . PRO A 1 12  ? -3.721  18.447  5.069   1.00 16.58 ? 16  PRO X N   1 
ATOM   98   C CA  . PRO A 1 12  ? -4.734  17.365  5.026   1.00 16.24 ? 16  PRO X CA  1 
ATOM   99   C C   . PRO A 1 12  ? -4.200  15.991  5.444   1.00 15.27 ? 16  PRO X C   1 
ATOM   100  O O   . PRO A 1 12  ? -4.847  15.298  6.250   1.00 16.47 ? 16  PRO X O   1 
ATOM   101  C CB  . PRO A 1 12  ? -5.220  17.411  3.608   1.00 16.46 ? 16  PRO X CB  1 
ATOM   102  C CG  . PRO A 1 12  ? -4.963  18.755  3.200   1.00 17.53 ? 16  PRO X CG  1 
ATOM   103  C CD  . PRO A 1 12  ? -3.674  19.201  3.789   1.00 15.25 ? 16  PRO X CD  1 
ATOM   104  N N   . PHE A 1 13  ? -3.012  15.631  4.945   1.00 14.40 ? 17  PHE X N   1 
ATOM   105  C CA  . PHE A 1 13  ? -2.407  14.354  5.316   1.00 12.62 ? 17  PHE X CA  1 
ATOM   106  C C   . PHE A 1 13  ? -2.023  14.374  6.773   1.00 13.92 ? 17  PHE X C   1 
ATOM   107  O O   . PHE A 1 13  ? -2.172  13.355  7.498   1.00 14.93 ? 17  PHE X O   1 
ATOM   108  C CB  . PHE A 1 13  ? -1.192  14.026  4.467   1.00 13.34 ? 17  PHE X CB  1 
ATOM   109  C CG  . PHE A 1 13  ? -0.650  12.674  4.793   1.00 10.91 ? 17  PHE X CG  1 
ATOM   110  C CD1 . PHE A 1 13  ? -1.376  11.558  4.440   1.00 15.74 ? 17  PHE X CD1 1 
ATOM   111  C CD2 . PHE A 1 13  ? 0.416   12.549  5.593   1.00 14.35 ? 17  PHE X CD2 1 
ATOM   112  C CE1 . PHE A 1 13  ? -0.979  10.318  4.888   1.00 14.89 ? 17  PHE X CE1 1 
ATOM   113  C CE2 . PHE A 1 13  ? 0.864   11.303  5.972   1.00 15.41 ? 17  PHE X CE2 1 
ATOM   114  C CZ  . PHE A 1 13  ? 0.120   10.209  5.577   1.00 14.83 ? 17  PHE X CZ  1 
ATOM   115  N N   . LEU A 1 14  ? -1.409  15.471  7.204   1.00 11.96 ? 18  LEU X N   1 
ATOM   116  C CA  . LEU A 1 14  ? -0.974  15.541  8.628   1.00 13.55 ? 18  LEU X CA  1 
ATOM   117  C C   . LEU A 1 14  ? -2.149  15.405  9.581   1.00 14.34 ? 18  LEU X C   1 
ATOM   118  O O   . LEU A 1 14  ? -2.058  14.700  10.612  1.00 16.10 ? 18  LEU X O   1 
ATOM   119  C CB  . LEU A 1 14  ? -0.230  16.785  8.945   1.00 12.81 ? 18  LEU X CB  1 
ATOM   120  C CG  . LEU A 1 14  ? 1.091   16.982  8.237   1.00 11.62 ? 18  LEU X CG  1 
ATOM   121  C CD1 . LEU A 1 14  ? 1.586   18.441  8.429   1.00 12.08 ? 18  LEU X CD1 1 
ATOM   122  C CD2 . LEU A 1 14  ? 2.046   16.001  8.758   1.00 13.52 ? 18  LEU X CD2 1 
ATOM   123  N N   . ASP A 1 15  ? -3.270  16.033  9.211   1.00 15.78 ? 19  ASP X N   1 
ATOM   124  C CA  . ASP A 1 15  ? -4.505  15.846  9.954   1.00 16.72 ? 19  ASP X CA  1 
ATOM   125  C C   . ASP A 1 15  ? -4.892  14.374  10.115  1.00 16.98 ? 19  ASP X C   1 
ATOM   126  O O   . ASP A 1 15  ? -5.308  13.965  11.202  1.00 16.64 ? 19  ASP X O   1 
ATOM   127  C CB  . ASP A 1 15  ? -5.647  16.566  9.270   1.00 18.24 ? 19  ASP X CB  1 
ATOM   128  C CG  . ASP A 1 15  ? -5.580  18.076  9.417   1.00 19.06 ? 19  ASP X CG  1 
ATOM   129  O OD1 . ASP A 1 15  ? -4.803  18.649  10.252  1.00 22.13 ? 19  ASP X OD1 1 
ATOM   130  O OD2 . ASP A 1 15  ? -6.314  18.770  8.685   1.00 23.41 ? 19  ASP X OD2 1 
ATOM   131  N N   . LYS A 1 16  ? -4.807  13.592  9.031   1.00 16.90 ? 20  LYS X N   1 
ATOM   132  C CA  . LYS A 1 16  ? -5.096  12.151  9.067   1.00 16.18 ? 20  LYS X CA  1 
ATOM   133  C C   . LYS A 1 16  ? -4.065  11.439  9.928   1.00 15.54 ? 20  LYS X C   1 
ATOM   134  O O   . LYS A 1 16  ? -4.350  10.490  10.716  1.00 16.33 ? 20  LYS X O   1 
ATOM   135  C CB  . LYS A 1 16  ? -5.077  11.518  7.654   1.00 18.28 ? 20  LYS X CB  1 
ATOM   136  C CG  . LYS A 1 16  ? -6.166  11.953  6.672   1.00 22.20 ? 20  LYS X CG  1 
ATOM   137  C CD  . LYS A 1 16  ? -5.957  11.176  5.340   1.00 28.22 ? 20  LYS X CD  1 
ATOM   138  C CE  . LYS A 1 16  ? -7.170  11.243  4.399   1.00 34.08 ? 20  LYS X CE  1 
ATOM   139  N NZ  . LYS A 1 16  ? -8.141  10.148  4.693   1.00 36.79 ? 20  LYS X NZ  1 
ATOM   140  N N   . GLY A 1 17  ? -2.820  11.864  9.788   1.00 14.24 ? 21  GLY X N   1 
ATOM   141  C CA  . GLY A 1 17  ? -1.710  11.268  10.540  1.00 14.16 ? 21  GLY X CA  1 
ATOM   142  C C   . GLY A 1 17  ? -1.902  11.409  12.034  1.00 15.49 ? 21  GLY X C   1 
ATOM   143  O O   . GLY A 1 17  ? -1.649  10.468  12.800  1.00 15.54 ? 21  GLY X O   1 
ATOM   144  N N   . MET A 1 18  ? -2.384  12.565  12.460  1.00 15.82 ? 22  MET X N   1 
ATOM   145  C CA  . MET A 1 18  ? -2.672  12.824  13.875  1.00 17.10 ? 22  MET X CA  1 
ATOM   146  C C   . MET A 1 18  ? -3.810  11.979  14.409  1.00 16.21 ? 22  MET X C   1 
ATOM   147  O O   . MET A 1 18  ? -3.723  11.464  15.580  1.00 15.67 ? 22  MET X O   1 
ATOM   148  C CB  . MET A 1 18  ? -2.933  14.347  14.120  1.00 17.27 ? 22  MET X CB  1 
ATOM   149  C CG  . MET A 1 18  ? -1.752  15.210  13.987  1.00 19.41 ? 22  MET X CG  1 
ATOM   150  S SD  . MET A 1 18  ? -0.274  14.797  14.920  1.00 24.38 ? 22  MET X SD  1 
ATOM   151  C CE  . MET A 1 18  ? -1.002  14.842  16.491  1.00 27.60 ? 22  MET X CE  1 
ATOM   152  N N   . GLU A 1 19  ? -4.775  11.680  13.551  1.00 16.50 ? 23  GLU X N   1 
ATOM   153  C CA  . GLU A 1 19  ? -5.879  10.741  13.888  1.00 17.48 ? 23  GLU X CA  1 
ATOM   154  C C   . GLU A 1 19  ? -5.352  9.354   14.111  1.00 16.25 ? 23  GLU X C   1 
ATOM   155  O O   . GLU A 1 19  ? -5.731  8.659   15.083  1.00 16.85 ? 23  GLU X O   1 
ATOM   156  C CB  . GLU A 1 19  ? -7.060  10.780  12.846  1.00 18.27 ? 23  GLU X CB  1 
ATOM   157  C CG  . GLU A 1 19  ? -7.635  12.204  12.725  1.00 24.63 ? 23  GLU X CG  1 
ATOM   158  C CD  . GLU A 1 19  ? -8.557  12.480  11.536  1.00 33.78 ? 23  GLU X CD  1 
ATOM   159  O OE1 . GLU A 1 19  ? -8.368  11.925  10.420  1.00 38.57 ? 23  GLU X OE1 1 
ATOM   160  O OE2 . GLU A 1 19  ? -9.486  13.299  11.725  1.00 38.35 ? 23  GLU X OE2 1 
ATOM   161  N N   . TRP A 1 20  ? -4.429  8.927   13.251  1.00 14.71 ? 24  TRP X N   1 
ATOM   162  C CA  . TRP A 1 20  ? -3.835  7.595   13.394  1.00 13.57 ? 24  TRP X CA  1 
ATOM   163  C C   . TRP A 1 20  ? -3.003  7.498   14.669  1.00 13.58 ? 24  TRP X C   1 
ATOM   164  O O   . TRP A 1 20  ? -3.058  6.490   15.371  1.00 14.00 ? 24  TRP X O   1 
ATOM   165  C CB  . TRP A 1 20  ? -2.991  7.242   12.185  1.00 13.91 ? 24  TRP X CB  1 
ATOM   166  C CG  . TRP A 1 20  ? -3.817  7.129   10.912  1.00 12.19 ? 24  TRP X CG  1 
ATOM   167  C CD1 . TRP A 1 20  ? -5.169  6.936   10.793  1.00 14.19 ? 24  TRP X CD1 1 
ATOM   168  C CD2 . TRP A 1 20  ? -3.329  7.301   9.591   1.00 14.95 ? 24  TRP X CD2 1 
ATOM   169  N NE1 . TRP A 1 20  ? -5.554  6.925   9.466   1.00 17.77 ? 24  TRP X NE1 1 
ATOM   170  C CE2 . TRP A 1 20  ? -4.433  7.145   8.701   1.00 16.42 ? 24  TRP X CE2 1 
ATOM   171  C CE3 . TRP A 1 20  ? -2.062  7.550   9.056   1.00 15.86 ? 24  TRP X CE3 1 
ATOM   172  C CZ2 . TRP A 1 20  ? -4.287  7.243   7.316   1.00 17.75 ? 24  TRP X CZ2 1 
ATOM   173  C CZ3 . TRP A 1 20  ? -1.930  7.615   7.629   1.00 17.91 ? 24  TRP X CZ3 1 
ATOM   174  C CH2 . TRP A 1 20  ? -3.019  7.492   6.824   1.00 18.13 ? 24  TRP X CH2 1 
ATOM   175  N N   . ILE A 1 21  ? -2.215  8.514   14.929  1.00 13.79 ? 25  ILE X N   1 
ATOM   176  C CA  . ILE A 1 21  ? -1.439  8.559   16.181  1.00 16.29 ? 25  ILE X CA  1 
ATOM   177  C C   . ILE A 1 21  ? -2.341  8.486   17.402  1.00 16.87 ? 25  ILE X C   1 
ATOM   178  O O   . ILE A 1 21  ? -2.087  7.670   18.266  1.00 18.76 ? 25  ILE X O   1 
ATOM   179  C CB  . ILE A 1 21  ? -0.569  9.800   16.185  1.00 16.57 ? 25  ILE X CB  1 
ATOM   180  C CG1 . ILE A 1 21  ? 0.599   9.579   15.209  1.00 18.33 ? 25  ILE X CG1 1 
ATOM   181  C CG2 . ILE A 1 21  ? -0.049  10.157  17.547  1.00 18.81 ? 25  ILE X CG2 1 
ATOM   182  C CD1 . ILE A 1 21  ? 1.328   10.756  14.971  1.00 18.45 ? 25  ILE X CD1 1 
ATOM   183  N N   . LYS A 1 22  ? -3.450  9.247   17.401  1.00 16.95 ? 26  LYS X N   1 
ATOM   184  C CA  . LYS A 1 22  ? -4.435  9.178   18.496  1.00 18.25 ? 26  LYS X CA  1 
ATOM   185  C C   . LYS A 1 22  ? -5.040  7.784   18.664  1.00 18.40 ? 26  LYS X C   1 
ATOM   186  O O   . LYS A 1 22  ? -5.254  7.378   19.771  1.00 18.20 ? 26  LYS X O   1 
ATOM   187  C CB  . LYS A 1 22  ? -5.542  10.210  18.304  1.00 18.58 ? 26  LYS X CB  1 
ATOM   188  C CG  . LYS A 1 22  ? -6.867  10.030  19.164  1.00 25.96 ? 26  LYS X CG  1 
ATOM   189  C CD  . LYS A 1 22  ? -6.962  10.962  20.347  1.00 29.95 ? 26  LYS X CD  1 
ATOM   190  C CE  . LYS A 1 22  ? -8.292  10.743  21.172  1.00 32.26 ? 26  LYS X CE  1 
ATOM   191  N NZ  . LYS A 1 22  ? -9.045  12.037  21.508  1.00 36.98 ? 26  LYS X NZ  1 
ATOM   192  N N   . LYS A 1 23  ? -5.308  7.060   17.579  1.00 16.97 ? 27  LYS X N   1 
ATOM   193  C CA  . LYS A 1 23  ? -5.794  5.693   17.661  1.00 17.72 ? 27  LYS X CA  1 
ATOM   194  C C   . LYS A 1 23  ? -4.832  4.813   18.459  1.00 16.72 ? 27  LYS X C   1 
ATOM   195  O O   . LYS A 1 23  ? -5.258  3.941   19.244  1.00 16.71 ? 27  LYS X O   1 
ATOM   196  C CB  . LYS A 1 23  ? -5.924  5.073   16.258  1.00 17.60 ? 27  LYS X CB  1 
ATOM   197  C CG  . LYS A 1 23  ? -7.060  5.519   15.369  1.00 24.63 ? 27  LYS X CG  1 
ATOM   198  C CD  . LYS A 1 23  ? -8.135  6.378   15.972  1.00 29.90 ? 27  LYS X CD  1 
ATOM   199  C CE  . LYS A 1 23  ? -9.536  5.700   15.798  1.00 31.97 ? 27  LYS X CE  1 
ATOM   200  N NZ  . LYS A 1 23  ? -10.710 6.648   15.944  1.00 35.06 ? 27  LYS X NZ  1 
ATOM   201  N N   . VAL A 1 24  ? -3.532  4.968   18.180  1.00 16.27 ? 28  VAL X N   1 
ATOM   202  C CA  . VAL A 1 24  ? -2.537  4.196   18.889  1.00 16.01 ? 28  VAL X CA  1 
ATOM   203  C C   . VAL A 1 24  ? -2.468  4.609   20.344  1.00 15.88 ? 28  VAL X C   1 
ATOM   204  O O   . VAL A 1 24  ? -2.316  3.759   21.225  1.00 15.52 ? 28  VAL X O   1 
ATOM   205  C CB  . VAL A 1 24  ? -1.167  4.276   18.259  1.00 16.99 ? 28  VAL X CB  1 
ATOM   206  C CG1 . VAL A 1 24  ? -0.180  3.489   19.104  1.00 18.45 ? 28  VAL X CG1 1 
ATOM   207  C CG2 . VAL A 1 24  ? -1.247  3.691   16.832  1.00 18.40 ? 28  VAL X CG2 1 
ATOM   208  N N   . GLU A 1 25  ? -2.567  5.900   20.594  1.00 15.64 ? 29  GLU X N   1 
ATOM   209  C CA  . GLU A 1 25  ? -2.584  6.385   21.988  1.00 16.81 ? 29  GLU X CA  1 
ATOM   210  C C   . GLU A 1 25  ? -3.798  5.785   22.701  1.00 17.39 ? 29  GLU X C   1 
ATOM   211  O O   . GLU A 1 25  ? -3.707  5.341   23.858  1.00 18.34 ? 29  GLU X O   1 
ATOM   212  C CB  . GLU A 1 25  ? -2.625  7.899   21.993  1.00 18.51 ? 29  GLU X CB  1 
ATOM   213  C CG  . GLU A 1 25  ? -1.347  8.558   21.432  1.00 23.77 ? 29  GLU X CG  1 
ATOM   214  C CD  . GLU A 1 25  ? -1.377  10.090  21.301  1.00 26.41 ? 29  GLU X CD  1 
ATOM   215  O OE1 . GLU A 1 25  ? -2.443  10.760  21.287  1.00 29.98 ? 29  GLU X OE1 1 
ATOM   216  O OE2 . GLU A 1 25  ? -0.274  10.674  21.186  1.00 30.70 ? 29  GLU X OE2 1 
ATOM   217  N N   . ASP A 1 26  ? -4.932  5.718   22.003  1.00 16.52 ? 30  ASP X N   1 
ATOM   218  C CA  . ASP A 1 26  ? -6.185  5.311   22.678  1.00 15.78 ? 30  ASP X CA  1 
ATOM   219  C C   . ASP A 1 26  ? -6.186  3.833   22.977  1.00 14.85 ? 30  ASP X C   1 
ATOM   220  O O   . ASP A 1 26  ? -6.680  3.406   24.015  1.00 16.25 ? 30  ASP X O   1 
ATOM   221  C CB  . ASP A 1 26  ? -7.368  5.581   21.775  1.00 15.88 ? 30  ASP X CB  1 
ATOM   222  C CG  . ASP A 1 26  ? -7.746  7.053   21.657  1.00 19.54 ? 30  ASP X CG  1 
ATOM   223  O OD1 . ASP A 1 26  ? -7.307  7.916   22.430  1.00 22.78 ? 30  ASP X OD1 1 
ATOM   224  O OD2 . ASP A 1 26  ? -8.587  7.429   20.803  1.00 21.46 ? 30  ASP X OD2 1 
ATOM   225  N N   . SER A 1 27  ? -5.545  3.049   22.108  1.00 15.26 ? 31  SER X N   1 
ATOM   226  C CA  . SER A 1 27  ? -5.716  1.619   22.100  1.00 17.30 ? 31  SER X CA  1 
ATOM   227  C C   . SER A 1 27  ? -4.527  0.895   22.697  1.00 17.37 ? 31  SER X C   1 
ATOM   228  O O   . SER A 1 27  ? -4.663  -0.285  23.017  1.00 19.17 ? 31  SER X O   1 
ATOM   229  C CB  . SER A 1 27  ? -5.936  1.117   20.680  1.00 17.88 ? 31  SER X CB  1 
ATOM   230  O OG  . SER A 1 27  ? -4.835  1.436   19.857  1.00 19.31 ? 31  SER X OG  1 
ATOM   231  N N   . TYR A 1 28  ? -3.409  1.609   22.798  1.00 16.58 ? 32  TYR X N   1 
ATOM   232  C CA  . TYR A 1 28  ? -2.045  1.053   23.088  1.00 17.16 ? 32  TYR X CA  1 
ATOM   233  C C   . TYR A 1 28  ? -1.918  -0.252  22.270  1.00 18.15 ? 32  TYR X C   1 
ATOM   234  O O   . TYR A 1 28  ? -1.547  -1.403  22.755  1.00 20.26 ? 32  TYR X O   1 
ATOM   235  C CB  . TYR A 1 28  ? -1.820  0.966   24.625  1.00 17.90 ? 32  TYR X CB  1 
ATOM   236  C CG  . TYR A 1 28  ? -0.491  0.534   25.101  1.00 14.28 ? 32  TYR X CG  1 
ATOM   237  C CD1 . TYR A 1 28  ? 0.550   1.375   25.249  1.00 20.11 ? 32  TYR X CD1 1 
ATOM   238  C CD2 . TYR A 1 28  ? -0.342  -0.769  25.584  1.00 20.91 ? 32  TYR X CD2 1 
ATOM   239  C CE1 . TYR A 1 28  ? 1.784   0.909   25.751  1.00 20.25 ? 32  TYR X CE1 1 
ATOM   240  C CE2 . TYR A 1 28  ? 0.822   -1.212  26.070  1.00 21.94 ? 32  TYR X CE2 1 
ATOM   241  C CZ  . TYR A 1 28  ? 1.893   -0.385  26.161  1.00 21.79 ? 32  TYR X CZ  1 
ATOM   242  O OH  . TYR A 1 28  ? 3.046   -0.907  26.663  1.00 24.67 ? 32  TYR X OH  1 
ATOM   243  N N   . ALA A 1 29  ? -2.233  -0.102  20.978  1.00 18.92 ? 33  ALA X N   1 
ATOM   244  C CA  . ALA A 1 29  ? -2.089  -1.211  20.041  1.00 19.15 ? 33  ALA X CA  1 
ATOM   245  C C   . ALA A 1 29  ? -1.617  -0.704  18.684  1.00 19.19 ? 33  ALA X C   1 
ATOM   246  O O   . ALA A 1 29  ? -1.718  0.459   18.401  1.00 19.19 ? 33  ALA X O   1 
ATOM   247  C CB  . ALA A 1 29  ? -3.357  -1.926  19.860  1.00 19.69 ? 33  ALA X CB  1 
ATOM   248  N N   . PRO A 1 30  ? -1.064  -1.571  17.853  1.00 18.59 ? 34  PRO X N   1 
ATOM   249  C CA  . PRO A 1 30  ? -0.560  -1.066  16.565  1.00 16.99 ? 34  PRO X CA  1 
ATOM   250  C C   . PRO A 1 30  ? -1.728  -0.634  15.695  1.00 16.50 ? 34  PRO X C   1 
ATOM   251  O O   . PRO A 1 30  ? -2.828  -1.251  15.758  1.00 17.06 ? 34  PRO X O   1 
ATOM   252  C CB  . PRO A 1 30  ? 0.182   -2.272  15.950  1.00 16.96 ? 34  PRO X CB  1 
ATOM   253  C CG  . PRO A 1 30  ? 0.382   -3.180  17.121  1.00 18.98 ? 34  PRO X CG  1 
ATOM   254  C CD  . PRO A 1 30  ? -0.835  -3.010  18.007  1.00 19.06 ? 34  PRO X CD  1 
ATOM   255  N N   . PHE A 1 31  ? -1.454  0.374   14.853  1.00 14.97 ? 35  PHE X N   1 
ATOM   256  C CA  . PHE A 1 31  ? -2.365  0.815   13.816  1.00 14.28 ? 35  PHE X CA  1 
ATOM   257  C C   . PHE A 1 31  ? -1.639  0.686   12.477  1.00 14.35 ? 35  PHE X C   1 
ATOM   258  O O   . PHE A 1 31  ? -0.497  1.093   12.368  1.00 14.71 ? 35  PHE X O   1 
ATOM   259  C CB  . PHE A 1 31  ? -2.757  2.288   13.990  1.00 16.47 ? 35  PHE X CB  1 
ATOM   260  C CG  . PHE A 1 31  ? -3.721  2.744   12.922  1.00 16.96 ? 35  PHE X CG  1 
ATOM   261  C CD1 . PHE A 1 31  ? -5.033  2.258   12.926  1.00 20.12 ? 35  PHE X CD1 1 
ATOM   262  C CD2 . PHE A 1 31  ? -3.317  3.508   11.841  1.00 17.05 ? 35  PHE X CD2 1 
ATOM   263  C CE1 . PHE A 1 31  ? -5.920  2.585   11.935  1.00 23.23 ? 35  PHE X CE1 1 
ATOM   264  C CE2 . PHE A 1 31  ? -4.223  3.823   10.813  1.00 17.40 ? 35  PHE X CE2 1 
ATOM   265  C CZ  . PHE A 1 31  ? -5.535  3.339   10.876  1.00 16.71 ? 35  PHE X CZ  1 
ATOM   266  N N   . LEU A 1 32  ? -2.295  0.051   11.513  1.00 14.14 ? 36  LEU X N   1 
ATOM   267  C CA  . LEU A 1 32  ? -1.773  -0.111  10.158  1.00 14.61 ? 36  LEU X CA  1 
ATOM   268  C C   . LEU A 1 32  ? -2.520  0.840   9.206   1.00 15.01 ? 36  LEU X C   1 
ATOM   269  O O   . LEU A 1 32  ? -3.769  0.782   9.068   1.00 14.28 ? 36  LEU X O   1 
ATOM   270  C CB  . LEU A 1 32  ? -1.967  -1.555  9.722   1.00 15.05 ? 36  LEU X CB  1 
ATOM   271  C CG  . LEU A 1 32  ? -1.677  -1.956  8.280   1.00 14.83 ? 36  LEU X CG  1 
ATOM   272  C CD1 . LEU A 1 32  ? -0.232  -1.751  8.102   1.00 11.84 ? 36  LEU X CD1 1 
ATOM   273  C CD2 . LEU A 1 32  ? -2.080  -3.461  7.974   1.00 15.98 ? 36  LEU X CD2 1 
ATOM   274  N N   . THR A 1 33  ? -1.752  1.663   8.495   1.00 13.11 ? 37  THR X N   1 
ATOM   275  C CA  . THR A 1 33  ? -2.264  2.633   7.575   1.00 13.62 ? 37  THR X CA  1 
ATOM   276  C C   . THR A 1 33  ? -2.652  2.015   6.250   1.00 13.38 ? 37  THR X C   1 
ATOM   277  O O   . THR A 1 33  ? -2.258  0.852   5.905   1.00 13.21 ? 37  THR X O   1 
ATOM   278  C CB  . THR A 1 33  ? -1.230  3.742   7.259   1.00 13.59 ? 37  THR X CB  1 
ATOM   279  O OG1 . THR A 1 33  ? -0.157  3.221   6.403   1.00 11.44 ? 37  THR X OG1 1 
ATOM   280  C CG2 . THR A 1 33  ? -0.652  4.296   8.485   1.00 14.07 ? 37  THR X CG2 1 
ATOM   281  N N   . PRO A 1 34  ? -3.377  2.768   5.441   1.00 13.10 ? 38  PRO X N   1 
ATOM   282  C CA  . PRO A 1 34  ? -3.567  2.355   4.053   1.00 13.07 ? 38  PRO X CA  1 
ATOM   283  C C   . PRO A 1 34  ? -2.283  2.536   3.277   1.00 12.55 ? 38  PRO X C   1 
ATOM   284  O O   . PRO A 1 34  ? -1.283  3.045   3.793   1.00 12.86 ? 38  PRO X O   1 
ATOM   285  C CB  . PRO A 1 34  ? -4.579  3.359   3.530   1.00 14.92 ? 38  PRO X CB  1 
ATOM   286  C CG  . PRO A 1 34  ? -5.032  4.125   4.668   1.00 16.69 ? 38  PRO X CG  1 
ATOM   287  C CD  . PRO A 1 34  ? -4.081  4.018   5.744   1.00 13.63 ? 38  PRO X CD  1 
ATOM   288  N N   . PHE A 1 35  ? -2.328  2.232   1.977   1.00 12.47 ? 39  PHE X N   1 
ATOM   289  C CA  . PHE A 1 35  ? -1.169  2.609   1.159   1.00 12.53 ? 39  PHE X CA  1 
ATOM   290  C C   . PHE A 1 35  ? -1.028  4.137   1.038   1.00 13.96 ? 39  PHE X C   1 
ATOM   291  O O   . PHE A 1 35  ? -2.011  4.846   0.761   1.00 12.92 ? 39  PHE X O   1 
ATOM   292  C CB  . PHE A 1 35  ? -1.210  1.975   -0.203  1.00 12.52 ? 39  PHE X CB  1 
ATOM   293  C CG  . PHE A 1 35  ? -0.902  0.513   -0.200  1.00 11.39 ? 39  PHE X CG  1 
ATOM   294  C CD1 . PHE A 1 35  ? 0.424   0.103   -0.313  1.00 11.80 ? 39  PHE X CD1 1 
ATOM   295  C CD2 . PHE A 1 35  ? -1.884  -0.446  -0.130  1.00 12.45 ? 39  PHE X CD2 1 
ATOM   296  C CE1 . PHE A 1 35  ? 0.774   -1.233  -0.370  1.00 14.61 ? 39  PHE X CE1 1 
ATOM   297  C CE2 . PHE A 1 35  ? -1.533  -1.834  -0.163  1.00 13.98 ? 39  PHE X CE2 1 
ATOM   298  C CZ  . PHE A 1 35  ? -0.175  -2.203  -0.320  1.00 11.76 ? 39  PHE X CZ  1 
ATOM   299  N N   . ILE A 1 36  ? 0.201   4.597   1.251   1.00 13.87 ? 40  ILE X N   1 
ATOM   300  C CA  . ILE A 1 36  ? 0.583   6.019   1.140   1.00 14.93 ? 40  ILE X CA  1 
ATOM   301  C C   . ILE A 1 36  ? 1.823   6.183   0.295   1.00 14.97 ? 40  ILE X C   1 
ATOM   302  O O   . ILE A 1 36  ? 2.587   5.226   0.070   1.00 15.57 ? 40  ILE X O   1 
ATOM   303  C CB  . ILE A 1 36  ? 0.805   6.607   2.586   1.00 14.39 ? 40  ILE X CB  1 
ATOM   304  C CG1 . ILE A 1 36  ? 1.943   5.925   3.353   1.00 15.51 ? 40  ILE X CG1 1 
ATOM   305  C CG2 . ILE A 1 36  ? -0.482  6.548   3.404   1.00 13.90 ? 40  ILE X CG2 1 
ATOM   306  C CD1 . ILE A 1 36  ? 2.252   6.587   4.714   1.00 13.73 ? 40  ILE X CD1 1 
ATOM   307  N N   . ASN A 1 37  ? 2.014   7.387   -0.242  1.00 15.64 ? 41  ASN X N   1 
ATOM   308  C CA  . ASN A 1 37  ? 3.145   7.687   -1.116  1.00 15.76 ? 41  ASN X CA  1 
ATOM   309  C C   . ASN A 1 37  ? 4.409   8.043   -0.328  1.00 16.72 ? 41  ASN X C   1 
ATOM   310  O O   . ASN A 1 37  ? 4.374   8.118   0.905   1.00 15.74 ? 41  ASN X O   1 
ATOM   311  C CB  . ASN A 1 37  ? 2.723   8.717   -2.201  1.00 17.55 ? 41  ASN X CB  1 
ATOM   312  C CG  . ASN A 1 37  ? 2.577   10.122  -1.665  1.00 16.12 ? 41  ASN X CG  1 
ATOM   313  O OD1 . ASN A 1 37  ? 3.243   10.526  -0.716  1.00 15.32 ? 41  ASN X OD1 1 
ATOM   314  N ND2 . ASN A 1 37  ? 1.752   10.917  -2.340  1.00 19.73 ? 41  ASN X ND2 1 
ATOM   315  N N   . PRO A 1 38  ? 5.567   8.070   -0.975  1.00 14.58 ? 42  PRO X N   1 
ATOM   316  C CA  . PRO A 1 38  ? 6.825   8.315   -0.271  1.00 14.86 ? 42  PRO X CA  1 
ATOM   317  C C   . PRO A 1 38  ? 6.899   9.648   0.523   1.00 13.20 ? 42  PRO X C   1 
ATOM   318  O O   . PRO A 1 38  ? 7.455   9.703   1.587   1.00 14.73 ? 42  PRO X O   1 
ATOM   319  C CB  . PRO A 1 38  ? 7.822   8.293   -1.406  1.00 15.56 ? 42  PRO X CB  1 
ATOM   320  C CG  . PRO A 1 38  ? 7.206   7.378   -2.377  1.00 13.86 ? 42  PRO X CG  1 
ATOM   321  C CD  . PRO A 1 38  ? 5.788   7.802   -2.417  1.00 15.55 ? 42  PRO X CD  1 
ATOM   322  N N   . HIS A 1 39  ? 6.273   10.677  0.014   1.00 15.94 ? 43  HIS X N   1 
ATOM   323  C CA  . HIS A 1 39  ? 6.234   11.921  0.743   1.00 15.83 ? 43  HIS X CA  1 
ATOM   324  C C   . HIS A 1 39  ? 5.410   11.828  2.009   1.00 14.35 ? 43  HIS X C   1 
ATOM   325  O O   . HIS A 1 39  ? 5.856   12.271  3.029   1.00 15.50 ? 43  HIS X O   1 
ATOM   326  C CB  . HIS A 1 39  ? 5.658   13.030  -0.073  1.00 17.53 ? 43  HIS X CB  1 
ATOM   327  C CG  . HIS A 1 39  ? 5.653   14.326  0.670   1.00 17.30 ? 43  HIS X CG  1 
ATOM   328  N ND1 . HIS A 1 39  ? 6.803   15.046  0.894   1.00 20.89 ? 43  HIS X ND1 1 
ATOM   329  C CD2 . HIS A 1 39  ? 4.632   15.065  1.176   1.00 20.38 ? 43  HIS X CD2 1 
ATOM   330  C CE1 . HIS A 1 39  ? 6.503   16.154  1.555   1.00 21.83 ? 43  HIS X CE1 1 
ATOM   331  N NE2 . HIS A 1 39  ? 5.194   16.192  1.737   1.00 21.99 ? 43  HIS X NE2 1 
ATOM   332  N N   . GLN A 1 40  ? 4.282   11.139  1.901   1.00 15.92 ? 44  GLN X N   1 
ATOM   333  C CA  . GLN A 1 40  ? 3.397   10.856  3.031   1.00 14.00 ? 44  GLN X CA  1 
ATOM   334  C C   . GLN A 1 40  ? 4.049   9.966   4.043   1.00 14.06 ? 44  GLN X C   1 
ATOM   335  O O   . GLN A 1 40  ? 3.898   10.203  5.272   1.00 14.40 ? 44  GLN X O   1 
ATOM   336  C CB  . GLN A 1 40  ? 2.103   10.265  2.544   1.00 13.42 ? 44  GLN X CB  1 
ATOM   337  C CG  . GLN A 1 40  ? 1.276   11.276  1.753   1.00 15.34 ? 44  GLN X CG  1 
ATOM   338  C CD  . GLN A 1 40  ? 0.124   10.705  0.992   1.00 17.00 ? 44  GLN X CD  1 
ATOM   339  O OE1 . GLN A 1 40  ? 0.089   9.512   0.684   1.00 18.43 ? 44  GLN X OE1 1 
ATOM   340  N NE2 . GLN A 1 40  ? -0.808  11.602  0.577   1.00 16.12 ? 44  GLN X NE2 1 
ATOM   341  N N   . GLU A 1 41  ? 4.783   8.949   3.595   1.00 13.04 ? 45  GLU X N   1 
ATOM   342  C CA  . GLU A 1 41  ? 5.605   8.153   4.518   1.00 13.59 ? 45  GLU X CA  1 
ATOM   343  C C   . GLU A 1 41  ? 6.586   8.989   5.314   1.00 14.35 ? 45  GLU X C   1 
ATOM   344  O O   . GLU A 1 41  ? 6.762   8.756   6.518   1.00 14.13 ? 45  GLU X O   1 
ATOM   345  C CB  . GLU A 1 41  ? 6.338   7.054   3.706   1.00 13.76 ? 45  GLU X CB  1 
ATOM   346  C CG  . GLU A 1 41  ? 7.347   6.133   4.396   1.00 17.31 ? 45  GLU X CG  1 
ATOM   347  C CD  . GLU A 1 41  ? 8.204   5.320   3.401   1.00 20.64 ? 45  GLU X CD  1 
ATOM   348  O OE1 . GLU A 1 41  ? 8.347   5.731   2.215   1.00 20.65 ? 45  GLU X OE1 1 
ATOM   349  O OE2 . GLU A 1 41  ? 8.773   4.262   3.818   1.00 19.87 ? 45  GLU X OE2 1 
ATOM   350  N N   . LYS A 1 42  ? 7.252   9.952   4.661   1.00 14.65 ? 46  LYS X N   1 
ATOM   351  C CA  . LYS A 1 42  ? 8.207   10.788  5.352   1.00 15.18 ? 46  LYS X CA  1 
ATOM   352  C C   . LYS A 1 42  ? 7.514   11.676  6.388   1.00 15.28 ? 46  LYS X C   1 
ATOM   353  O O   . LYS A 1 42  ? 7.989   11.759  7.501   1.00 15.41 ? 46  LYS X O   1 
ATOM   354  C CB  . LYS A 1 42  ? 8.998   11.646  4.354   1.00 16.07 ? 46  LYS X CB  1 
ATOM   355  C CG  . LYS A 1 42  ? 10.023  10.896  3.594   1.00 21.53 ? 46  LYS X CG  1 
ATOM   356  C CD  . LYS A 1 42  ? 11.016  11.835  2.845   1.00 28.20 ? 46  LYS X CD  1 
ATOM   357  C CE  . LYS A 1 42  ? 10.460  12.459  1.599   1.00 30.92 ? 46  LYS X CE  1 
ATOM   358  N NZ  . LYS A 1 42  ? 10.556  11.552  0.387   1.00 34.75 ? 46  LYS X NZ  1 
ATOM   359  N N   . LEU A 1 43  ? 6.328   12.195  6.060   1.00 15.27 ? 47  LEU X N   1 
ATOM   360  C CA  . LEU A 1 43  ? 5.546   13.034  6.989   1.00 14.42 ? 47  LEU X CA  1 
ATOM   361  C C   . LEU A 1 43  ? 5.141   12.254  8.190   1.00 14.24 ? 47  LEU X C   1 
ATOM   362  O O   . LEU A 1 43  ? 5.293   12.736  9.296   1.00 14.59 ? 47  LEU X O   1 
ATOM   363  C CB  . LEU A 1 43  ? 4.304   13.517  6.310   1.00 14.52 ? 47  LEU X CB  1 
ATOM   364  C CG  . LEU A 1 43  ? 4.153   14.923  5.739   1.00 21.47 ? 47  LEU X CG  1 
ATOM   365  C CD1 . LEU A 1 43  ? 5.472   15.750  5.484   1.00 19.85 ? 47  LEU X CD1 1 
ATOM   366  C CD2 . LEU A 1 43  ? 3.075   15.024  4.722   1.00 15.61 ? 47  LEU X CD2 1 
ATOM   367  N N   . LEU A 1 44  ? 4.676   11.013  7.981   1.00 13.57 ? 48  LEU X N   1 
ATOM   368  C CA  . LEU A 1 44  ? 4.162   10.237  9.113   1.00 14.60 ? 48  LEU X CA  1 
ATOM   369  C C   . LEU A 1 44  ? 5.350   9.841   10.024  1.00 13.44 ? 48  LEU X C   1 
ATOM   370  O O   . LEU A 1 44  ? 5.238   9.845   11.233  1.00 16.15 ? 48  LEU X O   1 
ATOM   371  C CB  . LEU A 1 44  ? 3.392   9.046   8.583   1.00 14.61 ? 48  LEU X CB  1 
ATOM   372  C CG  . LEU A 1 44  ? 2.180   8.481   9.307   1.00 21.32 ? 48  LEU X CG  1 
ATOM   373  C CD1 . LEU A 1 44  ? 2.012   6.972   9.028   1.00 14.26 ? 48  LEU X CD1 1 
ATOM   374  C CD2 . LEU A 1 44  ? 1.797   8.960   10.699  1.00 17.10 ? 48  LEU X CD2 1 
ATOM   375  N N   . LYS A 1 45  ? 6.487   9.456   9.453   1.00 15.26 ? 49  LYS X N   1 
ATOM   376  C CA  . LYS A 1 45  ? 7.693   9.188   10.239  1.00 15.93 ? 49  LYS X CA  1 
ATOM   377  C C   . LYS A 1 45  ? 8.103   10.369  11.158  1.00 16.23 ? 49  LYS X C   1 
ATOM   378  O O   . LYS A 1 45  ? 8.421   10.154  12.314  1.00 17.11 ? 49  LYS X O   1 
ATOM   379  C CB  . LYS A 1 45  ? 8.854   8.832   9.304   1.00 17.82 ? 49  LYS X CB  1 
ATOM   380  C CG  . LYS A 1 45  ? 8.755   7.406   8.778   1.00 20.28 ? 49  LYS X CG  1 
ATOM   381  C CD  . LYS A 1 45  ? 9.665   7.174   7.616   1.00 24.12 ? 49  LYS X CD  1 
ATOM   382  C CE  . LYS A 1 45  ? 9.785   5.692   7.202   1.00 28.21 ? 49  LYS X CE  1 
ATOM   383  N NZ  . LYS A 1 45  ? 9.354   4.741   8.248   1.00 32.19 ? 49  LYS X NZ  1 
ATOM   384  N N   . ILE A 1 46  ? 7.995   11.578  10.647  1.00 16.60 ? 50  ILE X N   1 
ATOM   385  C CA  . ILE A 1 46  ? 8.246   12.791  11.445  1.00 17.88 ? 50  ILE X CA  1 
ATOM   386  C C   . ILE A 1 46  ? 7.237   12.954  12.628  1.00 17.49 ? 50  ILE X C   1 
ATOM   387  O O   . ILE A 1 46  ? 7.634   13.085  13.821  1.00 17.37 ? 50  ILE X O   1 
ATOM   388  C CB  . ILE A 1 46  ? 8.264   14.037  10.609  1.00 19.11 ? 50  ILE X CB  1 
ATOM   389  C CG1 . ILE A 1 46  ? 9.434   14.021  9.600   1.00 21.76 ? 50  ILE X CG1 1 
ATOM   390  C CG2 . ILE A 1 46  ? 8.428   15.240  11.485  1.00 20.10 ? 50  ILE X CG2 1 
ATOM   391  C CD1 . ILE A 1 46  ? 9.176   15.026  8.458   1.00 25.91 ? 50  ILE X CD1 1 
ATOM   392  N N   . LEU A 1 47  ? 5.954   12.817  12.293  1.00 17.10 ? 51  LEU X N   1 
ATOM   393  C CA  . LEU A 1 47  ? 4.893   12.900  13.330  1.00 17.36 ? 51  LEU X CA  1 
ATOM   394  C C   . LEU A 1 47  ? 5.111   11.819  14.391  1.00 17.48 ? 51  LEU X C   1 
ATOM   395  O O   . LEU A 1 47  ? 5.031   12.087  15.570  1.00 14.91 ? 51  LEU X O   1 
ATOM   396  C CB  . LEU A 1 47  ? 3.515   12.778  12.682  1.00 18.91 ? 51  LEU X CB  1 
ATOM   397  C CG  . LEU A 1 47  ? 2.445   13.870  12.641  1.00 25.20 ? 51  LEU X CG  1 
ATOM   398  C CD1 . LEU A 1 47  ? 2.986   15.306  12.643  1.00 23.38 ? 51  LEU X CD1 1 
ATOM   399  C CD2 . LEU A 1 47  ? 1.434   13.615  11.570  1.00 24.31 ? 51  LEU X CD2 1 
ATOM   400  N N   . ALA A 1 48  ? 5.336   10.575  13.982  1.00 16.04 ? 52  ALA X N   1 
ATOM   401  C CA  . ALA A 1 48  ? 5.556   9.471   14.903  1.00 18.10 ? 52  ALA X CA  1 
ATOM   402  C C   . ALA A 1 48  ? 6.710   9.752   15.874  1.00 19.73 ? 52  ALA X C   1 
ATOM   403  O O   . ALA A 1 48  ? 6.549   9.641   17.083  1.00 21.75 ? 52  ALA X O   1 
ATOM   404  C CB  . ALA A 1 48  ? 5.791   8.202   14.154  1.00 18.51 ? 52  ALA X CB  1 
ATOM   405  N N   . LYS A 1 49  ? 7.850   10.201  15.354  1.00 19.65 ? 53  LYS X N   1 
ATOM   406  C CA  . LYS A 1 49  ? 9.006   10.576  16.176  1.00 22.13 ? 53  LYS X CA  1 
ATOM   407  C C   . LYS A 1 49  ? 8.635   11.657  17.205  1.00 21.29 ? 53  LYS X C   1 
ATOM   408  O O   . LYS A 1 49  ? 8.980   11.571  18.397  1.00 20.29 ? 53  LYS X O   1 
ATOM   409  C CB  . LYS A 1 49  ? 10.137  11.044  15.251  1.00 23.14 ? 53  LYS X CB  1 
ATOM   410  C CG  . LYS A 1 49  ? 11.147  9.906   14.884  1.00 28.34 ? 53  LYS X CG  1 
ATOM   411  C CD  . LYS A 1 49  ? 12.211  10.388  13.882  1.00 32.60 ? 53  LYS X CD  1 
ATOM   412  C CE  . LYS A 1 49  ? 12.368  9.453   12.683  1.00 36.49 ? 53  LYS X CE  1 
ATOM   413  N NZ  . LYS A 1 49  ? 13.568  9.793   11.782  1.00 38.96 ? 53  LYS X NZ  1 
ATOM   414  N N   . THR A 1 50  ? 7.898   12.649  16.741  1.00 21.14 ? 54  THR X N   1 
ATOM   415  C CA  . THR A 1 50  ? 7.483   13.785  17.545  1.00 21.28 ? 54  THR X CA  1 
ATOM   416  C C   . THR A 1 50  ? 6.688   13.305  18.777  1.00 21.46 ? 54  THR X C   1 
ATOM   417  O O   . THR A 1 50  ? 6.850   13.842  19.877  1.00 20.52 ? 54  THR X O   1 
ATOM   418  C CB  . THR A 1 50  ? 6.679   14.724  16.693  1.00 22.27 ? 54  THR X CB  1 
ATOM   419  O OG1 . THR A 1 50  ? 7.525   15.303  15.669  1.00 19.14 ? 54  THR X OG1 1 
ATOM   420  C CG2 . THR A 1 50  ? 6.231   15.894  17.497  1.00 23.22 ? 54  THR X CG2 1 
ATOM   421  N N   . TYR A 1 51  ? 5.855   12.288  18.571  1.00 22.02 ? 55  TYR X N   1 
ATOM   422  C CA  . TYR A 1 51  ? 4.927   11.802  19.607  1.00 23.11 ? 55  TYR X CA  1 
ATOM   423  C C   . TYR A 1 51  ? 5.287   10.624  20.590  1.00 25.22 ? 55  TYR X C   1 
ATOM   424  O O   . TYR A 1 51  ? 4.419   10.027  21.152  1.00 25.54 ? 55  TYR X O   1 
ATOM   425  C CB  . TYR A 1 51  ? 3.495   11.684  18.984  1.00 23.68 ? 55  TYR X CB  1 
ATOM   426  C CG  . TYR A 1 51  ? 2.993   13.077  18.649  1.00 24.63 ? 55  TYR X CG  1 
ATOM   427  C CD1 . TYR A 1 51  ? 2.592   13.920  19.668  1.00 27.70 ? 55  TYR X CD1 1 
ATOM   428  C CD2 . TYR A 1 51  ? 3.097   13.628  17.353  1.00 23.79 ? 55  TYR X CD2 1 
ATOM   429  C CE1 . TYR A 1 51  ? 2.227   15.227  19.422  1.00 27.31 ? 55  TYR X CE1 1 
ATOM   430  C CE2 . TYR A 1 51  ? 2.686   14.981  17.084  1.00 28.17 ? 55  TYR X CE2 1 
ATOM   431  C CZ  . TYR A 1 51  ? 2.255   15.757  18.159  1.00 28.22 ? 55  TYR X CZ  1 
ATOM   432  O OH  . TYR A 1 51  ? 1.869   17.068  18.039  1.00 30.00 ? 55  TYR X OH  1 
ATOM   433  N N   . GLY A 1 52  ? 6.522   10.201  20.841  1.00 26.68 ? 56  GLY X N   1 
ATOM   434  C CA  . GLY A 1 52  ? 7.372   9.426   20.015  1.00 25.84 ? 56  GLY X CA  1 
ATOM   435  C C   . GLY A 1 52  ? 6.810   7.987   20.110  1.00 24.10 ? 56  GLY X C   1 
ATOM   436  O O   . GLY A 1 52  ? 6.941   7.204   21.112  1.00 23.96 ? 56  GLY X O   1 
ATOM   437  N N   . LEU A 1 53  ? 6.124   7.657   19.031  1.00 20.98 ? 57  LEU X N   1 
ATOM   438  C CA  . LEU A 1 53  ? 5.581   6.338   18.766  1.00 20.79 ? 57  LEU X CA  1 
ATOM   439  C C   . LEU A 1 53  ? 6.547   5.684   17.806  1.00 19.87 ? 57  LEU X C   1 
ATOM   440  O O   . LEU A 1 53  ? 7.046   6.356   16.890  1.00 22.19 ? 57  LEU X O   1 
ATOM   441  C CB  . LEU A 1 53  ? 4.205   6.457   18.063  1.00 21.51 ? 57  LEU X CB  1 
ATOM   442  C CG  . LEU A 1 53  ? 2.905   6.636   18.856  1.00 24.88 ? 57  LEU X CG  1 
ATOM   443  C CD1 . LEU A 1 53  ? 1.740   6.605   17.818  1.00 22.25 ? 57  LEU X CD1 1 
ATOM   444  C CD2 . LEU A 1 53  ? 2.724   5.532   19.818  1.00 30.39 ? 57  LEU X CD2 1 
ATOM   445  N N   . ALA A 1 54  ? 6.783   4.390   17.973  1.00 19.74 ? 58  ALA X N   1 
ATOM   446  C CA  . ALA A 1 54  ? 7.555   3.633   16.967  1.00 19.44 ? 58  ALA X CA  1 
ATOM   447  C C   . ALA A 1 54  ? 6.777   3.490   15.667  1.00 19.72 ? 58  ALA X C   1 
ATOM   448  O O   . ALA A 1 54  ? 5.555   3.479   15.652  1.00 19.04 ? 58  ALA X O   1 
ATOM   449  C CB  . ALA A 1 54  ? 7.972   2.320   17.491  1.00 19.80 ? 58  ALA X CB  1 
ATOM   450  N N   . CYS A 1 55  ? 7.514   3.453   14.558  1.00 19.75 ? 59  CYS X N   1 
ATOM   451  C CA  . CYS A 1 55  ? 6.961   3.514   13.228  1.00 19.85 ? 59  CYS X CA  1 
ATOM   452  C C   . CYS A 1 55  ? 7.808   2.545   12.379  1.00 19.25 ? 59  CYS X C   1 
ATOM   453  O O   . CYS A 1 55  ? 9.023   2.607   12.488  1.00 19.75 ? 59  CYS X O   1 
ATOM   454  C CB  . CYS A 1 55  ? 7.103   4.975   12.702  1.00 20.20 ? 59  CYS X CB  1 
ATOM   455  S SG  . CYS A 1 55  ? 6.410   5.434   11.143  1.00 27.76 ? 59  CYS X SG  1 
ATOM   456  N N   . SER A 1 56  ? 7.190   1.604   11.656  1.00 16.77 ? 60  SER X N   1 
ATOM   457  C CA  . SER A 1 56  ? 7.893   0.818   10.618  1.00 19.63 ? 60  SER X CA  1 
ATOM   458  C C   . SER A 1 56  ? 7.104   0.903   9.315   1.00 17.18 ? 60  SER X C   1 
ATOM   459  O O   . SER A 1 56  ? 5.903   0.896   9.337   1.00 16.79 ? 60  SER X O   1 
ATOM   460  C CB  . SER A 1 56  ? 8.101   -0.650  11.038  1.00 19.85 ? 60  SER X CB  1 
ATOM   461  O OG  . SER A 1 56  ? 6.893   -1.252  11.361  1.00 29.90 ? 60  SER X OG  1 
ATOM   462  N N   . SER A 1 57  ? 7.815   1.054   8.199   1.00 14.52 ? 61  SER X N   1 
ATOM   463  C CA  . SER A 1 57  ? 7.251   1.152   6.883   1.00 13.65 ? 61  SER X CA  1 
ATOM   464  C C   . SER A 1 57  ? 7.452   -0.147  6.151   1.00 13.09 ? 61  SER X C   1 
ATOM   465  O O   . SER A 1 57  ? 8.552   -0.745  6.262   1.00 15.06 ? 61  SER X O   1 
ATOM   466  C CB  . SER A 1 57  ? 7.945   2.244   6.095   1.00 13.78 ? 61  SER X CB  1 
ATOM   467  O OG  . SER A 1 57  ? 7.607   2.169   4.727   1.00 12.94 ? 61  SER X OG  1 
ATOM   468  N N   . SER A 1 58  ? 6.468   -0.587  5.348   1.00 12.42 ? 62  SER X N   1 
ATOM   469  C CA  . SER A 1 58  ? 6.630   -1.807  4.558   1.00 13.58 ? 62  SER X CA  1 
ATOM   470  C C   . SER A 1 58  ? 7.838   -1.644  3.579   1.00 13.91 ? 62  SER X C   1 
ATOM   471  O O   . SER A 1 58  ? 8.419   -2.635  3.139   1.00 14.62 ? 62  SER X O   1 
ATOM   472  C CB  . SER A 1 58  ? 5.372   -2.205  3.804   1.00 13.71 ? 62  SER X CB  1 
ATOM   473  O OG  . SER A 1 58  ? 4.938   -1.186  2.933   1.00 12.91 ? 62  SER X OG  1 
ATOM   474  N N   . GLY A 1 59  ? 8.183   -0.397  3.255   1.00 13.82 ? 63  GLY X N   1 
ATOM   475  C CA  . GLY A 1 59  ? 9.316   -0.113  2.396   1.00 14.33 ? 63  GLY X CA  1 
ATOM   476  C C   . GLY A 1 59  ? 10.653  -0.439  2.985   1.00 15.87 ? 63  GLY X C   1 
ATOM   477  O O   . GLY A 1 59  ? 11.666  -0.519  2.247   1.00 16.41 ? 63  GLY X O   1 
ATOM   478  N N   . GLU A 1 60  ? 10.689  -0.680  4.291   1.00 15.13 ? 64  GLU X N   1 
ATOM   479  C CA  . GLU A 1 60  ? 11.898  -1.105  4.981   1.00 16.09 ? 64  GLU X CA  1 
ATOM   480  C C   . GLU A 1 60  ? 12.015  -2.635  4.995   1.00 14.98 ? 64  GLU X C   1 
ATOM   481  O O   . GLU A 1 60  ? 12.944  -3.139  5.617   1.00 18.68 ? 64  GLU X O   1 
ATOM   482  C CB  . GLU A 1 60  ? 11.884  -0.575  6.427   1.00 17.44 ? 64  GLU X CB  1 
ATOM   483  C CG  . GLU A 1 60  ? 11.872  0.947   6.615   1.00 20.45 ? 64  GLU X CG  1 
ATOM   484  C CD  . GLU A 1 60  ? 11.724  1.380   8.081   1.00 27.47 ? 64  GLU X CD  1 
ATOM   485  O OE1 . GLU A 1 60  ? 10.588  1.543   8.612   1.00 23.74 ? 64  GLU X OE1 1 
ATOM   486  O OE2 . GLU A 1 60  ? 12.769  1.566   8.748   1.00 33.22 ? 64  GLU X OE2 1 
ATOM   487  N N   . PHE A 1 61  ? 11.083  -3.344  4.328   1.00 15.62 ? 65  PHE X N   1 
ATOM   488  C CA  . PHE A 1 61  ? 11.055  -4.813  4.202   1.00 16.22 ? 65  PHE X CA  1 
ATOM   489  C C   . PHE A 1 61  ? 11.049  -5.238  2.732   1.00 18.66 ? 65  PHE X C   1 
ATOM   490  O O   . PHE A 1 61  ? 11.779  -6.179  2.358   1.00 19.57 ? 65  PHE X O   1 
ATOM   491  C CB  . PHE A 1 61  ? 9.805   -5.406  4.867   1.00 15.93 ? 65  PHE X CB  1 
ATOM   492  C CG  . PHE A 1 61  ? 9.791   -5.301  6.378   1.00 14.32 ? 65  PHE X CG  1 
ATOM   493  C CD1 . PHE A 1 61  ? 9.571   -4.070  6.997   1.00 14.31 ? 65  PHE X CD1 1 
ATOM   494  C CD2 . PHE A 1 61  ? 9.968   -6.396  7.159   1.00 16.79 ? 65  PHE X CD2 1 
ATOM   495  C CE1 . PHE A 1 61  ? 9.551   -3.941  8.350   1.00 17.43 ? 65  PHE X CE1 1 
ATOM   496  C CE2 . PHE A 1 61  ? 9.963   -6.288  8.541   1.00 17.86 ? 65  PHE X CE2 1 
ATOM   497  C CZ  . PHE A 1 61  ? 9.744   -5.059  9.151   1.00 17.24 ? 65  PHE X CZ  1 
ATOM   498  N N   . VAL A 1 62  ? 10.191  -4.574  1.929   1.00 18.77 ? 66  VAL X N   1 
ATOM   499  C CA  . VAL A 1 62  ? 10.091  -4.731  0.473   1.00 21.03 ? 66  VAL X CA  1 
ATOM   500  C C   . VAL A 1 62  ? 10.183  -3.388  -0.137  1.00 20.45 ? 66  VAL X C   1 
ATOM   501  O O   . VAL A 1 62  ? 9.376   -2.508  0.189   1.00 21.50 ? 66  VAL X O   1 
ATOM   502  C CB  . VAL A 1 62  ? 8.734   -5.393  0.044   1.00 21.82 ? 66  VAL X CB  1 
ATOM   503  C CG1 . VAL A 1 62  ? 8.621   -5.462  -1.424  1.00 22.74 ? 66  VAL X CG1 1 
ATOM   504  C CG2 . VAL A 1 62  ? 8.589   -6.728  0.642   1.00 23.00 ? 66  VAL X CG2 1 
ATOM   505  N N   . SER A 1 63  ? 11.177  -3.155  -0.991  1.00 21.22 ? 67  SER X N   1 
ATOM   506  C CA  . SER A 1 63  ? 11.340  -1.830  -1.571  1.00 22.92 ? 67  SER X CA  1 
ATOM   507  C C   . SER A 1 63  ? 10.161  -1.554  -2.473  1.00 20.85 ? 67  SER X C   1 
ATOM   508  O O   . SER A 1 63  ? 9.783   -2.373  -3.307  1.00 21.30 ? 67  SER X O   1 
ATOM   509  C CB  . SER A 1 63  ? 12.637  -1.650  -2.394  1.00 24.41 ? 67  SER X CB  1 
ATOM   510  O OG  . SER A 1 63  ? 13.717  -2.423  -1.888  1.00 31.98 ? 67  SER X OG  1 
ATOM   511  N N   . SER A 1 64  ? 9.627   -0.358  -2.331  1.00 19.78 ? 68  SER X N   1 
ATOM   512  C CA  . SER A 1 64  ? 8.467   0.001   -3.074  1.00 18.74 ? 68  SER X CA  1 
ATOM   513  C C   . SER A 1 64  ? 8.276   1.465   -3.034  1.00 18.61 ? 68  SER X C   1 
ATOM   514  O O   . SER A 1 64  ? 8.920   2.175   -2.250  1.00 20.80 ? 68  SER X O   1 
ATOM   515  C CB  . SER A 1 64  ? 7.233   -0.734  -2.563  1.00 19.05 ? 68  SER X CB  1 
ATOM   516  O OG  . SER A 1 64  ? 6.972   -0.362  -1.233  1.00 21.03 ? 68  SER X OG  1 
ATOM   517  N N   . GLU A 1 65  ? 7.456   1.956   -3.930  1.00 17.92 ? 69  GLU X N   1 
ATOM   518  C CA  . GLU A 1 65  ? 7.094   3.371   -3.864  1.00 19.02 ? 69  GLU X CA  1 
ATOM   519  C C   . GLU A 1 65  ? 5.958   3.628   -2.869  1.00 17.91 ? 69  GLU X C   1 
ATOM   520  O O   . GLU A 1 65  ? 6.130   4.321   -1.853  1.00 18.43 ? 69  GLU X O   1 
ATOM   521  C CB  . GLU A 1 65  ? 6.784   3.920   -5.249  1.00 21.36 ? 69  GLU X CB  1 
ATOM   522  C CG  . GLU A 1 65  ? 8.029   3.996   -6.149  1.00 27.24 ? 69  GLU X CG  1 
ATOM   523  C CD  . GLU A 1 65  ? 9.312   4.489   -5.447  1.00 32.31 ? 69  GLU X CD  1 
ATOM   524  O OE1 . GLU A 1 65  ? 9.383   5.691   -5.069  1.00 36.71 ? 69  GLU X OE1 1 
ATOM   525  O OE2 . GLU A 1 65  ? 10.287  3.683   -5.287  1.00 32.45 ? 69  GLU X OE2 1 
ATOM   526  N N   . TYR A 1 66  ? 4.815   3.048   -3.149  1.00 15.81 ? 70  TYR X N   1 
ATOM   527  C CA  . TYR A 1 66  ? 3.688   3.018   -2.193  1.00 13.50 ? 70  TYR X CA  1 
ATOM   528  C C   . TYR A 1 66  ? 3.994   2.048   -1.065  1.00 13.57 ? 70  TYR X C   1 
ATOM   529  O O   . TYR A 1 66  ? 4.435   0.922   -1.273  1.00 13.70 ? 70  TYR X O   1 
ATOM   530  C CB  . TYR A 1 66  ? 2.376   2.685   -2.914  1.00 12.93 ? 70  TYR X CB  1 
ATOM   531  C CG  . TYR A 1 66  ? 2.092   3.767   -3.894  1.00 18.37 ? 70  TYR X CG  1 
ATOM   532  C CD1 . TYR A 1 66  ? 1.703   5.025   -3.481  1.00 25.20 ? 70  TYR X CD1 1 
ATOM   533  C CD2 . TYR A 1 66  ? 2.320   3.565   -5.242  1.00 21.96 ? 70  TYR X CD2 1 
ATOM   534  C CE1 . TYR A 1 66  ? 1.510   6.074   -4.441  1.00 26.01 ? 70  TYR X CE1 1 
ATOM   535  C CE2 . TYR A 1 66  ? 2.175   4.592   -6.181  1.00 25.86 ? 70  TYR X CE2 1 
ATOM   536  C CZ  . TYR A 1 66  ? 1.764   5.805   -5.787  1.00 26.31 ? 70  TYR X CZ  1 
ATOM   537  O OH  . TYR A 1 66  ? 1.638   6.753   -6.759  1.00 31.31 ? 70  TYR X OH  1 
ATOM   538  N N   . VAL A 1 67  ? 3.660   2.463   0.151   1.00 13.04 ? 71  VAL X N   1 
ATOM   539  C CA  . VAL A 1 67  ? 3.927   1.683   1.345   1.00 11.96 ? 71  VAL X CA  1 
ATOM   540  C C   . VAL A 1 67  ? 2.774   1.699   2.291   1.00 12.11 ? 71  VAL X C   1 
ATOM   541  O O   . VAL A 1 67  ? 1.907   2.549   2.221   1.00 13.87 ? 71  VAL X O   1 
ATOM   542  C CB  . VAL A 1 67  ? 5.224   2.157   2.081   1.00 13.19 ? 71  VAL X CB  1 
ATOM   543  C CG1 . VAL A 1 67  ? 6.400   2.022   1.218   1.00 11.93 ? 71  VAL X CG1 1 
ATOM   544  C CG2 . VAL A 1 67  ? 5.087   3.584   2.558   1.00 11.96 ? 71  VAL X CG2 1 
ATOM   545  N N   . ARG A 1 68  ? 2.743   0.730   3.190   1.00 12.67 ? 72  ARG X N   1 
ATOM   546  C CA  . ARG A 1 68  ? 1.890   0.846   4.380   1.00 11.33 ? 72  ARG X CA  1 
ATOM   547  C C   . ARG A 1 68  ? 2.762   0.984   5.605   1.00 11.64 ? 72  ARG X C   1 
ATOM   548  O O   . ARG A 1 68  ? 3.926   0.523   5.652   1.00 11.14 ? 72  ARG X O   1 
ATOM   549  C CB  . ARG A 1 68  ? 0.960   -0.361  4.532   1.00 10.27 ? 72  ARG X CB  1 
ATOM   550  C CG  . ARG A 1 68  ? 0.115   -0.681  3.356   1.00 11.75 ? 72  ARG X CG  1 
ATOM   551  C CD  . ARG A 1 68  ? -0.873  -1.840  3.538   1.00 12.77 ? 72  ARG X CD  1 
ATOM   552  N NE  . ARG A 1 68  ? -1.957  -1.490  4.450   1.00 12.72 ? 72  ARG X NE  1 
ATOM   553  C CZ  . ARG A 1 68  ? -2.935  -2.289  4.790   1.00 13.31 ? 72  ARG X CZ  1 
ATOM   554  N NH1 . ARG A 1 68  ? -2.939  -3.506  4.330   1.00 15.16 ? 72  ARG X NH1 1 
ATOM   555  N NH2 . ARG A 1 68  ? -3.953  -1.860  5.543   1.00 14.59 ? 72  ARG X NH2 1 
ATOM   556  N N   . VAL A 1 69  ? 2.241   1.673   6.620   1.00 12.02 ? 73  VAL X N   1 
ATOM   557  C CA  . VAL A 1 69  ? 3.018   1.965   7.786   1.00 11.71 ? 73  VAL X CA  1 
ATOM   558  C C   . VAL A 1 69  ? 2.340   1.412   8.993   1.00 12.08 ? 73  VAL X C   1 
ATOM   559  O O   . VAL A 1 69  ? 1.095   1.435   9.131   1.00 10.99 ? 73  VAL X O   1 
ATOM   560  C CB  . VAL A 1 69  ? 3.256   3.544   7.930   1.00 13.06 ? 73  VAL X CB  1 
ATOM   561  C CG1 . VAL A 1 69  ? 3.729   4.003   9.292   1.00 15.39 ? 73  VAL X CG1 1 
ATOM   562  C CG2 . VAL A 1 69  ? 4.229   4.083   6.850   1.00 16.20 ? 73  VAL X CG2 1 
ATOM   563  N N   . LEU A 1 70  ? 3.161   0.938   9.899   1.00 13.35 ? 74  LEU X N   1 
ATOM   564  C CA  . LEU A 1 70  ? 2.636   0.478   11.175  1.00 15.15 ? 74  LEU X CA  1 
ATOM   565  C C   . LEU A 1 70  ? 3.088   1.434   12.258  1.00 16.19 ? 74  LEU X C   1 
ATOM   566  O O   . LEU A 1 70  ? 4.274   1.760   12.379  1.00 15.38 ? 74  LEU X O   1 
ATOM   567  C CB  . LEU A 1 70  ? 3.144   -0.914  11.408  1.00 15.33 ? 74  LEU X CB  1 
ATOM   568  C CG  . LEU A 1 70  ? 2.468   -2.083  10.776  1.00 17.72 ? 74  LEU X CG  1 
ATOM   569  C CD1 . LEU A 1 70  ? 3.409   -3.264  10.832  1.00 19.20 ? 74  LEU X CD1 1 
ATOM   570  C CD2 . LEU A 1 70  ? 1.124   -2.248  11.610  1.00 16.02 ? 74  LEU X CD2 1 
ATOM   571  N N   . LEU A 1 71  ? 2.138   1.920   13.061  1.00 17.02 ? 75  LEU X N   1 
ATOM   572  C CA  . LEU A 1 71  ? 2.421   2.784   14.220  1.00 17.88 ? 75  LEU X CA  1 
ATOM   573  C C   . LEU A 1 71  ? 2.182   1.942   15.461  1.00 18.99 ? 75  LEU X C   1 
ATOM   574  O O   . LEU A 1 71  ? 1.153   1.285   15.510  1.00 17.66 ? 75  LEU X O   1 
ATOM   575  C CB  . LEU A 1 71  ? 1.485   3.996   14.174  1.00 18.17 ? 75  LEU X CB  1 
ATOM   576  C CG  . LEU A 1 71  ? 1.670   4.952   12.970  1.00 18.86 ? 75  LEU X CG  1 
ATOM   577  C CD1 . LEU A 1 71  ? 0.567   5.980   12.741  1.00 21.48 ? 75  LEU X CD1 1 
ATOM   578  C CD2 . LEU A 1 71  ? 2.936   5.693   13.108  1.00 22.36 ? 75  LEU X CD2 1 
ATOM   579  N N   . TYR A 1 72  ? 3.052   1.947   16.501  1.00 19.67 ? 76  TYR X N   1 
ATOM   580  C CA  . TYR A 1 72  ? 2.894   0.965   17.569  1.00 20.47 ? 76  TYR X CA  1 
ATOM   581  C C   . TYR A 1 72  ? 3.618   1.321   18.858  1.00 21.99 ? 76  TYR X C   1 
ATOM   582  O O   . TYR A 1 72  ? 4.544   2.129   18.833  1.00 22.71 ? 76  TYR X O   1 
ATOM   583  C CB  . TYR A 1 72  ? 3.282   -0.431  17.127  1.00 20.18 ? 76  TYR X CB  1 
ATOM   584  C CG  . TYR A 1 72  ? 4.650   -0.483  16.487  1.00 19.79 ? 76  TYR X CG  1 
ATOM   585  C CD1 . TYR A 1 72  ? 4.796   -0.221  15.146  1.00 19.00 ? 76  TYR X CD1 1 
ATOM   586  C CD2 . TYR A 1 72  ? 5.798   -0.763  17.227  1.00 20.31 ? 76  TYR X CD2 1 
ATOM   587  C CE1 . TYR A 1 72  ? 6.037   -0.210  14.541  1.00 20.88 ? 76  TYR X CE1 1 
ATOM   588  C CE2 . TYR A 1 72  ? 7.092   -0.772  16.584  1.00 19.26 ? 76  TYR X CE2 1 
ATOM   589  C CZ  . TYR A 1 72  ? 7.168   -0.518  15.254  1.00 20.04 ? 76  TYR X CZ  1 
ATOM   590  O OH  . TYR A 1 72  ? 8.408   -0.492  14.603  1.00 21.27 ? 76  TYR X OH  1 
ATOM   591  N N   . PRO A 1 73  ? 3.086   0.826   19.979  1.00 23.98 ? 77  PRO X N   1 
ATOM   592  C CA  . PRO A 1 73  ? 3.780   0.937   21.268  1.00 25.48 ? 77  PRO X CA  1 
ATOM   593  C C   . PRO A 1 73  ? 5.009   0.028   21.270  1.00 26.00 ? 77  PRO X C   1 
ATOM   594  O O   . PRO A 1 73  ? 5.073   -0.893  20.465  1.00 24.13 ? 77  PRO X O   1 
ATOM   595  C CB  . PRO A 1 73  ? 2.742   0.432   22.262  1.00 25.53 ? 77  PRO X CB  1 
ATOM   596  C CG  . PRO A 1 73  ? 1.460   0.540   21.544  1.00 27.06 ? 77  PRO X CG  1 
ATOM   597  C CD  . PRO A 1 73  ? 1.805   0.119   20.152  1.00 24.84 ? 77  PRO X CD  1 
ATOM   598  N N   . ASP A 1 74  ? 5.885   0.217   22.262  1.00 26.66 ? 78  ASP X N   1 
ATOM   599  C CA  . ASP A 1 74  ? 7.230   -0.389  22.274  1.00 27.09 ? 78  ASP X CA  1 
ATOM   600  C C   . ASP A 1 74  ? 7.279   -1.905  22.486  1.00 27.29 ? 78  ASP X C   1 
ATOM   601  O O   . ASP A 1 74  ? 8.207   -2.587  21.965  1.00 28.23 ? 78  ASP X O   1 
ATOM   602  C CB  . ASP A 1 74  ? 8.106   0.302   23.294  1.00 28.95 ? 78  ASP X CB  1 
ATOM   603  C CG  . ASP A 1 74  ? 8.407   1.760   22.934  1.00 31.63 ? 78  ASP X CG  1 
ATOM   604  O OD1 . ASP A 1 74  ? 8.410   2.147   21.727  1.00 33.78 ? 78  ASP X OD1 1 
ATOM   605  O OD2 . ASP A 1 74  ? 8.639   2.610   23.817  1.00 37.60 ? 78  ASP X OD2 1 
ATOM   606  N N   . TYR A 1 75  ? 6.280   -2.441  23.164  1.00 26.10 ? 79  TYR X N   1 
ATOM   607  C CA  . TYR A 1 75  ? 6.185   -3.869  23.317  1.00 26.61 ? 79  TYR X CA  1 
ATOM   608  C C   . TYR A 1 75  ? 6.168   -4.606  21.942  1.00 25.75 ? 79  TYR X C   1 
ATOM   609  O O   . TYR A 1 75  ? 6.607   -5.748  21.848  1.00 26.64 ? 79  TYR X O   1 
ATOM   610  C CB  . TYR A 1 75  ? 4.968   -4.231  24.164  1.00 26.87 ? 79  TYR X CB  1 
ATOM   611  C CG  . TYR A 1 75  ? 3.625   -4.077  23.479  1.00 27.13 ? 79  TYR X CG  1 
ATOM   612  C CD1 . TYR A 1 75  ? 2.907   -2.883  23.582  1.00 31.22 ? 79  TYR X CD1 1 
ATOM   613  C CD2 . TYR A 1 75  ? 3.057   -5.133  22.788  1.00 28.27 ? 79  TYR X CD2 1 
ATOM   614  C CE1 . TYR A 1 75  ? 1.678   -2.726  22.943  1.00 30.81 ? 79  TYR X CE1 1 
ATOM   615  C CE2 . TYR A 1 75  ? 1.802   -5.000  22.153  1.00 30.36 ? 79  TYR X CE2 1 
ATOM   616  C CZ  . TYR A 1 75  ? 1.125   -3.788  22.251  1.00 30.18 ? 79  TYR X CZ  1 
ATOM   617  O OH  . TYR A 1 75  ? -0.095  -3.666  21.654  1.00 33.72 ? 79  TYR X OH  1 
ATOM   618  N N   . PHE A 1 76  ? 5.694   -3.960  20.879  1.00 24.20 ? 80  PHE X N   1 
ATOM   619  C CA  . PHE A 1 76  ? 5.447   -4.663  19.608  1.00 24.38 ? 80  PHE X CA  1 
ATOM   620  C C   . PHE A 1 76  ? 6.746   -4.626  18.742  1.00 25.14 ? 80  PHE X C   1 
ATOM   621  O O   . PHE A 1 76  ? 7.262   -3.590  18.535  1.00 22.59 ? 80  PHE X O   1 
ATOM   622  C CB  . PHE A 1 76  ? 4.252   -3.973  18.916  1.00 24.23 ? 80  PHE X CB  1 
ATOM   623  C CG  . PHE A 1 76  ? 3.685   -4.726  17.726  1.00 23.66 ? 80  PHE X CG  1 
ATOM   624  C CD1 . PHE A 1 76  ? 2.828   -5.804  17.910  1.00 22.32 ? 80  PHE X CD1 1 
ATOM   625  C CD2 . PHE A 1 76  ? 3.941   -4.303  16.441  1.00 24.10 ? 80  PHE X CD2 1 
ATOM   626  C CE1 . PHE A 1 76  ? 2.273   -6.468  16.846  1.00 24.93 ? 80  PHE X CE1 1 
ATOM   627  C CE2 . PHE A 1 76  ? 3.378   -4.968  15.343  1.00 24.89 ? 80  PHE X CE2 1 
ATOM   628  C CZ  . PHE A 1 76  ? 2.563   -6.071  15.550  1.00 23.70 ? 80  PHE X CZ  1 
ATOM   629  N N   . GLN A 1 77  ? 7.338   -5.678  18.172  1.00 28.42 ? 81  GLN X N   1 
ATOM   630  C CA  . GLN A 1 77  ? 6.871   -6.934  17.693  1.00 29.20 ? 81  GLN X CA  1 
ATOM   631  C C   . GLN A 1 77  ? 6.945   -7.033  16.107  1.00 28.00 ? 81  GLN X C   1 
ATOM   632  O O   . GLN A 1 77  ? 6.804   -8.112  15.679  1.00 30.29 ? 81  GLN X O   1 
ATOM   633  C CB  . GLN A 1 77  ? 5.504   -7.387  18.257  1.00 30.80 ? 81  GLN X CB  1 
ATOM   634  C CG  . GLN A 1 77  ? 5.544   -8.316  19.457  1.00 30.74 ? 81  GLN X CG  1 
ATOM   635  C CD  . GLN A 1 77  ? 4.199   -8.519  20.128  1.00 37.14 ? 81  GLN X CD  1 
ATOM   636  O OE1 . GLN A 1 77  ? 3.262   -9.065  19.525  1.00 38.68 ? 81  GLN X OE1 1 
ATOM   637  N NE2 . GLN A 1 77  ? 4.094   -8.081  21.390  1.00 39.57 ? 81  GLN X NE2 1 
ATOM   638  N N   . PRO A 1 78  ? 7.180   -6.004  15.255  1.00 27.55 ? 82  PRO X N   1 
ATOM   639  C CA  . PRO A 1 78  ? 6.618   -6.069  13.877  1.00 25.70 ? 82  PRO X CA  1 
ATOM   640  C C   . PRO A 1 78  ? 7.292   -7.109  12.967  1.00 24.54 ? 82  PRO X C   1 
ATOM   641  O O   . PRO A 1 78  ? 8.518   -7.225  13.000  1.00 23.82 ? 82  PRO X O   1 
ATOM   642  C CB  . PRO A 1 78  ? 6.830   -4.673  13.312  1.00 26.87 ? 82  PRO X CB  1 
ATOM   643  C CG  . PRO A 1 78  ? 7.384   -3.838  14.577  1.00 27.51 ? 82  PRO X CG  1 
ATOM   644  C CD  . PRO A 1 78  ? 8.037   -4.827  15.398  1.00 28.62 ? 82  PRO X CD  1 
ATOM   645  N N   . GLU A 1 79  ? 6.489   -7.849  12.202  1.00 21.86 ? 83  GLU X N   1 
ATOM   646  C CA  . GLU A 1 79  ? 6.959   -8.761  11.183  1.00 22.07 ? 83  GLU X CA  1 
ATOM   647  C C   . GLU A 1 79  ? 6.288   -8.343  9.875   1.00 18.99 ? 83  GLU X C   1 
ATOM   648  O O   . GLU A 1 79  ? 5.277   -7.621  9.908   1.00 17.76 ? 83  GLU X O   1 
ATOM   649  C CB  . GLU A 1 79  ? 6.599   -10.229 11.501  1.00 22.65 ? 83  GLU X CB  1 
ATOM   650  C CG  . GLU A 1 79  ? 7.533   -10.921 12.487  1.00 30.22 ? 83  GLU X CG  1 
ATOM   651  C CD  . GLU A 1 79  ? 7.420   -12.430 12.403  1.00 36.60 ? 83  GLU X CD  1 
ATOM   652  O OE1 . GLU A 1 79  ? 6.276   -12.922 12.305  1.00 38.87 ? 83  GLU X OE1 1 
ATOM   653  O OE2 . GLU A 1 79  ? 8.476   -13.128 12.407  1.00 43.34 ? 83  GLU X OE2 1 
ATOM   654  N N   . PHE A 1 80  ? 6.830   -8.772  8.729   1.00 17.14 ? 84  PHE X N   1 
ATOM   655  C CA  . PHE A 1 80  ? 6.280   -8.310  7.459   1.00 16.79 ? 84  PHE X CA  1 
ATOM   656  C C   . PHE A 1 80  ? 4.786   -8.647  7.321   1.00 16.76 ? 84  PHE X C   1 
ATOM   657  O O   . PHE A 1 80  ? 3.987   -7.888  6.753   1.00 15.11 ? 84  PHE X O   1 
ATOM   658  C CB  . PHE A 1 80  ? 7.028   -8.917  6.291   1.00 15.43 ? 84  PHE X CB  1 
ATOM   659  C CG  . PHE A 1 80  ? 6.547   -8.425  4.989   1.00 17.38 ? 84  PHE X CG  1 
ATOM   660  C CD1 . PHE A 1 80  ? 6.660   -7.075  4.663   1.00 19.16 ? 84  PHE X CD1 1 
ATOM   661  C CD2 . PHE A 1 80  ? 5.892   -9.267  4.128   1.00 20.01 ? 84  PHE X CD2 1 
ATOM   662  C CE1 . PHE A 1 80  ? 6.202   -6.625  3.456   1.00 17.57 ? 84  PHE X CE1 1 
ATOM   663  C CE2 . PHE A 1 80  ? 5.442   -8.801  2.918   1.00 22.20 ? 84  PHE X CE2 1 
ATOM   664  C CZ  . PHE A 1 80  ? 5.592   -7.478  2.590   1.00 20.85 ? 84  PHE X CZ  1 
ATOM   665  N N   . SER A 1 81  ? 4.363   -9.796  7.875   1.00 17.62 ? 85  SER X N   1 
ATOM   666  C CA  . SER A 1 81  ? 2.969   -10.150 7.818   1.00 17.65 ? 85  SER X CA  1 
ATOM   667  C C   . SER A 1 81  ? 2.013   -9.106  8.469   1.00 16.63 ? 85  SER X C   1 
ATOM   668  O O   . SER A 1 81  ? 0.853   -9.023  8.074   1.00 17.03 ? 85  SER X O   1 
ATOM   669  C CB  . SER A 1 81  ? 2.729   -11.567 8.378   1.00 18.91 ? 85  SER X CB  1 
ATOM   670  O OG  . SER A 1 81  ? 3.021   -11.624 9.734   1.00 22.33 ? 85  SER X OG  1 
ATOM   671  N N   . ASP A 1 82  ? 2.506   -8.333  9.453   1.00 17.78 ? 86  ASP X N   1 
ATOM   672  C CA  . ASP A 1 82  ? 1.724   -7.314  10.142  1.00 16.59 ? 86  ASP X CA  1 
ATOM   673  C C   . ASP A 1 82  ? 1.321   -6.158  9.182   1.00 16.46 ? 86  ASP X C   1 
ATOM   674  O O   . ASP A 1 82  ? 0.428   -5.404  9.483   1.00 15.92 ? 86  ASP X O   1 
ATOM   675  C CB  . ASP A 1 82  ? 2.511   -6.761  11.308  1.00 16.09 ? 86  ASP X CB  1 
ATOM   676  C CG  . ASP A 1 82  ? 2.709   -7.772  12.405  1.00 19.64 ? 86  ASP X CG  1 
ATOM   677  O OD1 . ASP A 1 82  ? 1.737   -8.490  12.709  1.00 24.08 ? 86  ASP X OD1 1 
ATOM   678  O OD2 . ASP A 1 82  ? 3.785   -7.845  13.040  1.00 20.72 ? 86  ASP X OD2 1 
ATOM   679  N N   . PHE A 1 83  ? 1.989   -6.029  8.020   1.00 14.92 ? 87  PHE X N   1 
ATOM   680  C CA  . PHE A 1 83  ? 1.543   -5.043  7.025   1.00 13.91 ? 87  PHE X CA  1 
ATOM   681  C C   . PHE A 1 83  ? 0.366   -5.473  6.111   1.00 14.34 ? 87  PHE X C   1 
ATOM   682  O O   . PHE A 1 83  ? -0.244  -4.649  5.356   1.00 14.13 ? 87  PHE X O   1 
ATOM   683  C CB  . PHE A 1 83  ? 2.710   -4.608  6.111   1.00 14.93 ? 87  PHE X CB  1 
ATOM   684  C CG  . PHE A 1 83  ? 3.835   -3.940  6.827   1.00 14.76 ? 87  PHE X CG  1 
ATOM   685  C CD1 . PHE A 1 83  ? 3.756   -2.607  7.184   1.00 13.43 ? 87  PHE X CD1 1 
ATOM   686  C CD2 . PHE A 1 83  ? 4.993   -4.643  7.166   1.00 13.80 ? 87  PHE X CD2 1 
ATOM   687  C CE1 . PHE A 1 83  ? 4.762   -1.990  7.838   1.00 13.21 ? 87  PHE X CE1 1 
ATOM   688  C CE2 . PHE A 1 83  ? 6.036   -3.998  7.848   1.00 14.56 ? 87  PHE X CE2 1 
ATOM   689  C CZ  . PHE A 1 83  ? 5.916   -2.643  8.160   1.00 13.84 ? 87  PHE X CZ  1 
ATOM   690  N N   . GLU A 1 84  ? 0.016   -6.746  6.182   1.00 14.99 ? 88  GLU X N   1 
ATOM   691  C CA  . GLU A 1 84  ? -1.173  -7.263  5.480   1.00 14.80 ? 88  GLU X CA  1 
ATOM   692  C C   . GLU A 1 84  ? -1.102  -6.915  3.980   1.00 15.61 ? 88  GLU X C   1 
ATOM   693  O O   . GLU A 1 84  ? -2.067  -6.389  3.400   1.00 17.30 ? 88  GLU X O   1 
ATOM   694  C CB  . GLU A 1 84  ? -2.454  -6.744  6.151   1.00 16.16 ? 88  GLU X CB  1 
ATOM   695  C CG  . GLU A 1 84  ? -2.670  -7.287  7.559   1.00 20.28 ? 88  GLU X CG  1 
ATOM   696  C CD  . GLU A 1 84  ? -3.950  -6.877  8.238   1.00 21.82 ? 88  GLU X CD  1 
ATOM   697  O OE1 . GLU A 1 84  ? -4.885  -6.367  7.604   1.00 21.41 ? 88  GLU X OE1 1 
ATOM   698  O OE2 . GLU A 1 84  ? -4.016  -7.041  9.483   1.00 27.94 ? 88  GLU X OE2 1 
ATOM   699  N N   . ILE A 1 85  ? 0.058   -7.178  3.375   1.00 15.69 ? 89  ILE X N   1 
ATOM   700  C CA  . ILE A 1 85  ? 0.278   -6.938  1.936   1.00 15.53 ? 89  ILE X CA  1 
ATOM   701  C C   . ILE A 1 85  ? 0.464   -8.255  1.228   1.00 17.57 ? 89  ILE X C   1 
ATOM   702  O O   . ILE A 1 85  ? 1.245   -9.099  1.695   1.00 18.22 ? 89  ILE X O   1 
ATOM   703  C CB  . ILE A 1 85  ? 1.512   -6.008  1.689   1.00 14.57 ? 89  ILE X CB  1 
ATOM   704  C CG1 . ILE A 1 85  ? 1.262   -4.610  2.300   1.00 16.95 ? 89  ILE X CG1 1 
ATOM   705  C CG2 . ILE A 1 85  ? 1.723   -5.782  0.185   1.00 17.82 ? 89  ILE X CG2 1 
ATOM   706  C CD1 . ILE A 1 85  ? 2.520   -3.778  2.412   1.00 18.31 ? 89  ILE X CD1 1 
ATOM   707  N N   . SER A 1 86  ? -0.251  -8.429  0.107   1.00 17.57 ? 90  SER X N   1 
ATOM   708  C CA  . SER A 1 86  ? -0.169  -9.638  -0.728  1.00 18.72 ? 90  SER X CA  1 
ATOM   709  C C   . SER A 1 86  ? 0.478   -9.223  -2.061  1.00 17.98 ? 90  SER X C   1 
ATOM   710  O O   . SER A 1 86  ? 0.217   -8.114  -2.556  1.00 18.25 ? 90  SER X O   1 
ATOM   711  C CB  . SER A 1 86  ? -1.583  -10.138 -0.982  1.00 19.28 ? 90  SER X CB  1 
ATOM   712  O OG  . SER A 1 86  ? -1.659  -11.382 -1.653  1.00 23.21 ? 90  SER X OG  1 
ATOM   713  N N   . LEU A 1 87  ? 1.340   -10.053 -2.635  1.00 17.44 ? 91  LEU X N   1 
ATOM   714  C CA  . LEU A 1 87  ? 1.794   -9.794  -3.987  1.00 17.86 ? 91  LEU X CA  1 
ATOM   715  C C   . LEU A 1 87  ? 0.939   -10.666 -4.889  1.00 19.31 ? 91  LEU X C   1 
ATOM   716  O O   . LEU A 1 87  ? 0.890   -11.883 -4.685  1.00 19.37 ? 91  LEU X O   1 
ATOM   717  C CB  . LEU A 1 87  ? 3.265   -10.133 -4.198  1.00 18.97 ? 91  LEU X CB  1 
ATOM   718  C CG  . LEU A 1 87  ? 3.991   -9.897  -5.523  1.00 19.45 ? 91  LEU X CG  1 
ATOM   719  C CD1 . LEU A 1 87  ? 4.096   -8.489  -5.974  1.00 19.72 ? 91  LEU X CD1 1 
ATOM   720  C CD2 . LEU A 1 87  ? 5.399   -10.528 -5.484  1.00 21.10 ? 91  LEU X CD2 1 
ATOM   721  N N   . GLN A 1 88  ? 0.340   -10.076 -5.920  1.00 19.04 ? 92  GLN X N   1 
ATOM   722  C CA  . GLN A 1 88  ? -0.431  -10.838 -6.898  1.00 19.32 ? 92  GLN X CA  1 
ATOM   723  C C   . GLN A 1 88  ? 0.216   -10.723 -8.259  1.00 20.58 ? 92  GLN X C   1 
ATOM   724  O O   . GLN A 1 88  ? 0.415   -9.623  -8.771  1.00 19.57 ? 92  GLN X O   1 
ATOM   725  C CB  . GLN A 1 88  ? -1.893  -10.323 -6.980  1.00 18.40 ? 92  GLN X CB  1 
ATOM   726  C CG  . GLN A 1 88  ? -2.667  -10.496 -5.679  1.00 19.58 ? 92  GLN X CG  1 
ATOM   727  C CD  . GLN A 1 88  ? -2.934  -11.944 -5.348  1.00 19.94 ? 92  GLN X CD  1 
ATOM   728  O OE1 . GLN A 1 88  ? -3.537  -12.683 -6.149  1.00 24.74 ? 92  GLN X OE1 1 
ATOM   729  N NE2 . GLN A 1 88  ? -2.517  -12.365 -4.147  1.00 24.41 ? 92  GLN X NE2 1 
ATOM   730  N N   . GLU A 1 89  ? 0.530   -11.885 -8.837  1.00 21.10 ? 93  GLU X N   1 
ATOM   731  C CA  . GLU A 1 89  ? 0.891   -11.954 -10.245 1.00 21.98 ? 93  GLU X CA  1 
ATOM   732  C C   . GLU A 1 89  ? -0.349  -11.851 -11.100 1.00 21.54 ? 93  GLU X C   1 
ATOM   733  O O   . GLU A 1 89  ? -1.357  -12.520 -10.841 1.00 20.45 ? 93  GLU X O   1 
ATOM   734  C CB  . GLU A 1 89  ? 1.544   -13.282 -10.586 1.00 22.78 ? 93  GLU X CB  1 
ATOM   735  C CG  . GLU A 1 89  ? 2.127   -13.264 -11.983 1.00 27.05 ? 93  GLU X CG  1 
ATOM   736  C CD  . GLU A 1 89  ? 3.606   -12.955 -12.027 1.00 31.55 ? 93  GLU X CD  1 
ATOM   737  O OE1 . GLU A 1 89  ? 4.303   -13.128 -10.998 1.00 32.51 ? 93  GLU X OE1 1 
ATOM   738  O OE2 . GLU A 1 89  ? 4.060   -12.569 -13.127 1.00 36.28 ? 93  GLU X OE2 1 
ATOM   739  N N   . ILE A 1 90  ? -0.257  -11.025 -12.133 1.00 22.22 ? 94  ILE X N   1 
ATOM   740  C CA  . ILE A 1 90  ? -1.363  -10.832 -13.082 1.00 22.30 ? 94  ILE X CA  1 
ATOM   741  C C   . ILE A 1 90  ? -1.012  -11.771 -14.214 1.00 23.61 ? 94  ILE X C   1 
ATOM   742  O O   . ILE A 1 90  ? -0.250  -11.391 -15.104 1.00 22.32 ? 94  ILE X O   1 
ATOM   743  C CB  . ILE A 1 90  ? -1.483  -9.372  -13.553 1.00 22.95 ? 94  ILE X CB  1 
ATOM   744  C CG1 . ILE A 1 90  ? -1.772  -8.435  -12.364 1.00 23.02 ? 94  ILE X CG1 1 
ATOM   745  C CG2 . ILE A 1 90  ? -2.642  -9.216  -14.531 1.00 22.04 ? 94  ILE X CG2 1 
ATOM   746  C CD1 . ILE A 1 90  ? -1.768  -6.943  -12.655 1.00 24.24 ? 94  ILE X CD1 1 
ATOM   747  N N   . VAL A 1 91  ? -1.508  -13.009 -14.107 1.00 24.68 ? 95  VAL X N   1 
ATOM   748  C CA  . VAL A 1 91  ? -1.221  -14.081 -15.056 1.00 25.71 ? 95  VAL X CA  1 
ATOM   749  C C   . VAL A 1 91  ? -2.022  -13.868 -16.363 1.00 28.54 ? 95  VAL X C   1 
ATOM   750  O O   . VAL A 1 91  ? -3.250  -13.923 -16.394 1.00 25.67 ? 95  VAL X O   1 
ATOM   751  C CB  . VAL A 1 91  ? -1.444  -15.524 -14.465 1.00 25.51 ? 95  VAL X CB  1 
ATOM   752  C CG1 . VAL A 1 91  ? -1.051  -16.578 -15.458 1.00 26.91 ? 95  VAL X CG1 1 
ATOM   753  C CG2 . VAL A 1 91  ? -0.593  -15.717 -13.164 1.00 26.35 ? 95  VAL X CG2 1 
ATOM   754  N N   . TYR A 1 92  ? -1.217  -13.711 -17.407 1.00 31.64 ? 96  TYR X N   1 
ATOM   755  C CA  . TYR A 1 92  ? -1.479  -13.141 -18.697 1.00 35.89 ? 96  TYR X CA  1 
ATOM   756  C C   . TYR A 1 92  ? -1.419  -11.618 -18.886 1.00 37.90 ? 96  TYR X C   1 
ATOM   757  O O   . TYR A 1 92  ? -2.405  -11.002 -19.285 1.00 39.79 ? 96  TYR X O   1 
ATOM   758  C CB  . TYR A 1 92  ? -2.653  -13.745 -19.374 1.00 36.30 ? 96  TYR X CB  1 
ATOM   759  C CG  . TYR A 1 92  ? -2.199  -14.215 -20.735 1.00 38.36 ? 96  TYR X CG  1 
ATOM   760  C CD1 . TYR A 1 92  ? -1.405  -15.323 -20.849 1.00 41.23 ? 96  TYR X CD1 1 
ATOM   761  C CD2 . TYR A 1 92  ? -2.517  -13.499 -21.890 1.00 42.93 ? 96  TYR X CD2 1 
ATOM   762  C CE1 . TYR A 1 92  ? -0.966  -15.757 -22.049 1.00 41.44 ? 96  TYR X CE1 1 
ATOM   763  C CE2 . TYR A 1 92  ? -2.097  -13.948 -23.138 1.00 42.67 ? 96  TYR X CE2 1 
ATOM   764  C CZ  . TYR A 1 92  ? -1.320  -15.074 -23.196 1.00 42.44 ? 96  TYR X CZ  1 
ATOM   765  O OH  . TYR A 1 92  ? -0.898  -15.532 -24.385 1.00 42.46 ? 96  TYR X OH  1 
ATOM   766  N N   . SER A 1 93  ? -0.241  -11.068 -18.582 1.00 39.45 ? 97  SER X N   1 
ATOM   767  C CA  . SER A 1 93  ? 0.220   -9.746  -19.023 1.00 40.66 ? 97  SER X CA  1 
ATOM   768  C C   . SER A 1 93  ? -0.673  -8.593  -18.587 1.00 43.20 ? 97  SER X C   1 
ATOM   769  O O   . SER A 1 93  ? -1.662  -8.769  -17.868 1.00 44.44 ? 97  SER X O   1 
ATOM   770  C CB  . SER A 1 93  ? 0.436   -9.673  -20.567 1.00 40.59 ? 97  SER X CB  1 
ATOM   771  O OG  A SER A 1 93  ? -0.399  -10.689 -21.113 0.50 38.60 ? 97  SER X OG  1 
ATOM   772  O OG  B SER A 1 93  ? 1.352   -8.578  -20.691 0.50 39.00 ? 97  SER X OG  1 
ATOM   773  N N   . ASN A 1 94  ? -0.280  -7.384  -18.967 1.00 44.73 ? 98  ASN X N   1 
ATOM   774  C CA  . ASN A 1 94  ? -1.268  -6.344  -19.102 1.00 45.81 ? 98  ASN X CA  1 
ATOM   775  C C   . ASN A 1 94  ? -1.493  -6.190  -20.588 1.00 45.72 ? 98  ASN X C   1 
ATOM   776  O O   . ASN A 1 94  ? -2.416  -6.821  -21.097 1.00 46.29 ? 98  ASN X O   1 
ATOM   777  C CB  . ASN A 1 94  ? -0.967  -5.032  -18.343 1.00 46.48 ? 98  ASN X CB  1 
ATOM   778  C CG  . ASN A 1 94  ? -0.115  -5.250  -17.066 1.00 50.05 ? 98  ASN X CG  1 
ATOM   779  O OD1 . ASN A 1 94  ? 0.516   -6.304  -16.906 1.00 54.89 ? 98  ASN X OD1 1 
ATOM   780  N ND2 . ASN A 1 94  ? -0.122  -4.263  -16.144 1.00 51.14 ? 98  ASN X ND2 1 
ATOM   781  N N   . LYS A 1 95  ? -0.600  -5.527  -21.334 1.00 44.71 ? 99  LYS X N   1 
ATOM   782  C CA  . LYS A 1 95  ? 0.790   -5.320  -21.003 1.00 43.14 ? 99  LYS X CA  1 
ATOM   783  C C   . LYS A 1 95  ? 1.101   -4.059  -20.153 1.00 41.09 ? 99  LYS X C   1 
ATOM   784  O O   . LYS A 1 95  ? 1.995   -4.121  -19.361 1.00 40.40 ? 99  LYS X O   1 
ATOM   785  C CB  . LYS A 1 95  ? 1.617   -5.306  -22.311 1.00 44.04 ? 99  LYS X CB  1 
ATOM   786  C CG  . LYS A 1 95  ? 1.284   -6.426  -23.275 1.00 44.13 ? 99  LYS X CG  1 
ATOM   787  C CD  . LYS A 1 95  ? 2.439   -6.754  -24.232 1.00 47.35 ? 99  LYS X CD  1 
ATOM   788  C CE  . LYS A 1 95  ? 3.432   -7.789  -23.651 1.00 46.08 ? 99  LYS X CE  1 
ATOM   789  N NZ  . LYS A 1 95  ? 4.816   -7.281  -23.504 1.00 48.29 ? 99  LYS X NZ  1 
ATOM   790  N N   . PHE A 1 96  ? 0.339   -2.959  -20.267 1.00 40.15 ? 100 PHE X N   1 
ATOM   791  C CA  . PHE A 1 96  ? 0.774   -1.639  -19.731 1.00 39.27 ? 100 PHE X CA  1 
ATOM   792  C C   . PHE A 1 96  ? 0.572   -1.485  -18.202 1.00 37.32 ? 100 PHE X C   1 
ATOM   793  O O   . PHE A 1 96  ? -0.395  -2.003  -17.664 1.00 36.33 ? 100 PHE X O   1 
ATOM   794  C CB  . PHE A 1 96  ? 0.011   -0.478  -20.413 1.00 39.55 ? 100 PHE X CB  1 
ATOM   795  C CG  . PHE A 1 96  ? 0.372   -0.226  -21.878 1.00 43.39 ? 100 PHE X CG  1 
ATOM   796  C CD1 . PHE A 1 96  ? 0.854   -1.242  -22.710 1.00 47.17 ? 100 PHE X CD1 1 
ATOM   797  C CD2 . PHE A 1 96  ? 0.174   1.050   -22.429 1.00 46.18 ? 100 PHE X CD2 1 
ATOM   798  C CE1 . PHE A 1 96  ? 1.152   -0.987  -24.077 1.00 49.65 ? 100 PHE X CE1 1 
ATOM   799  C CE2 . PHE A 1 96  ? 0.468   1.323   -23.795 1.00 47.87 ? 100 PHE X CE2 1 
ATOM   800  C CZ  . PHE A 1 96  ? 0.954   0.301   -24.615 1.00 49.68 ? 100 PHE X CZ  1 
ATOM   801  N N   . GLU A 1 97  ? 1.462   -0.748  -17.508 1.00 35.69 ? 101 GLU X N   1 
ATOM   802  C CA  . GLU A 1 97  ? 1.119   -0.215  -16.163 1.00 33.75 ? 101 GLU X CA  1 
ATOM   803  C C   . GLU A 1 97  ? -0.110  0.692   -16.243 1.00 32.96 ? 101 GLU X C   1 
ATOM   804  O O   . GLU A 1 97  ? -0.953  0.620   -15.389 1.00 31.02 ? 101 GLU X O   1 
ATOM   805  C CB  . GLU A 1 97  ? 2.299   0.517   -15.439 1.00 34.72 ? 101 GLU X CB  1 
ATOM   806  C CG  . GLU A 1 97  ? 1.939   1.798   -14.640 1.00 33.89 ? 101 GLU X CG  1 
ATOM   807  C CD  . GLU A 1 97  ? 2.108   1.695   -13.140 1.00 35.56 ? 101 GLU X CD  1 
ATOM   808  O OE1 . GLU A 1 97  ? 2.874   0.836   -12.689 1.00 37.40 ? 101 GLU X OE1 1 
ATOM   809  O OE2 . GLU A 1 97  ? 1.463   2.468   -12.391 1.00 33.17 ? 101 GLU X OE2 1 
ATOM   810  N N   . TYR A 1 98  ? -0.229  1.528   -17.274 1.00 31.62 ? 102 TYR X N   1 
ATOM   811  C CA  . TYR A 1 98  ? -1.351  2.451   -17.391 1.00 32.49 ? 102 TYR X CA  1 
ATOM   812  C C   . TYR A 1 98  ? -2.681  1.722   -17.525 1.00 30.70 ? 102 TYR X C   1 
ATOM   813  O O   . TYR A 1 98  ? -3.693  2.149   -17.008 1.00 29.19 ? 102 TYR X O   1 
ATOM   814  C CB  . TYR A 1 98  ? -1.215  3.339   -18.647 1.00 33.64 ? 102 TYR X CB  1 
ATOM   815  C CG  . TYR A 1 98  ? -0.069  4.340   -18.599 1.00 40.09 ? 102 TYR X CG  1 
ATOM   816  C CD1 . TYR A 1 98  ? 1.268   3.925   -18.446 1.00 43.75 ? 102 TYR X CD1 1 
ATOM   817  C CD2 . TYR A 1 98  ? -0.319  5.713   -18.747 1.00 43.78 ? 102 TYR X CD2 1 
ATOM   818  C CE1 . TYR A 1 98  ? 2.311   4.860   -18.406 1.00 46.34 ? 102 TYR X CE1 1 
ATOM   819  C CE2 . TYR A 1 98  ? 0.711   6.640   -18.713 1.00 46.98 ? 102 TYR X CE2 1 
ATOM   820  C CZ  . TYR A 1 98  ? 2.025   6.214   -18.550 1.00 47.99 ? 102 TYR X CZ  1 
ATOM   821  O OH  . TYR A 1 98  ? 3.037   7.163   -18.514 1.00 50.58 ? 102 TYR X OH  1 
ATOM   822  N N   . LEU A 1 99  ? -2.657  0.654   -18.309 1.00 30.29 ? 103 LEU X N   1 
ATOM   823  C CA  . LEU A 1 99  ? -3.866  -0.078  -18.653 1.00 29.76 ? 103 LEU X CA  1 
ATOM   824  C C   . LEU A 1 99  ? -4.317  -0.825  -17.400 1.00 26.73 ? 103 LEU X C   1 
ATOM   825  O O   . LEU A 1 99  ? -5.463  -0.820  -17.097 1.00 27.06 ? 103 LEU X O   1 
ATOM   826  C CB  . LEU A 1 99  ? -3.616  -1.102  -19.771 1.00 31.54 ? 103 LEU X CB  1 
ATOM   827  C CG  . LEU A 1 99  ? -3.652  -0.743  -21.272 1.00 35.59 ? 103 LEU X CG  1 
ATOM   828  C CD1 . LEU A 1 99  ? -3.957  -2.057  -22.039 1.00 37.91 ? 103 LEU X CD1 1 
ATOM   829  C CD2 . LEU A 1 99  ? -4.645  0.345   -21.661 1.00 38.90 ? 103 LEU X CD2 1 
ATOM   830  N N   . THR A 1 100 ? -3.389  -1.423  -16.669 1.00 25.25 ? 104 THR X N   1 
ATOM   831  C CA  . THR A 1 100 ? -3.717  -2.158  -15.420 1.00 23.90 ? 104 THR X CA  1 
ATOM   832  C C   . THR A 1 100 ? -4.307  -1.211  -14.387 1.00 23.57 ? 104 THR X C   1 
ATOM   833  O O   . THR A 1 100 ? -5.374  -1.444  -13.818 1.00 23.69 ? 104 THR X O   1 
ATOM   834  C CB  . THR A 1 100 ? -2.464  -2.804  -14.858 1.00 22.29 ? 104 THR X CB  1 
ATOM   835  O OG1 . THR A 1 100 ? -2.010  -3.855  -15.704 1.00 29.21 ? 104 THR X OG1 1 
ATOM   836  C CG2 . THR A 1 100 ? -2.752  -3.498  -13.508 1.00 22.76 ? 104 THR X CG2 1 
ATOM   837  N N   . HIS A 1 101 ? -3.588  -0.124  -14.135 1.00 22.35 ? 105 HIS X N   1 
ATOM   838  C CA  . HIS A 1 101 ? -4.067  0.927   -13.253 1.00 23.45 ? 105 HIS X CA  1 
ATOM   839  C C   . HIS A 1 101 ? -5.474  1.392   -13.561 1.00 23.60 ? 105 HIS X C   1 
ATOM   840  O O   . HIS A 1 101 ? -6.363  1.468   -12.691 1.00 22.81 ? 105 HIS X O   1 
ATOM   841  C CB  . HIS A 1 101 ? -3.127  2.129   -13.347 1.00 23.01 ? 105 HIS X CB  1 
ATOM   842  C CG  . HIS A 1 101 ? -3.279  3.084   -12.214 1.00 27.10 ? 105 HIS X CG  1 
ATOM   843  N ND1 . HIS A 1 101 ? -2.936  4.417   -12.318 1.00 33.78 ? 105 HIS X ND1 1 
ATOM   844  C CD2 . HIS A 1 101 ? -3.615  2.873   -10.917 1.00 31.09 ? 105 HIS X CD2 1 
ATOM   845  C CE1 . HIS A 1 101 ? -3.141  5.004   -11.153 1.00 36.83 ? 105 HIS X CE1 1 
ATOM   846  N NE2 . HIS A 1 101 ? -3.541  4.087   -10.282 1.00 37.93 ? 105 HIS X NE2 1 
ATOM   847  N N   . ALA A 1 102 ? -5.717  1.655   -14.847 1.00 24.55 ? 106 ALA X N   1 
ATOM   848  C CA  . ALA A 1 102 ? -7.012  2.145   -15.281 1.00 25.08 ? 106 ALA X CA  1 
ATOM   849  C C   . ALA A 1 102 ? -8.147  1.183   -14.953 1.00 24.45 ? 106 ALA X C   1 
ATOM   850  O O   . ALA A 1 102 ? -9.208  1.607   -14.501 1.00 23.51 ? 106 ALA X O   1 
ATOM   851  C CB  . ALA A 1 102 ? -6.979  2.402   -16.748 1.00 27.83 ? 106 ALA X CB  1 
ATOM   852  N N   . LYS A 1 103 ? -7.883  -0.104  -15.176 1.00 23.19 ? 107 LYS X N   1 
ATOM   853  C CA  . LYS A 1 103 ? -8.854  -1.148  -14.979 1.00 22.12 ? 107 LYS X CA  1 
ATOM   854  C C   . LYS A 1 103 ? -9.159  -1.240  -13.516 1.00 21.34 ? 107 LYS X C   1 
ATOM   855  O O   . LYS A 1 103 ? -10.302 -1.379  -13.135 1.00 20.00 ? 107 LYS X O   1 
ATOM   856  C CB  . LYS A 1 103 ? -8.334  -2.496  -15.485 1.00 23.64 ? 107 LYS X CB  1 
ATOM   857  C CG  . LYS A 1 103 ? -8.068  -2.604  -16.969 1.00 25.39 ? 107 LYS X CG  1 
ATOM   858  C CD  . LYS A 1 103 ? -9.047  -1.923  -17.888 1.00 35.01 ? 107 LYS X CD  1 
ATOM   859  C CE  . LYS A 1 103 ? -8.563  -0.496  -18.369 1.00 35.26 ? 107 LYS X CE  1 
ATOM   860  N NZ  . LYS A 1 103 ? -7.197  -0.449  -19.039 1.00 37.78 ? 107 LYS X NZ  1 
ATOM   861  N N   . ILE A 1 104 ? -8.124  -1.166  -12.691 1.00 20.89 ? 108 ILE X N   1 
ATOM   862  C CA  . ILE A 1 104 ? -8.307  -1.205  -11.249 1.00 21.55 ? 108 ILE X CA  1 
ATOM   863  C C   . ILE A 1 104 ? -9.161  -0.039  -10.702 1.00 22.86 ? 108 ILE X C   1 
ATOM   864  O O   . ILE A 1 104 ? -10.065 -0.277  -9.931  1.00 21.67 ? 108 ILE X O   1 
ATOM   865  C CB  . ILE A 1 104 ? -6.956  -1.342  -10.522 1.00 20.38 ? 108 ILE X CB  1 
ATOM   866  C CG1 . ILE A 1 104 ? -6.355  -2.722  -10.880 1.00 24.24 ? 108 ILE X CG1 1 
ATOM   867  C CG2 . ILE A 1 104 ? -7.183  -1.276  -9.008  1.00 23.16 ? 108 ILE X CG2 1 
ATOM   868  C CD1 . ILE A 1 104 ? -5.053  -2.948  -10.391 1.00 28.10 ? 108 ILE X CD1 1 
ATOM   869  N N   . LEU A 1 105 ? -8.906  1.198   -11.103 1.00 25.42 ? 109 LEU X N   1 
ATOM   870  C CA  . LEU A 1 105 ? -9.640  2.321   -10.493 1.00 29.88 ? 109 LEU X CA  1 
ATOM   871  C C   . LEU A 1 105 ? -11.102 2.436   -10.944 1.00 33.43 ? 109 LEU X C   1 
ATOM   872  O O   . LEU A 1 105 ? -11.891 3.095   -10.269 1.00 34.08 ? 109 LEU X O   1 
ATOM   873  C CB  . LEU A 1 105 ? -8.953  3.669   -10.738 1.00 30.28 ? 109 LEU X CB  1 
ATOM   874  C CG  . LEU A 1 105 ? -7.453  3.685   -10.663 1.00 32.34 ? 109 LEU X CG  1 
ATOM   875  C CD1 . LEU A 1 105 ? -6.929  4.640   -11.756 1.00 34.09 ? 109 LEU X CD1 1 
ATOM   876  C CD2 . LEU A 1 105 ? -7.033  4.081   -9.277  1.00 32.99 ? 109 LEU X CD2 1 
ATOM   877  N N   . GLY A 1 106 ? -11.445 1.824   -12.082 1.00 37.80 ? 110 GLY X N   1 
ATOM   878  C CA  . GLY A 1 106 ? -12.832 1.733   -12.584 1.00 41.19 ? 110 GLY X CA  1 
ATOM   879  C C   . GLY A 1 106 ? -12.743 1.954   -14.066 1.00 44.53 ? 110 GLY X C   1 
ATOM   880  O O   . GLY A 1 106 ? -12.178 3.003   -14.426 1.00 44.07 ? 110 GLY X O   1 
ATOM   881  N N   . THR A 1 107 ? -13.248 1.071   -14.956 1.00 48.46 ? 111 THR X N   1 
ATOM   882  C CA  . THR A 1 107 ? -14.217 -0.071  -14.768 1.00 51.33 ? 111 THR X CA  1 
ATOM   883  C C   . THR A 1 107 ? -15.544 0.243   -14.054 1.00 53.31 ? 111 THR X C   1 
ATOM   884  O O   . THR A 1 107 ? -15.560 1.022   -13.085 1.00 53.81 ? 111 THR X O   1 
ATOM   885  C CB  . THR A 1 107 ? -13.570 -1.350  -14.239 1.00 51.35 ? 111 THR X CB  1 
ATOM   886  O OG1 . THR A 1 107 ? -12.784 -1.091  -13.064 1.00 54.29 ? 111 THR X OG1 1 
ATOM   887  C CG2 . THR A 1 107 ? -12.581 -1.889  -15.259 1.00 52.22 ? 111 THR X CG2 1 
ATOM   888  N N   . VAL A 1 108 ? -16.654 -0.399  -14.465 1.00 55.44 ? 112 VAL X N   1 
ATOM   889  C CA  . VAL A 1 108 ? -16.756 -1.830  -14.886 1.00 56.97 ? 112 VAL X CA  1 
ATOM   890  C C   . VAL A 1 108 ? -16.259 -2.286  -16.294 1.00 57.84 ? 112 VAL X C   1 
ATOM   891  O O   . VAL A 1 108 ? -16.646 -1.692  -17.306 1.00 58.00 ? 112 VAL X O   1 
ATOM   892  C CB  . VAL A 1 108 ? -18.258 -2.303  -14.709 1.00 57.30 ? 112 VAL X CB  1 
ATOM   893  C CG1 . VAL A 1 108 ? -18.402 -3.834  -14.777 1.00 57.71 ? 112 VAL X CG1 1 
ATOM   894  C CG2 . VAL A 1 108 ? -18.847 -1.781  -13.385 1.00 57.46 ? 112 VAL X CG2 1 
ATOM   895  N N   . ILE A 1 109 ? -15.439 -3.364  -16.293 1.00 58.69 ? 113 ILE X N   1 
ATOM   896  C CA  . ILE A 1 109 ? -14.861 -4.134  -17.445 1.00 59.13 ? 113 ILE X CA  1 
ATOM   897  C C   . ILE A 1 109 ? -13.391 -4.592  -17.174 1.00 59.25 ? 113 ILE X C   1 
ATOM   898  O O   . ILE A 1 109 ? -12.472 -4.150  -17.890 1.00 59.29 ? 113 ILE X O   1 
ATOM   899  C CB  . ILE A 1 109 ? -14.903 -3.399  -18.866 1.00 59.09 ? 113 ILE X CB  1 
ATOM   900  C CG1 . ILE A 1 109 ? -14.225 -2.000  -18.827 1.00 59.21 ? 113 ILE X CG1 1 
ATOM   901  C CG2 . ILE A 1 109 ? -16.317 -3.429  -19.479 1.00 59.52 ? 113 ILE X CG2 1 
ATOM   902  C CD1 . ILE A 1 109 ? -14.672 -1.023  -19.925 1.00 56.95 ? 113 ILE X CD1 1 
ATOM   903  N N   . ASN A 1 110 ? -13.110 -5.461  -16.191 1.00 59.38 ? 114 ASN X N   1 
ATOM   904  C CA  . ASN A 1 110 ? -14.064 -6.213  -15.361 1.00 59.77 ? 114 ASN X CA  1 
ATOM   905  C C   . ASN A 1 110 ? -14.174 -5.681  -13.934 1.00 59.27 ? 114 ASN X C   1 
ATOM   906  O O   . ASN A 1 110 ? -13.195 -5.758  -13.167 1.00 59.00 ? 114 ASN X O   1 
ATOM   907  C CB  . ASN A 1 110 ? -13.601 -7.676  -15.254 1.00 60.08 ? 114 ASN X CB  1 
ATOM   908  C CG  . ASN A 1 110 ? -14.363 -8.470  -14.161 1.00 61.11 ? 114 ASN X CG  1 
ATOM   909  O OD1 . ASN A 1 110 ? -13.776 -9.271  -13.448 1.00 63.56 ? 114 ASN X OD1 1 
ATOM   910  N ND2 . ASN A 1 110 ? -15.673 -8.258  -14.058 1.00 63.33 ? 114 ASN X ND2 1 
ATOM   911  N N   . GLN A 1 111 ? -15.385 -5.229  -13.572 1.00 58.46 ? 115 GLN X N   1 
ATOM   912  C CA  . GLN A 1 111 ? -15.646 -4.442  -12.354 1.00 57.67 ? 115 GLN X CA  1 
ATOM   913  C C   . GLN A 1 111 ? -14.445 -3.567  -11.926 1.00 56.28 ? 115 GLN X C   1 
ATOM   914  O O   . GLN A 1 111 ? -13.457 -3.431  -12.658 1.00 56.42 ? 115 GLN X O   1 
ATOM   915  C CB  . GLN A 1 111 ? -16.122 -5.331  -11.169 1.00 58.22 ? 115 GLN X CB  1 
ATOM   916  C CG  . GLN A 1 111 ? -16.153 -6.845  -11.403 1.00 58.66 ? 115 GLN X CG  1 
ATOM   917  C CD  . GLN A 1 111 ? -16.601 -7.607  -10.163 1.00 59.68 ? 115 GLN X CD  1 
ATOM   918  O OE1 . GLN A 1 111 ? -16.092 -7.376  -9.056  1.00 58.72 ? 115 GLN X OE1 1 
ATOM   919  N NE2 . GLN A 1 111 ? -17.558 -8.516  -10.341 1.00 60.61 ? 115 GLN X NE2 1 
ATOM   920  N N   . LEU A 1 112 ? -14.576 -2.935  -10.761 1.00 54.02 ? 116 LEU X N   1 
ATOM   921  C CA  . LEU A 1 112 ? -13.440 -2.445  -9.964  1.00 51.97 ? 116 LEU X CA  1 
ATOM   922  C C   . LEU A 1 112 ? -13.362 -0.931  -9.876  1.00 49.42 ? 116 LEU X C   1 
ATOM   923  O O   . LEU A 1 112 ? -12.596 -0.269  -10.573 1.00 49.77 ? 116 LEU X O   1 
ATOM   924  C CB  . LEU A 1 112 ? -12.091 -3.053  -10.394 1.00 51.72 ? 116 LEU X CB  1 
ATOM   925  C CG  . LEU A 1 112 ? -11.908 -4.581  -10.368 1.00 53.34 ? 116 LEU X CG  1 
ATOM   926  C CD1 . LEU A 1 112 ? -10.438 -4.944  -10.477 1.00 53.12 ? 116 LEU X CD1 1 
ATOM   927  C CD2 . LEU A 1 112 ? -12.550 -5.228  -9.136  1.00 53.76 ? 116 LEU X CD2 1 
ATOM   928  N N   . GLY A 1 113 ? -14.180 -0.380  -8.999  1.00 46.65 ? 117 GLY X N   1 
ATOM   929  C CA  . GLY A 1 113 ? -14.015 0.990   -8.573  1.00 43.48 ? 117 GLY X CA  1 
ATOM   930  C C   . GLY A 1 113 ? -13.175 0.899   -7.322  1.00 40.58 ? 117 GLY X C   1 
ATOM   931  O O   . GLY A 1 113 ? -13.678 1.146   -6.237  1.00 40.19 ? 117 GLY X O   1 
ATOM   932  N N   . ILE A 1 114 ? -11.912 0.505   -7.474  1.00 36.73 ? 118 ILE X N   1 
ATOM   933  C CA  . ILE A 1 114 ? -11.050 0.297   -6.321  1.00 33.89 ? 118 ILE X CA  1 
ATOM   934  C C   . ILE A 1 114 ? -10.175 1.523   -6.079  1.00 32.11 ? 118 ILE X C   1 
ATOM   935  O O   . ILE A 1 114 ? -9.389  1.889   -6.925  1.00 30.27 ? 118 ILE X O   1 
ATOM   936  C CB  . ILE A 1 114 ? -10.148 -0.928  -6.505  1.00 34.54 ? 118 ILE X CB  1 
ATOM   937  C CG1 . ILE A 1 114 ? -10.978 -2.184  -6.734  1.00 34.17 ? 118 ILE X CG1 1 
ATOM   938  C CG2 . ILE A 1 114 ? -9.254  -1.112  -5.259  1.00 33.36 ? 118 ILE X CG2 1 
ATOM   939  C CD1 . ILE A 1 114 ? -10.186 -3.290  -7.403  1.00 35.33 ? 118 ILE X CD1 1 
ATOM   940  N N   . GLU A 1 115 ? -10.320 2.085   -4.886  1.00 30.21 ? 119 GLU X N   1 
ATOM   941  C CA  . GLU A 1 115 ? -9.580  3.258   -4.372  1.00 29.74 ? 119 GLU X CA  1 
ATOM   942  C C   . GLU A 1 115 ? -8.063  2.981   -4.359  1.00 27.55 ? 119 GLU X C   1 
ATOM   943  O O   . GLU A 1 115 ? -7.631  1.851   -4.039  1.00 25.24 ? 119 GLU X O   1 
ATOM   944  C CB  . GLU A 1 115 ? -10.094 3.619   -2.952  1.00 30.96 ? 119 GLU X CB  1 
ATOM   945  C CG  . GLU A 1 115 ? -11.406 2.887   -2.518  1.00 36.10 ? 119 GLU X CG  1 
ATOM   946  C CD  . GLU A 1 115 ? -11.963 3.196   -1.115  1.00 41.70 ? 119 GLU X CD  1 
ATOM   947  O OE1 . GLU A 1 115 ? -12.515 4.310   -0.896  1.00 45.83 ? 119 GLU X OE1 1 
ATOM   948  O OE2 . GLU A 1 115 ? -11.902 2.301   -0.221  1.00 45.03 ? 119 GLU X OE2 1 
ATOM   949  N N   . ARG A 1 116 ? -7.271  4.008   -4.693  1.00 25.70 ? 120 ARG X N   1 
ATOM   950  C CA  . ARG A 1 116 ? -5.822  3.922   -4.738  1.00 23.77 ? 120 ARG X CA  1 
ATOM   951  C C   . ARG A 1 116 ? -5.269  3.435   -3.402  1.00 22.45 ? 120 ARG X C   1 
ATOM   952  O O   . ARG A 1 116 ? -4.226  2.806   -3.370  1.00 20.73 ? 120 ARG X O   1 
ATOM   953  C CB  . ARG A 1 116 ? -5.169  5.301   -5.065  1.00 24.87 ? 120 ARG X CB  1 
ATOM   954  C CG  A ARG A 1 116 ? -4.647  5.957   -3.742  0.50 28.24 ? 120 ARG X CG  1 
ATOM   955  C CG  B ARG A 1 116 ? -5.153  5.456   -6.599  0.50 22.22 ? 120 ARG X CG  1 
ATOM   956  C CD  A ARG A 1 116 ? -4.161  7.411   -3.855  0.50 32.84 ? 120 ARG X CD  1 
ATOM   957  C CD  B ARG A 1 116 ? -4.388  6.688   -7.084  0.50 23.67 ? 120 ARG X CD  1 
ATOM   958  N NE  A ARG A 1 116 ? -4.157  8.107   -2.550  0.50 34.64 ? 120 ARG X NE  1 
ATOM   959  N NE  B ARG A 1 116 ? -2.986  6.621   -6.682  0.50 24.43 ? 120 ARG X NE  1 
ATOM   960  C CZ  A ARG A 1 116 ? -5.247  8.415   -1.847  0.50 36.68 ? 120 ARG X CZ  1 
ATOM   961  C CZ  B ARG A 1 116 ? -2.353  7.473   -5.870  0.50 25.66 ? 120 ARG X CZ  1 
ATOM   962  N NH1 A ARG A 1 116 ? -6.461  8.108   -2.298  0.50 37.72 ? 120 ARG X NH1 1 
ATOM   963  N NH1 B ARG A 1 116 ? -2.950  8.545   -5.372  0.50 23.07 ? 120 ARG X NH1 1 
ATOM   964  N NH2 A ARG A 1 116 ? -5.132  9.040   -0.680  0.50 36.26 ? 120 ARG X NH2 1 
ATOM   965  N NH2 B ARG A 1 116 ? -1.072  7.264   -5.605  0.50 26.89 ? 120 ARG X NH2 1 
ATOM   966  N N   . LYS A 1 117 ? -5.915  3.801   -2.307  1.00 20.62 ? 121 LYS X N   1 
ATOM   967  C CA  . LYS A 1 117 ? -5.373  3.473   -0.968  1.00 20.61 ? 121 LYS X CA  1 
ATOM   968  C C   . LYS A 1 117 ? -5.385  1.968   -0.628  1.00 18.87 ? 121 LYS X C   1 
ATOM   969  O O   . LYS A 1 117 ? -4.752  1.541   0.413   1.00 15.65 ? 121 LYS X O   1 
ATOM   970  C CB  . LYS A 1 117 ? -6.099  4.232   0.153   1.00 22.67 ? 121 LYS X CB  1 
ATOM   971  C CG  . LYS A 1 117 ? -5.674  5.672   0.321   1.00 28.01 ? 121 LYS X CG  1 
ATOM   972  C CD  . LYS A 1 117 ? -5.187  6.044   1.717   1.00 30.93 ? 121 LYS X CD  1 
ATOM   973  C CE  . LYS A 1 117 ? -3.908  6.891   1.777   1.00 26.89 ? 121 LYS X CE  1 
ATOM   974  N NZ  . LYS A 1 117 ? -4.044  8.012   2.794   1.00 34.80 ? 121 LYS X NZ  1 
ATOM   975  N N   . LEU A 1 118 ? -6.090  1.159   -1.441  1.00 18.93 ? 122 LEU X N   1 
ATOM   976  C CA  . LEU A 1 118 ? -6.234  -0.299  -1.153  1.00 18.28 ? 122 LEU X CA  1 
ATOM   977  C C   . LEU A 1 118 ? -5.159  -1.141  -1.855  1.00 16.49 ? 122 LEU X C   1 
ATOM   978  O O   . LEU A 1 118 ? -5.109  -2.361  -1.675  1.00 15.91 ? 122 LEU X O   1 
ATOM   979  C CB  . LEU A 1 118 ? -7.612  -0.883  -1.583  1.00 20.38 ? 122 LEU X CB  1 
ATOM   980  C CG  . LEU A 1 118 ? -8.846  -0.263  -0.911  1.00 23.56 ? 122 LEU X CG  1 
ATOM   981  C CD1 . LEU A 1 118 ? -10.096 -0.868  -1.507  1.00 25.17 ? 122 LEU X CD1 1 
ATOM   982  C CD2 . LEU A 1 118 ? -8.759  -0.500  0.598   1.00 28.41 ? 122 LEU X CD2 1 
ATOM   983  N N   . PHE A 1 119 ? -4.308  -0.503  -2.624  1.00 15.30 ? 123 PHE X N   1 
ATOM   984  C CA  . PHE A 1 119 ? -3.210  -1.176  -3.305  1.00 14.13 ? 123 PHE X CA  1 
ATOM   985  C C   . PHE A 1 119 ? -2.034  -0.243  -3.433  1.00 15.32 ? 123 PHE X C   1 
ATOM   986  O O   . PHE A 1 119 ? -2.173  0.984   -3.295  1.00 15.78 ? 123 PHE X O   1 
ATOM   987  C CB  . PHE A 1 119 ? -3.602  -1.749  -4.675  1.00 14.59 ? 123 PHE X CB  1 
ATOM   988  C CG  . PHE A 1 119 ? -4.054  -0.758  -5.713  1.00 15.26 ? 123 PHE X CG  1 
ATOM   989  C CD1 . PHE A 1 119 ? -5.353  -0.256  -5.693  1.00 17.64 ? 123 PHE X CD1 1 
ATOM   990  C CD2 . PHE A 1 119 ? -3.193  -0.322  -6.727  1.00 14.79 ? 123 PHE X CD2 1 
ATOM   991  C CE1 . PHE A 1 119 ? -5.747  0.693   -6.596  1.00 17.34 ? 123 PHE X CE1 1 
ATOM   992  C CE2 . PHE A 1 119 ? -3.620  0.582   -7.667  1.00 19.09 ? 123 PHE X CE2 1 
ATOM   993  C CZ  . PHE A 1 119 ? -4.903  1.086   -7.610  1.00 17.54 ? 123 PHE X CZ  1 
ATOM   994  N N   . GLY A 1 120 ? -0.892  -0.842  -3.721  1.00 14.70 ? 124 GLY X N   1 
ATOM   995  C CA  . GLY A 1 120 ? 0.345   -0.095  -3.817  1.00 16.13 ? 124 GLY X CA  1 
ATOM   996  C C   . GLY A 1 120 ? 0.818   -0.126  -5.253  1.00 17.10 ? 124 GLY X C   1 
ATOM   997  O O   . GLY A 1 120 ? 0.072   0.218   -6.166  1.00 18.32 ? 124 GLY X O   1 
ATOM   998  N N   . ASP A 1 121 ? 2.043   -0.582  -5.425  1.00 16.89 ? 125 ASP X N   1 
ATOM   999  C CA  . ASP A 1 121 ? 2.708   -0.547  -6.696  1.00 19.31 ? 125 ASP X CA  1 
ATOM   1000 C C   . ASP A 1 121 ? 2.129   -1.539  -7.652  1.00 20.44 ? 125 ASP X C   1 
ATOM   1001 O O   . ASP A 1 121 ? 1.773   -2.679  -7.285  1.00 19.49 ? 125 ASP X O   1 
ATOM   1002 C CB  . ASP A 1 121 ? 4.192   -0.912  -6.531  1.00 20.05 ? 125 ASP X CB  1 
ATOM   1003 C CG  . ASP A 1 121 ? 5.007   0.130   -5.783  1.00 18.22 ? 125 ASP X CG  1 
ATOM   1004 O OD1 . ASP A 1 121 ? 4.534   1.216   -5.433  1.00 21.56 ? 125 ASP X OD1 1 
ATOM   1005 O OD2 . ASP A 1 121 ? 6.216   -0.059  -5.592  1.00 22.91 ? 125 ASP X OD2 1 
ATOM   1006 N N   . ILE A 1 122 ? 2.051   -1.115  -8.905  1.00 22.03 ? 126 ILE X N   1 
ATOM   1007 C CA  . ILE A 1 122 ? 1.832   -2.045  -10.016 1.00 23.18 ? 126 ILE X CA  1 
ATOM   1008 C C   . ILE A 1 122 ? 3.167   -2.101  -10.769 1.00 24.23 ? 126 ILE X C   1 
ATOM   1009 O O   . ILE A 1 122 ? 3.735   -1.062  -11.104 1.00 25.39 ? 126 ILE X O   1 
ATOM   1010 C CB  . ILE A 1 122 ? 0.709   -1.531  -10.920 1.00 22.95 ? 126 ILE X CB  1 
ATOM   1011 C CG1 . ILE A 1 122 ? -0.670  -1.585  -10.257 1.00 22.97 ? 126 ILE X CG1 1 
ATOM   1012 C CG2 . ILE A 1 122 ? 0.675   -2.277  -12.275 1.00 20.92 ? 126 ILE X CG2 1 
ATOM   1013 C CD1 . ILE A 1 122 ? -1.614  -0.555  -10.933 1.00 23.80 ? 126 ILE X CD1 1 
ATOM   1014 N N   . LEU A 1 123 ? 3.654   -3.316  -10.995 1.00 26.24 ? 127 LEU X N   1 
ATOM   1015 C CA  . LEU A 1 123 ? 4.992   -3.603  -11.457 1.00 27.56 ? 127 LEU X CA  1 
ATOM   1016 C C   . LEU A 1 123 ? 4.925   -4.357  -12.778 1.00 30.28 ? 127 LEU X C   1 
ATOM   1017 O O   . LEU A 1 123 ? 4.185   -5.363  -12.904 1.00 26.92 ? 127 LEU X O   1 
ATOM   1018 C CB  . LEU A 1 123 ? 5.709   -4.498  -10.467 1.00 27.51 ? 127 LEU X CB  1 
ATOM   1019 C CG  . LEU A 1 123 ? 5.727   -4.006  -9.034  1.00 26.84 ? 127 LEU X CG  1 
ATOM   1020 C CD1 . LEU A 1 123 ? 6.160   -5.173  -8.183  1.00 26.41 ? 127 LEU X CD1 1 
ATOM   1021 C CD2 . LEU A 1 123 ? 6.661   -2.834  -8.888  1.00 25.99 ? 127 LEU X CD2 1 
ATOM   1022 N N   . VAL A 1 124 ? 5.747   -3.878  -13.712 1.00 33.06 ? 128 VAL X N   1 
ATOM   1023 C CA  . VAL A 1 124 ? 5.840   -4.322  -15.099 1.00 36.30 ? 128 VAL X CA  1 
ATOM   1024 C C   . VAL A 1 124 ? 7.108   -3.636  -15.652 1.00 39.11 ? 128 VAL X C   1 
ATOM   1025 O O   . VAL A 1 124 ? 7.368   -2.498  -15.302 1.00 41.71 ? 128 VAL X O   1 
ATOM   1026 C CB  . VAL A 1 124 ? 4.700   -3.722  -15.961 1.00 36.04 ? 128 VAL X CB  1 
ATOM   1027 C CG1 . VAL A 1 124 ? 4.671   -4.328  -17.357 1.00 35.99 ? 128 VAL X CG1 1 
ATOM   1028 C CG2 . VAL A 1 124 ? 3.338   -3.840  -15.310 1.00 36.03 ? 128 VAL X CG2 1 
ATOM   1029 N N   . ASP A 1 125 ? 7.875   -4.280  -16.517 1.00 42.59 ? 129 ASP X N   1 
ATOM   1030 C CA  . ASP A 1 125 ? 8.740   -3.529  -17.473 1.00 44.43 ? 129 ASP X CA  1 
ATOM   1031 C C   . ASP A 1 125 ? 8.599   -4.129  -18.890 1.00 45.58 ? 129 ASP X C   1 
ATOM   1032 O O   . ASP A 1 125 ? 9.183   -3.633  -19.863 1.00 46.32 ? 129 ASP X O   1 
ATOM   1033 C CB  . ASP A 1 125 ? 10.228  -3.547  -17.065 1.00 44.74 ? 129 ASP X CB  1 
ATOM   1034 C CG  . ASP A 1 125 ? 10.544  -2.631  -15.876 1.00 46.35 ? 129 ASP X CG  1 
ATOM   1035 O OD1 . ASP A 1 125 ? 10.288  -3.047  -14.715 1.00 45.66 ? 129 ASP X OD1 1 
ATOM   1036 O OD2 . ASP A 1 125 ? 11.074  -1.495  -16.014 1.00 46.23 ? 129 ASP X OD2 1 
ATOM   1037 N N   . GLU A 1 126 ? 7.739   -5.149  -18.981 1.00 46.47 ? 130 GLU X N   1 
ATOM   1038 C CA  . GLU A 1 126 ? 8.032   -6.359  -19.703 1.00 46.65 ? 130 GLU X CA  1 
ATOM   1039 C C   . GLU A 1 126 ? 6.802   -6.929  -20.429 1.00 46.47 ? 130 GLU X C   1 
ATOM   1040 O O   . GLU A 1 126 ? 6.539   -6.578  -21.561 1.00 47.69 ? 130 GLU X O   1 
ATOM   1041 C CB  . GLU A 1 126 ? 8.610   -7.376  -18.687 1.00 47.05 ? 130 GLU X CB  1 
ATOM   1042 C CG  . GLU A 1 126 ? 10.062  -7.083  -18.226 1.00 48.42 ? 130 GLU X CG  1 
ATOM   1043 C CD  . GLU A 1 126 ? 10.248  -7.077  -16.710 1.00 48.83 ? 130 GLU X CD  1 
ATOM   1044 O OE1 . GLU A 1 126 ? 9.270   -6.825  -15.972 1.00 46.44 ? 130 GLU X OE1 1 
ATOM   1045 O OE2 . GLU A 1 126 ? 11.383  -7.318  -16.248 1.00 49.14 ? 130 GLU X OE2 1 
ATOM   1046 N N   . GLU A 1 127 ? 6.013   -7.716  -19.707 1.00 45.67 ? 131 GLU X N   1 
ATOM   1047 C CA  . GLU A 1 127 ? 5.117   -8.756  -20.229 1.00 44.64 ? 131 GLU X CA  1 
ATOM   1048 C C   . GLU A 1 127 ? 4.548   -9.569  -19.032 1.00 41.99 ? 131 GLU X C   1 
ATOM   1049 O O   . GLU A 1 127 ? 3.437   -10.099 -19.095 1.00 41.57 ? 131 GLU X O   1 
ATOM   1050 C CB  . GLU A 1 127 ? 5.857   -9.705  -21.190 1.00 45.19 ? 131 GLU X CB  1 
ATOM   1051 C CG  . GLU A 1 127 ? 7.231   -10.215 -20.715 1.00 47.32 ? 131 GLU X CG  1 
ATOM   1052 C CD  . GLU A 1 127 ? 7.265   -11.703 -20.395 1.00 49.47 ? 131 GLU X CD  1 
ATOM   1053 O OE1 . GLU A 1 127 ? 6.242   -12.394 -20.619 1.00 51.02 ? 131 GLU X OE1 1 
ATOM   1054 O OE2 . GLU A 1 127 ? 8.306   -12.184 -19.883 1.00 49.26 ? 131 GLU X OE2 1 
ATOM   1055 N N   . ARG A 1 128 ? 5.358   -9.716  -17.981 1.00 38.83 ? 132 ARG X N   1 
ATOM   1056 C CA  . ARG A 1 128 ? 4.866   -10.112 -16.667 1.00 36.06 ? 132 ARG X CA  1 
ATOM   1057 C C   . ARG A 1 128 ? 4.407   -8.853  -15.935 1.00 32.02 ? 132 ARG X C   1 
ATOM   1058 O O   . ARG A 1 128 ? 4.897   -7.735  -16.159 1.00 30.83 ? 132 ARG X O   1 
ATOM   1059 C CB  . ARG A 1 128 ? 5.940   -10.826 -15.834 1.00 37.44 ? 132 ARG X CB  1 
ATOM   1060 C CG  . ARG A 1 128 ? 5.914   -12.355 -15.918 1.00 41.63 ? 132 ARG X CG  1 
ATOM   1061 C CD  . ARG A 1 128 ? 7.223   -12.984 -16.366 1.00 46.34 ? 132 ARG X CD  1 
ATOM   1062 N NE  . ARG A 1 128 ? 7.075   -13.615 -17.683 1.00 50.15 ? 132 ARG X NE  1 
ATOM   1063 C CZ  . ARG A 1 128 ? 7.272   -14.909 -17.945 1.00 52.66 ? 132 ARG X CZ  1 
ATOM   1064 N NH1 . ARG A 1 128 ? 7.624   -15.751 -16.983 1.00 53.73 ? 132 ARG X NH1 1 
ATOM   1065 N NH2 . ARG A 1 128 ? 7.109   -15.370 -19.187 1.00 53.50 ? 132 ARG X NH2 1 
ATOM   1066 N N   . ALA A 1 129 ? 3.435   -9.042  -15.054 1.00 27.70 ? 133 ALA X N   1 
ATOM   1067 C CA  . ALA A 1 129 ? 2.878   -7.931  -14.311 1.00 24.40 ? 133 ALA X CA  1 
ATOM   1068 C C   . ALA A 1 129 ? 2.450   -8.466  -12.976 1.00 22.16 ? 133 ALA X C   1 
ATOM   1069 O O   . ALA A 1 129 ? 2.095   -9.643  -12.846 1.00 20.32 ? 133 ALA X O   1 
ATOM   1070 C CB  . ALA A 1 129 ? 1.695   -7.318  -15.003 1.00 25.02 ? 133 ALA X CB  1 
ATOM   1071 N N   . GLN A 1 130 ? 2.566   -7.576  -11.996 1.00 19.48 ? 134 GLN X N   1 
ATOM   1072 C CA  . GLN A 1 130 ? 2.185   -7.848  -10.619 1.00 19.68 ? 134 GLN X CA  1 
ATOM   1073 C C   . GLN A 1 130 ? 1.536   -6.640  -9.990  1.00 17.87 ? 134 GLN X C   1 
ATOM   1074 O O   . GLN A 1 130 ? 1.731   -5.529  -10.423 1.00 19.96 ? 134 GLN X O   1 
ATOM   1075 C CB  . GLN A 1 130 ? 3.368   -8.250  -9.748  1.00 19.44 ? 134 GLN X CB  1 
ATOM   1076 C CG  . GLN A 1 130 ? 4.032   -9.566  -10.215 1.00 22.06 ? 134 GLN X CG  1 
ATOM   1077 C CD  . GLN A 1 130 ? 5.365   -9.792  -9.538  1.00 24.23 ? 134 GLN X CD  1 
ATOM   1078 O OE1 . GLN A 1 130 ? 5.957   -8.840  -8.995  1.00 24.16 ? 134 GLN X OE1 1 
ATOM   1079 N NE2 . GLN A 1 130 ? 5.837   -11.038 -9.550  1.00 24.26 ? 134 GLN X NE2 1 
ATOM   1080 N N   . ILE A 1 131 ? 0.770   -6.872  -8.928  1.00 16.15 ? 135 ILE X N   1 
ATOM   1081 C CA  . ILE A 1 131 ? 0.276   -5.790  -8.072  1.00 16.57 ? 135 ILE X CA  1 
ATOM   1082 C C   . ILE A 1 131 ? 0.363   -6.167  -6.592  1.00 17.11 ? 135 ILE X C   1 
ATOM   1083 O O   . ILE A 1 131 ? 0.137   -7.336  -6.258  1.00 16.84 ? 135 ILE X O   1 
ATOM   1084 C CB  . ILE A 1 131 ? -1.175  -5.435  -8.537  1.00 16.46 ? 135 ILE X CB  1 
ATOM   1085 C CG1 . ILE A 1 131 ? -1.694  -4.217  -7.789  1.00 17.67 ? 135 ILE X CG1 1 
ATOM   1086 C CG2 . ILE A 1 131 ? -2.124  -6.676  -8.444  1.00 16.34 ? 135 ILE X CG2 1 
ATOM   1087 C CD1 . ILE A 1 131 ? -2.971  -3.729  -8.253  1.00 17.63 ? 135 ILE X CD1 1 
ATOM   1088 N N   . MET A 1 132 ? 0.765   -5.186  -5.753  1.00 17.52 ? 136 MET X N   1 
ATOM   1089 C CA  . MET A 1 132 ? 0.829   -5.287  -4.305  1.00 16.88 ? 136 MET X CA  1 
ATOM   1090 C C   . MET A 1 132 ? -0.502  -4.766  -3.772  1.00 16.12 ? 136 MET X C   1 
ATOM   1091 O O   . MET A 1 132 ? -0.901  -3.642  -4.104  1.00 14.22 ? 136 MET X O   1 
ATOM   1092 C CB  . MET A 1 132 ? 1.968   -4.391  -3.790  1.00 16.89 ? 136 MET X CB  1 
ATOM   1093 C CG  . MET A 1 132 ? 3.280   -4.712  -4.440  1.00 22.53 ? 136 MET X CG  1 
ATOM   1094 S SD  . MET A 1 132 ? 4.770   -3.975  -3.640  1.00 26.56 ? 136 MET X SD  1 
ATOM   1095 C CE  . MET A 1 132 ? 5.886   -5.212  -3.953  1.00 33.72 ? 136 MET X CE  1 
ATOM   1096 N N   . ILE A 1 133 ? -1.228  -5.605  -3.050  1.00 15.89 ? 137 ILE X N   1 
ATOM   1097 C CA  . ILE A 1 133 ? -2.561  -5.242  -2.520  1.00 15.28 ? 137 ILE X CA  1 
ATOM   1098 C C   . ILE A 1 133 ? -2.711  -5.401  -1.047  1.00 14.94 ? 137 ILE X C   1 
ATOM   1099 O O   . ILE A 1 133 ? -1.955  -6.109  -0.425  1.00 17.41 ? 137 ILE X O   1 
ATOM   1100 C CB  . ILE A 1 133 ? -3.660  -6.086  -3.206  1.00 15.77 ? 137 ILE X CB  1 
ATOM   1101 C CG1 . ILE A 1 133 ? -3.540  -7.571  -2.791  1.00 17.75 ? 137 ILE X CG1 1 
ATOM   1102 C CG2 . ILE A 1 133 ? -3.599  -5.866  -4.729  1.00 15.66 ? 137 ILE X CG2 1 
ATOM   1103 C CD1 . ILE A 1 133 ? -4.789  -8.328  -3.058  1.00 18.67 ? 137 ILE X CD1 1 
ATOM   1104 N N   . ASN A 1 134 ? -3.683  -4.712  -0.489  1.00 16.33 ? 138 ASN X N   1 
ATOM   1105 C CA  . ASN A 1 134 ? -4.114  -4.884  0.910   1.00 16.38 ? 138 ASN X CA  1 
ATOM   1106 C C   . ASN A 1 134 ? -4.817  -6.243  0.961   1.00 18.33 ? 138 ASN X C   1 
ATOM   1107 O O   . ASN A 1 134 ? -5.758  -6.449  0.256   1.00 16.20 ? 138 ASN X O   1 
ATOM   1108 C CB  . ASN A 1 134 ? -5.070  -3.750  1.218   1.00 17.24 ? 138 ASN X CB  1 
ATOM   1109 C CG  . ASN A 1 134 ? -5.766  -3.874  2.575   1.00 17.77 ? 138 ASN X CG  1 
ATOM   1110 O OD1 . ASN A 1 134 ? -5.894  -4.947  3.142   1.00 17.15 ? 138 ASN X OD1 1 
ATOM   1111 N ND2 . ASN A 1 134 ? -6.143  -2.710  3.141   1.00 16.05 ? 138 ASN X ND2 1 
ATOM   1112 N N   . GLN A 1 135 ? -4.293  -7.201  1.746   1.00 19.92 ? 139 GLN X N   1 
ATOM   1113 C CA  . GLN A 1 135 ? -4.739  -8.601  1.647   1.00 22.87 ? 139 GLN X CA  1 
ATOM   1114 C C   . GLN A 1 135 ? -6.145  -8.758  2.179   1.00 23.71 ? 139 GLN X C   1 
ATOM   1115 O O   . GLN A 1 135 ? -6.758  -9.784  1.976   1.00 24.84 ? 139 GLN X O   1 
ATOM   1116 C CB  . GLN A 1 135 ? -3.875  -9.519  2.508   1.00 24.10 ? 139 GLN X CB  1 
ATOM   1117 C CG  . GLN A 1 135 ? -2.364  -9.578  2.259   1.00 28.38 ? 139 GLN X CG  1 
ATOM   1118 C CD  . GLN A 1 135 ? -1.702  -10.725 3.052   1.00 35.12 ? 139 GLN X CD  1 
ATOM   1119 O OE1 . GLN A 1 135 ? -0.787  -11.465 2.542   1.00 33.84 ? 139 GLN X OE1 1 
ATOM   1120 N NE2 . GLN A 1 135 ? -2.171  -10.893 4.307   1.00 36.60 ? 139 GLN X NE2 1 
ATOM   1121 N N   . GLN A 1 136 ? -6.628  -7.788  2.944   1.00 24.31 ? 140 GLN X N   1 
ATOM   1122 C CA  . GLN A 1 136 ? -8.031  -7.779  3.355   1.00 25.89 ? 140 GLN X CA  1 
ATOM   1123 C C   . GLN A 1 136 ? -8.987  -7.757  2.155   1.00 24.46 ? 140 GLN X C   1 
ATOM   1124 O O   . GLN A 1 136 ? -10.145 -8.226  2.251   1.00 26.53 ? 140 GLN X O   1 
ATOM   1125 C CB  . GLN A 1 136 ? -8.296  -6.584  4.317   1.00 26.34 ? 140 GLN X CB  1 
ATOM   1126 C CG  . GLN A 1 136 ? -9.455  -6.772  5.251   1.00 33.49 ? 140 GLN X CG  1 
ATOM   1127 C CD  . GLN A 1 136 ? -9.489  -5.716  6.346   1.00 36.62 ? 140 GLN X CD  1 
ATOM   1128 O OE1 . GLN A 1 136 ? -10.413 -4.899  6.404   1.00 44.06 ? 140 GLN X OE1 1 
ATOM   1129 N NE2 . GLN A 1 136 ? -8.482  -5.710  7.182   1.00 40.45 ? 140 GLN X NE2 1 
ATOM   1130 N N   . PHE A 1 137 ? -8.507  -7.283  1.005   1.00 23.27 ? 141 PHE X N   1 
ATOM   1131 C CA  . PHE A 1 137 ? -9.287  -7.113  -0.220  1.00 22.68 ? 141 PHE X CA  1 
ATOM   1132 C C   . PHE A 1 137 ? -8.853  -8.158  -1.289  1.00 22.10 ? 141 PHE X C   1 
ATOM   1133 O O   . PHE A 1 137 ? -9.081  -8.006  -2.441  1.00 18.39 ? 141 PHE X O   1 
ATOM   1134 C CB  . PHE A 1 137 ? -9.162  -5.639  -0.649  1.00 24.07 ? 141 PHE X CB  1 
ATOM   1135 C CG  . PHE A 1 137 ? -9.822  -4.714  0.311   1.00 26.87 ? 141 PHE X CG  1 
ATOM   1136 C CD1 . PHE A 1 137 ? -11.203 -4.548  0.285   1.00 29.83 ? 141 PHE X CD1 1 
ATOM   1137 C CD2 . PHE A 1 137 ? -9.103  -4.080  1.315   1.00 26.05 ? 141 PHE X CD2 1 
ATOM   1138 C CE1 . PHE A 1 137 ? -11.825 -3.689  1.200   1.00 32.99 ? 141 PHE X CE1 1 
ATOM   1139 C CE2 . PHE A 1 137 ? -9.723  -3.241  2.223   1.00 28.25 ? 141 PHE X CE2 1 
ATOM   1140 C CZ  . PHE A 1 137 ? -11.079 -3.041  2.170   1.00 27.89 ? 141 PHE X CZ  1 
ATOM   1141 N N   . LEU A 1 138 ? -8.273  -9.281  -0.860  1.00 22.65 ? 142 LEU X N   1 
ATOM   1142 C CA  . LEU A 1 138 ? -7.812  -10.315 -1.815  1.00 23.62 ? 142 LEU X CA  1 
ATOM   1143 C C   . LEU A 1 138 ? -8.937  -10.809 -2.769  1.00 23.79 ? 142 LEU X C   1 
ATOM   1144 O O   . LEU A 1 138 ? -8.744  -10.926 -3.990  1.00 22.96 ? 142 LEU X O   1 
ATOM   1145 C CB  . LEU A 1 138 ? -7.225  -11.501 -1.045  1.00 24.78 ? 142 LEU X CB  1 
ATOM   1146 C CG  . LEU A 1 138 ? -6.720  -12.669 -1.902  1.00 24.94 ? 142 LEU X CG  1 
ATOM   1147 C CD1 . LEU A 1 138 ? -5.546  -12.226 -2.733  1.00 26.76 ? 142 LEU X CD1 1 
ATOM   1148 C CD2 . LEU A 1 138 ? -6.341  -13.799 -1.014  1.00 29.87 ? 142 LEU X CD2 1 
ATOM   1149 N N   . LEU A 1 139 ? -10.128 -11.067 -2.218  1.00 24.38 ? 143 LEU X N   1 
ATOM   1150 C CA  . LEU A 1 139 ? -11.231 -11.524 -3.044  1.00 25.50 ? 143 LEU X CA  1 
ATOM   1151 C C   . LEU A 1 139 ? -11.709 -10.457 -4.000  1.00 26.06 ? 143 LEU X C   1 
ATOM   1152 O O   . LEU A 1 139 ? -11.936 -10.736 -5.140  1.00 27.13 ? 143 LEU X O   1 
ATOM   1153 C CB  . LEU A 1 139 ? -12.399 -12.002 -2.194  1.00 26.23 ? 143 LEU X CB  1 
ATOM   1154 C CG  . LEU A 1 139 ? -12.261 -13.373 -1.553  1.00 30.37 ? 143 LEU X CG  1 
ATOM   1155 C CD1 . LEU A 1 139 ? -13.649 -13.903 -1.218  1.00 32.32 ? 143 LEU X CD1 1 
ATOM   1156 C CD2 . LEU A 1 139 ? -11.551 -14.328 -2.432  1.00 35.29 ? 143 LEU X CD2 1 
ATOM   1157 N N   . LEU A 1 140 ? -11.816 -9.222  -3.549  1.00 25.33 ? 144 LEU X N   1 
ATOM   1158 C CA  . LEU A 1 140 ? -12.161 -8.154  -4.428  1.00 27.31 ? 144 LEU X CA  1 
ATOM   1159 C C   . LEU A 1 140 ? -11.244 -8.189  -5.663  1.00 25.95 ? 144 LEU X C   1 
ATOM   1160 O O   . LEU A 1 140 ? -11.724 -8.118  -6.774  1.00 27.61 ? 144 LEU X O   1 
ATOM   1161 C CB  . LEU A 1 140 ? -12.078 -6.840  -3.660  1.00 28.14 ? 144 LEU X CB  1 
ATOM   1162 C CG  . LEU A 1 140 ? -12.428 -5.516  -4.333  1.00 31.25 ? 144 LEU X CG  1 
ATOM   1163 C CD1 . LEU A 1 140 ? -11.516 -5.226  -5.473  1.00 32.45 ? 144 LEU X CD1 1 
ATOM   1164 C CD2 . LEU A 1 140 ? -13.884 -5.477  -4.763  1.00 33.82 ? 144 LEU X CD2 1 
ATOM   1165 N N   . PHE A 1 141 ? -9.932  -8.331  -5.491  1.00 24.05 ? 145 PHE X N   1 
ATOM   1166 C CA  . PHE A 1 141 ? -9.028  -8.389  -6.637  1.00 22.40 ? 145 PHE X CA  1 
ATOM   1167 C C   . PHE A 1 141 ? -9.046  -9.673  -7.395  1.00 22.21 ? 145 PHE X C   1 
ATOM   1168 O O   . PHE A 1 141 ? -9.113  -9.664  -8.623  1.00 21.95 ? 145 PHE X O   1 
ATOM   1169 C CB  . PHE A 1 141 ? -7.577  -8.080  -6.193  1.00 22.06 ? 145 PHE X CB  1 
ATOM   1170 C CG  . PHE A 1 141 ? -7.314  -6.644  -5.996  1.00 21.60 ? 145 PHE X CG  1 
ATOM   1171 C CD1 . PHE A 1 141 ? -7.472  -6.064  -4.755  1.00 23.06 ? 145 PHE X CD1 1 
ATOM   1172 C CD2 . PHE A 1 141 ? -6.808  -5.866  -7.036  1.00 21.07 ? 145 PHE X CD2 1 
ATOM   1173 C CE1 . PHE A 1 141 ? -7.219  -4.683  -4.558  1.00 24.98 ? 145 PHE X CE1 1 
ATOM   1174 C CE2 . PHE A 1 141 ? -6.548  -4.520  -6.819  1.00 20.95 ? 145 PHE X CE2 1 
ATOM   1175 C CZ  . PHE A 1 141 ? -6.745  -3.953  -5.596  1.00 21.84 ? 145 PHE X CZ  1 
ATOM   1176 N N   . GLN A 1 142 ? -8.924  -10.797 -6.697  1.00 22.01 ? 146 GLN X N   1 
ATOM   1177 C CA  . GLN A 1 142 ? -8.866  -12.084 -7.385  1.00 24.16 ? 146 GLN X CA  1 
ATOM   1178 C C   . GLN A 1 142 ? -10.181 -12.345 -8.150  1.00 24.53 ? 146 GLN X C   1 
ATOM   1179 O O   . GLN A 1 142 ? -10.163 -12.840 -9.274  1.00 23.74 ? 146 GLN X O   1 
ATOM   1180 C CB  . GLN A 1 142 ? -8.533  -13.224 -6.409  1.00 24.98 ? 146 GLN X CB  1 
ATOM   1181 C CG  . GLN A 1 142 ? -7.077  -13.196 -5.979  1.00 28.02 ? 146 GLN X CG  1 
ATOM   1182 C CD  . GLN A 1 142 ? -6.575  -14.485 -5.375  1.00 31.76 ? 146 GLN X CD  1 
ATOM   1183 O OE1 . GLN A 1 142 ? -7.371  -15.310 -4.892  1.00 33.19 ? 146 GLN X OE1 1 
ATOM   1184 N NE2 . GLN A 1 142 ? -5.242  -14.657 -5.377  1.00 33.59 ? 146 GLN X NE2 1 
ATOM   1185 N N   . ASP A 1 143 ? -11.334 -12.058 -7.540  1.00 25.57 ? 147 ASP X N   1 
ATOM   1186 C CA  . ASP A 1 143 ? -12.589 -12.353 -8.242  1.00 27.72 ? 147 ASP X CA  1 
ATOM   1187 C C   . ASP A 1 143 ? -13.037 -11.226 -9.178  1.00 27.38 ? 147 ASP X C   1 
ATOM   1188 O O   . ASP A 1 143 ? -13.795 -11.468 -10.105 1.00 28.66 ? 147 ASP X O   1 
ATOM   1189 C CB  . ASP A 1 143 ? -13.714 -12.719 -7.239  1.00 28.35 ? 147 ASP X CB  1 
ATOM   1190 C CG  . ASP A 1 143 ? -13.440 -14.013 -6.508  1.00 31.67 ? 147 ASP X CG  1 
ATOM   1191 O OD1 . ASP A 1 143 ? -12.739 -14.887 -7.069  1.00 39.03 ? 147 ASP X OD1 1 
ATOM   1192 O OD2 . ASP A 1 143 ? -13.856 -14.240 -5.335  1.00 37.29 ? 147 ASP X OD2 1 
ATOM   1193 N N   . GLY A 1 144 ? -12.551 -10.009 -8.981  1.00 27.23 ? 148 GLY X N   1 
ATOM   1194 C CA  . GLY A 1 144 ? -13.013 -8.879  -9.762  1.00 27.05 ? 148 GLY X CA  1 
ATOM   1195 C C   . GLY A 1 144 ? -12.123 -8.579  -10.962 1.00 25.80 ? 148 GLY X C   1 
ATOM   1196 O O   . GLY A 1 144 ? -12.602 -8.143  -11.992 1.00 27.42 ? 148 GLY X O   1 
ATOM   1197 N N   . LEU A 1 145 ? -10.820 -8.783  -10.828 1.00 23.89 ? 149 LEU X N   1 
ATOM   1198 C CA  . LEU A 1 145 ? -9.862  -8.466  -11.892 1.00 23.87 ? 149 LEU X CA  1 
ATOM   1199 C C   . LEU A 1 145 ? -9.662  -9.690  -12.770 1.00 23.55 ? 149 LEU X C   1 
ATOM   1200 O O   . LEU A 1 145 ? -8.730  -10.475 -12.565 1.00 24.15 ? 149 LEU X O   1 
ATOM   1201 C CB  . LEU A 1 145 ? -8.516  -7.992  -11.297 1.00 23.40 ? 149 LEU X CB  1 
ATOM   1202 C CG  . LEU A 1 145 ? -7.797  -6.682  -11.684 1.00 27.46 ? 149 LEU X CG  1 
ATOM   1203 C CD1 . LEU A 1 145 ? -6.295  -6.816  -11.525 1.00 24.36 ? 149 LEU X CD1 1 
ATOM   1204 C CD2 . LEU A 1 145 ? -8.180  -6.025  -13.024 1.00 21.85 ? 149 LEU X CD2 1 
ATOM   1205 N N   . LYS A 1 146 ? -10.571 -9.863  -13.736 1.00 22.75 ? 150 LYS X N   1 
ATOM   1206 C CA  . LYS A 1 146 ? -10.592 -11.043 -14.600 1.00 22.65 ? 150 LYS X CA  1 
ATOM   1207 C C   . LYS A 1 146 ? -10.340 -10.715 -16.094 1.00 22.41 ? 150 LYS X C   1 
ATOM   1208 O O   . LYS A 1 146 ? -10.151 -11.611 -16.896 1.00 21.14 ? 150 LYS X O   1 
ATOM   1209 C CB  . LYS A 1 146 ? -11.888 -11.858 -14.415 1.00 24.14 ? 150 LYS X CB  1 
ATOM   1210 C CG  . LYS A 1 146 ? -11.948 -12.605 -13.067 1.00 27.13 ? 150 LYS X CG  1 
ATOM   1211 C CD  . LYS A 1 146 ? -11.564 -14.145 -13.158 1.00 33.56 ? 150 LYS X CD  1 
ATOM   1212 C CE  . LYS A 1 146 ? -10.055 -14.488 -12.894 1.00 34.73 ? 150 LYS X CE  1 
ATOM   1213 N NZ  . LYS A 1 146 ? -9.308  -15.283 -14.019 1.00 35.52 ? 150 LYS X NZ  1 
ATOM   1214 N N   . LYS A 1 147 ? -10.335 -9.436  -16.438 1.00 22.63 ? 151 LYS X N   1 
ATOM   1215 C CA  . LYS A 1 147 ? -9.907  -8.985  -17.771 1.00 24.20 ? 151 LYS X CA  1 
ATOM   1216 C C   . LYS A 1 147 ? -9.417  -7.559  -17.705 1.00 23.80 ? 151 LYS X C   1 
ATOM   1217 O O   . LYS A 1 147 ? -9.858  -6.755  -16.900 1.00 25.20 ? 151 LYS X O   1 
ATOM   1218 C CB  . LYS A 1 147 ? -10.996 -9.110  -18.843 1.00 24.83 ? 151 LYS X CB  1 
ATOM   1219 C CG  . LYS A 1 147 ? -11.752 -7.815  -19.205 1.00 31.14 ? 151 LYS X CG  1 
ATOM   1220 C CD  . LYS A 1 147 ? -12.777 -8.025  -20.331 1.00 34.82 ? 151 LYS X CD  1 
ATOM   1221 C CE  . LYS A 1 147 ? -13.737 -6.835  -20.375 1.00 37.01 ? 151 LYS X CE  1 
ATOM   1222 N NZ  . LYS A 1 147 ? -14.758 -6.995  -21.455 1.00 40.20 ? 151 LYS X NZ  1 
ATOM   1223 N N   . ILE A 1 148 ? -8.443  -7.287  -18.538 1.00 23.77 ? 152 ILE X N   1 
ATOM   1224 C CA  . ILE A 1 148 ? -8.029  -5.927  -18.718 1.00 25.84 ? 152 ILE X CA  1 
ATOM   1225 C C   . ILE A 1 148 ? -8.040  -5.644  -20.208 1.00 26.65 ? 152 ILE X C   1 
ATOM   1226 O O   . ILE A 1 148 ? -7.311  -6.261  -20.956 1.00 25.93 ? 152 ILE X O   1 
ATOM   1227 C CB  . ILE A 1 148 ? -6.702  -5.690  -18.032 1.00 25.96 ? 152 ILE X CB  1 
ATOM   1228 C CG1 . ILE A 1 148 ? -5.620  -6.605  -18.536 1.00 31.47 ? 152 ILE X CG1 1 
ATOM   1229 C CG2 . ILE A 1 148 ? -6.841  -5.926  -16.516 1.00 28.55 ? 152 ILE X CG2 1 
ATOM   1230 C CD1 . ILE A 1 148 ? -4.276  -5.990  -18.395 1.00 34.86 ? 152 ILE X CD1 1 
ATOM   1231 N N   . GLY A 1 149 ? -8.956  -4.752  -20.581 1.00 29.97 ? 153 GLY X N   1 
ATOM   1232 C CA  . GLY A 1 149 ? -9.180  -4.319  -21.941 1.00 32.90 ? 153 GLY X CA  1 
ATOM   1233 C C   . GLY A 1 149 ? -10.021 -5.186  -22.855 1.00 34.58 ? 153 GLY X C   1 
ATOM   1234 O O   . GLY A 1 149 ? -10.789 -4.642  -23.673 1.00 37.27 ? 153 GLY X O   1 
ATOM   1235 N N   . ARG A 1 150 ? -9.901  -6.507  -22.764 1.00 35.86 ? 154 ARG X N   1 
ATOM   1236 C CA  . ARG A 1 150 ? -10.017 -7.375  -23.979 1.00 36.31 ? 154 ARG X CA  1 
ATOM   1237 C C   . ARG A 1 150 ? -9.268  -8.730  -23.785 1.00 34.72 ? 154 ARG X C   1 
ATOM   1238 O O   . ARG A 1 150 ? -9.567  -9.788  -24.399 1.00 34.59 ? 154 ARG X O   1 
ATOM   1239 C CB  . ARG A 1 150 ? -9.471  -6.580  -25.180 1.00 37.65 ? 154 ARG X CB  1 
ATOM   1240 C CG  . ARG A 1 150 ? -8.801  -7.289  -26.367 1.00 40.23 ? 154 ARG X CG  1 
ATOM   1241 C CD  . ARG A 1 150 ? -7.959  -6.267  -27.224 1.00 43.83 ? 154 ARG X CD  1 
ATOM   1242 N NE  . ARG A 1 150 ? -8.394  -6.015  -28.607 1.00 47.51 ? 154 ARG X NE  1 
ATOM   1243 C CZ  . ARG A 1 150 ? -8.954  -4.883  -29.093 1.00 48.96 ? 154 ARG X CZ  1 
ATOM   1244 N NH1 . ARG A 1 150 ? -9.260  -3.861  -28.311 1.00 51.05 ? 154 ARG X NH1 1 
ATOM   1245 N NH2 . ARG A 1 150 ? -9.250  -4.787  -30.396 1.00 50.24 ? 154 ARG X NH2 1 
ATOM   1246 N N   . ILE A 1 151 ? -8.296  -8.678  -22.897 1.00 32.13 ? 155 ILE X N   1 
ATOM   1247 C CA  . ILE A 1 151 ? -7.446  -9.794  -22.609 1.00 30.63 ? 155 ILE X CA  1 
ATOM   1248 C C   . ILE A 1 151 ? -7.835  -10.322 -21.218 1.00 28.15 ? 155 ILE X C   1 
ATOM   1249 O O   . ILE A 1 151 ? -7.964  -9.571  -20.253 1.00 28.45 ? 155 ILE X O   1 
ATOM   1250 C CB  . ILE A 1 151 ? -5.974  -9.363  -22.751 1.00 31.36 ? 155 ILE X CB  1 
ATOM   1251 C CG1 . ILE A 1 151 ? -5.231  -9.343  -21.451 1.00 32.31 ? 155 ILE X CG1 1 
ATOM   1252 C CG2 . ILE A 1 151 ? -5.857  -7.983  -23.477 1.00 33.47 ? 155 ILE X CG2 1 
ATOM   1253 C CD1 . ILE A 1 151 ? -3.770  -9.488  -21.649 1.00 36.11 ? 155 ILE X CD1 1 
ATOM   1254 N N   . PRO A 1 152 ? -8.115  -11.589 -21.118 1.00 25.12 ? 156 PRO X N   1 
ATOM   1255 C CA  . PRO A 1 152 ? -8.393  -12.174 -19.794 1.00 22.99 ? 156 PRO X CA  1 
ATOM   1256 C C   . PRO A 1 152 ? -7.131  -12.315 -18.915 1.00 21.34 ? 156 PRO X C   1 
ATOM   1257 O O   . PRO A 1 152 ? -6.038  -12.688 -19.383 1.00 21.64 ? 156 PRO X O   1 
ATOM   1258 C CB  . PRO A 1 152 ? -8.944  -13.565 -20.125 1.00 23.37 ? 156 PRO X CB  1 
ATOM   1259 C CG  . PRO A 1 152 ? -8.468  -13.894 -21.422 1.00 22.40 ? 156 PRO X CG  1 
ATOM   1260 C CD  . PRO A 1 152 ? -8.227  -12.593 -22.197 1.00 24.64 ? 156 PRO X CD  1 
ATOM   1261 N N   . VAL A 1 153 ? -7.311  -12.065 -17.609 1.00 19.99 ? 157 VAL X N   1 
ATOM   1262 C CA  . VAL A 1 153 ? -6.216  -12.206 -16.653 1.00 20.28 ? 157 VAL X CA  1 
ATOM   1263 C C   . VAL A 1 153 ? -6.684  -13.031 -15.443 1.00 20.02 ? 157 VAL X C   1 
ATOM   1264 O O   . VAL A 1 153 ? -7.883  -13.115 -15.176 1.00 20.00 ? 157 VAL X O   1 
ATOM   1265 C CB  . VAL A 1 153 ? -5.654  -10.825 -16.200 1.00 20.70 ? 157 VAL X CB  1 
ATOM   1266 C CG1 . VAL A 1 153 ? -5.258  -10.013 -17.411 1.00 22.24 ? 157 VAL X CG1 1 
ATOM   1267 C CG2 . VAL A 1 153 ? -6.636  -10.031 -15.389 1.00 20.54 ? 157 VAL X CG2 1 
ATOM   1268 N N   . SER A 1 154 ? -5.716  -13.620 -14.743 1.00 20.18 ? 158 SER X N   1 
ATOM   1269 C CA  . SER A 1 154 ? -5.945  -14.314 -13.476 1.00 22.22 ? 158 SER X CA  1 
ATOM   1270 C C   . SER A 1 154 ? -4.926  -13.919 -12.434 1.00 22.14 ? 158 SER X C   1 
ATOM   1271 O O   . SER A 1 154 ? -3.756  -14.068 -12.654 1.00 23.77 ? 158 SER X O   1 
ATOM   1272 C CB  . SER A 1 154 ? -5.851  -15.839 -13.704 1.00 23.44 ? 158 SER X CB  1 
ATOM   1273 O OG  . SER A 1 154 ? -6.035  -16.573 -12.494 1.00 28.57 ? 158 SER X OG  1 
ATOM   1274 N N   . LEU A 1 155 ? -5.362  -13.439 -11.273 1.00 22.01 ? 159 LEU X N   1 
ATOM   1275 C CA  . LEU A 1 155 ? -4.435  -13.065 -10.206 1.00 23.35 ? 159 LEU X CA  1 
ATOM   1276 C C   . LEU A 1 155 ? -4.080  -14.260 -9.324  1.00 24.61 ? 159 LEU X C   1 
ATOM   1277 O O   . LEU A 1 155 ? -4.987  -14.936 -8.843  1.00 24.03 ? 159 LEU X O   1 
ATOM   1278 C CB  . LEU A 1 155 ? -5.059  -12.008 -9.312  1.00 23.65 ? 159 LEU X CB  1 
ATOM   1279 C CG  . LEU A 1 155 ? -5.070  -10.552 -9.733  1.00 26.68 ? 159 LEU X CG  1 
ATOM   1280 C CD1 . LEU A 1 155 ? -5.622  -9.715  -8.627  1.00 26.62 ? 159 LEU X CD1 1 
ATOM   1281 C CD2 . LEU A 1 155 ? -3.733  -10.019 -10.055 1.00 31.66 ? 159 LEU X CD2 1 
ATOM   1282 N N   . GLU A 1 156 ? -2.783  -14.484 -9.106  1.00 25.00 ? 160 GLU X N   1 
ATOM   1283 C CA  . GLU A 1 156 ? -2.276  -15.510 -8.190  1.00 26.87 ? 160 GLU X CA  1 
ATOM   1284 C C   . GLU A 1 156 ? -1.263  -14.945 -7.206  1.00 27.38 ? 160 GLU X C   1 
ATOM   1285 O O   . GLU A 1 156 ? -0.437  -14.141 -7.598  1.00 26.56 ? 160 GLU X O   1 
ATOM   1286 C CB  . GLU A 1 156 ? -1.559  -16.568 -9.005  1.00 27.82 ? 160 GLU X CB  1 
ATOM   1287 C CG  . GLU A 1 156 ? -2.484  -17.380 -9.914  1.00 29.19 ? 160 GLU X CG  1 
ATOM   1288 C CD  . GLU A 1 156 ? -1.718  -18.323 -10.803 1.00 32.18 ? 160 GLU X CD  1 
ATOM   1289 O OE1 . GLU A 1 156 ? -0.524  -18.590 -10.540 1.00 35.61 ? 160 GLU X OE1 1 
ATOM   1290 O OE2 . GLU A 1 156 ? -2.303  -18.785 -11.786 1.00 36.71 ? 160 GLU X OE2 1 
ATOM   1291 N N   . GLU A 1 157 ? -1.313  -15.427 -5.960  1.00 29.01 ? 161 GLU X N   1 
ATOM   1292 C CA  . GLU A 1 157 ? -0.303  -15.152 -4.907  1.00 30.87 ? 161 GLU X CA  1 
ATOM   1293 C C   . GLU A 1 157 ? 1.122   -15.537 -5.349  1.00 30.83 ? 161 GLU X C   1 
ATOM   1294 O O   . GLU A 1 157 ? 1.342   -16.657 -5.857  1.00 30.74 ? 161 GLU X O   1 
ATOM   1295 C CB  . GLU A 1 157 ? -0.630  -15.995 -3.663  1.00 31.37 ? 161 GLU X CB  1 
ATOM   1296 C CG  . GLU A 1 157 ? -1.175  -15.311 -2.404  1.00 37.26 ? 161 GLU X CG  1 
ATOM   1297 C CD  . GLU A 1 157 ? -0.140  -14.542 -1.589  1.00 40.01 ? 161 GLU X CD  1 
ATOM   1298 O OE1 . GLU A 1 157 ? 1.070   -14.567 -1.936  1.00 44.53 ? 161 GLU X OE1 1 
ATOM   1299 O OE2 . GLU A 1 157 ? -0.557  -13.880 -0.604  1.00 42.08 ? 161 GLU X OE2 1 
ATOM   1300 N N   . ARG A 1 158 ? 2.075   -14.635 -5.181  1.00 30.50 ? 162 ARG X N   1 
ATOM   1301 C CA  . ARG A 1 158 ? 3.511   -14.897 -5.332  1.00 32.04 ? 162 ARG X CA  1 
ATOM   1302 C C   . ARG A 1 158 ? 4.289   -14.408 -4.092  1.00 32.15 ? 162 ARG X C   1 
ATOM   1303 O O   . ARG A 1 158 ? 3.963   -13.351 -3.558  1.00 30.68 ? 162 ARG X O   1 
ATOM   1304 C CB  . ARG A 1 158 ? 4.088   -14.103 -6.494  1.00 32.43 ? 162 ARG X CB  1 
ATOM   1305 C CG  . ARG A 1 158 ? 3.554   -14.439 -7.848  1.00 34.34 ? 162 ARG X CG  1 
ATOM   1306 C CD  . ARG A 1 158 ? 4.099   -15.725 -8.378  1.00 38.86 ? 162 ARG X CD  1 
ATOM   1307 N NE  . ARG A 1 158 ? 3.010   -16.590 -8.779  1.00 43.39 ? 162 ARG X NE  1 
ATOM   1308 C CZ  . ARG A 1 158 ? 2.687   -16.881 -10.022 1.00 43.04 ? 162 ARG X CZ  1 
ATOM   1309 N NH1 . ARG A 1 158 ? 3.375   -16.421 -11.063 1.00 44.94 ? 162 ARG X NH1 1 
ATOM   1310 N NH2 . ARG A 1 158 ? 1.656   -17.669 -10.221 1.00 45.36 ? 162 ARG X NH2 1 
ATOM   1311 N N   . PRO A 1 159 ? 5.338   -15.111 -3.645  1.00 31.89 ? 163 PRO X N   1 
ATOM   1312 C CA  . PRO A 1 159 ? 6.271   -14.527 -2.651  1.00 32.16 ? 163 PRO X CA  1 
ATOM   1313 C C   . PRO A 1 159 ? 6.937   -13.227 -3.061  1.00 31.89 ? 163 PRO X C   1 
ATOM   1314 O O   . PRO A 1 159 ? 7.232   -13.054 -4.243  1.00 32.18 ? 163 PRO X O   1 
ATOM   1315 C CB  . PRO A 1 159 ? 7.370   -15.598 -2.503  1.00 32.66 ? 163 PRO X CB  1 
ATOM   1316 C CG  . PRO A 1 159 ? 6.817   -16.844 -3.079  1.00 32.13 ? 163 PRO X CG  1 
ATOM   1317 C CD  . PRO A 1 159 ? 5.658   -16.511 -3.970  1.00 33.23 ? 163 PRO X CD  1 
ATOM   1318 N N   . PHE A 1 160 ? 7.214   -12.340 -2.105  1.00 31.48 ? 164 PHE X N   1 
ATOM   1319 C CA  . PHE A 1 160 ? 7.911   -11.110 -2.435  1.00 31.59 ? 164 PHE X CA  1 
ATOM   1320 C C   . PHE A 1 160 ? 9.333   -11.362 -2.906  1.00 33.15 ? 164 PHE X C   1 
ATOM   1321 O O   . PHE A 1 160 ? 9.902   -10.494 -3.532  1.00 32.92 ? 164 PHE X O   1 
ATOM   1322 C CB  . PHE A 1 160 ? 7.857   -10.091 -1.296  1.00 32.02 ? 164 PHE X CB  1 
ATOM   1323 C CG  . PHE A 1 160 ? 6.546   -9.374  -1.218  1.00 28.36 ? 164 PHE X CG  1 
ATOM   1324 C CD1 . PHE A 1 160 ? 5.517   -9.935  -0.496  1.00 29.91 ? 164 PHE X CD1 1 
ATOM   1325 C CD2 . PHE A 1 160 ? 6.334   -8.167  -1.885  1.00 31.37 ? 164 PHE X CD2 1 
ATOM   1326 C CE1 . PHE A 1 160 ? 4.298   -9.312  -0.403  1.00 26.56 ? 164 PHE X CE1 1 
ATOM   1327 C CE2 . PHE A 1 160 ? 5.078   -7.540  -1.807  1.00 25.01 ? 164 PHE X CE2 1 
ATOM   1328 C CZ  . PHE A 1 160 ? 4.086   -8.131  -1.051  1.00 26.98 ? 164 PHE X CZ  1 
ATOM   1329 N N   . THR A 1 161 ? 9.874   -12.551 -2.601  1.00 35.58 ? 165 THR X N   1 
ATOM   1330 C CA  . THR A 1 161 ? 11.083  -13.091 -3.258  1.00 37.81 ? 165 THR X CA  1 
ATOM   1331 C C   . THR A 1 161 ? 11.003  -12.971 -4.766  1.00 38.68 ? 165 THR X C   1 
ATOM   1332 O O   . THR A 1 161 ? 12.000  -12.678 -5.423  1.00 38.73 ? 165 THR X O   1 
ATOM   1333 C CB  . THR A 1 161 ? 11.241  -14.625 -3.036  1.00 37.71 ? 165 THR X CB  1 
ATOM   1334 O OG1 . THR A 1 161 ? 10.883  -15.017 -1.716  1.00 39.19 ? 165 THR X OG1 1 
ATOM   1335 C CG2 . THR A 1 161 ? 12.713  -15.050 -3.203  1.00 40.50 ? 165 THR X CG2 1 
ATOM   1336 N N   . GLU A 1 162 ? 9.807   -13.282 -5.282  1.00 39.43 ? 166 GLU X N   1 
ATOM   1337 C CA  . GLU A 1 162 ? 9.515   -13.426 -6.722  1.00 39.94 ? 166 GLU X CA  1 
ATOM   1338 C C   . GLU A 1 162 ? 9.085   -12.116 -7.353  1.00 39.48 ? 166 GLU X C   1 
ATOM   1339 O O   . GLU A 1 162 ? 8.471   -12.098 -8.404  1.00 39.33 ? 166 GLU X O   1 
ATOM   1340 C CB  . GLU A 1 162 ? 8.391   -14.440 -6.904  1.00 40.28 ? 166 GLU X CB  1 
ATOM   1341 C CG  . GLU A 1 162 ? 8.822   -15.784 -7.437  1.00 42.79 ? 166 GLU X CG  1 
ATOM   1342 C CD  . GLU A 1 162 ? 7.653   -16.578 -7.964  1.00 46.09 ? 166 GLU X CD  1 
ATOM   1343 O OE1 . GLU A 1 162 ? 6.907   -16.046 -8.821  1.00 49.61 ? 166 GLU X OE1 1 
ATOM   1344 O OE2 . GLU A 1 162 ? 7.463   -17.722 -7.508  1.00 47.37 ? 166 GLU X OE2 1 
ATOM   1345 N N   . LYS A 1 163 ? 9.486   -11.018 -6.732  1.00 40.23 ? 167 LYS X N   1 
ATOM   1346 C CA  . LYS A 1 163 ? 8.868   -9.721  -6.932  1.00 39.75 ? 167 LYS X CA  1 
ATOM   1347 C C   . LYS A 1 163 ? 9.592   -8.980  -8.051  1.00 40.75 ? 167 LYS X C   1 
ATOM   1348 O O   . LYS A 1 163 ? 10.819  -8.900  -8.064  1.00 41.10 ? 167 LYS X O   1 
ATOM   1349 C CB  . LYS A 1 163 ? 8.970   -8.970  -5.610  1.00 39.91 ? 167 LYS X CB  1 
ATOM   1350 C CG  . LYS A 1 163 ? 7.907   -8.001  -5.333  1.00 38.53 ? 167 LYS X CG  1 
ATOM   1351 C CD  . LYS A 1 163 ? 8.193   -6.680  -5.976  1.00 35.39 ? 167 LYS X CD  1 
ATOM   1352 C CE  . LYS A 1 163 ? 8.802   -5.678  -5.002  1.00 33.07 ? 167 LYS X CE  1 
ATOM   1353 N NZ  . LYS A 1 163 ? 10.236  -5.364  -5.325  1.00 32.17 ? 167 LYS X NZ  1 
ATOM   1354 N N   . ILE A 1 164 ? 8.839   -8.439  -8.997  1.00 41.00 ? 168 ILE X N   1 
ATOM   1355 C CA  . ILE A 1 164 ? 9.423   -7.753  -10.134 1.00 41.56 ? 168 ILE X CA  1 
ATOM   1356 C C   . ILE A 1 164 ? 10.069  -6.436  -9.709  1.00 42.25 ? 168 ILE X C   1 
ATOM   1357 O O   . ILE A 1 164 ? 9.520   -5.710  -8.872  1.00 41.92 ? 168 ILE X O   1 
ATOM   1358 C CB  . ILE A 1 164 ? 8.346   -7.455  -11.200 1.00 41.67 ? 168 ILE X CB  1 
ATOM   1359 C CG1 . ILE A 1 164 ? 7.879   -8.756  -11.868 1.00 41.81 ? 168 ILE X CG1 1 
ATOM   1360 C CG2 . ILE A 1 164 ? 8.875   -6.470  -12.230 1.00 42.21 ? 168 ILE X CG2 1 
ATOM   1361 C CD1 . ILE A 1 164 ? 6.627   -8.576  -12.713 1.00 41.90 ? 168 ILE X CD1 1 
ATOM   1362 N N   . ASP A 1 165 ? 11.218  -6.127  -10.315 1.00 42.55 ? 169 ASP X N   1 
ATOM   1363 C CA  . ASP A 1 165 ? 11.823  -4.780  -10.249 1.00 43.34 ? 169 ASP X CA  1 
ATOM   1364 C C   . ASP A 1 165 ? 10.843  -3.688  -9.825  1.00 44.15 ? 169 ASP X C   1 
ATOM   1365 O O   . ASP A 1 165 ? 11.184  -2.488  -9.834  1.00 46.10 ? 169 ASP X O   1 
ATOM   1366 C CB  . ASP A 1 165 ? 12.379  -4.354  -11.616 1.00 43.53 ? 169 ASP X CB  1 
ATOM   1367 C CG  . ASP A 1 165 ? 13.224  -5.416  -12.271 1.00 43.18 ? 169 ASP X CG  1 
ATOM   1368 O OD1 . ASP A 1 165 ? 13.787  -6.261  -11.534 1.00 43.92 ? 169 ASP X OD1 1 
ATOM   1369 O OD2 . ASP A 1 165 ? 13.376  -5.498  -13.526 1.00 43.82 ? 169 ASP X OD2 1 
HETATM 1370 O O   . HOH B 2 .   ? 0.440   14.854  1.026   1.00 11.07 ? 170 HOH X O   1 
HETATM 1371 O O   . HOH B 2 .   ? -8.208  -12.719 -11.200 1.00 20.37 ? 171 HOH X O   1 
HETATM 1372 O O   . HOH B 2 .   ? 2.343   -8.509  4.538   1.00 18.21 ? 172 HOH X O   1 
HETATM 1373 O O   . HOH B 2 .   ? -5.374  -0.201  2.512   1.00 19.42 ? 173 HOH X O   1 
HETATM 1374 O O   . HOH B 2 .   ? 3.473   -1.134  -2.942  1.00 18.15 ? 174 HOH X O   1 
HETATM 1375 O O   . HOH B 2 .   ? -5.239  -4.652  5.841   1.00 21.61 ? 175 HOH X O   1 
HETATM 1376 O O   . HOH B 2 .   ? 9.561   7.622   12.889  1.00 21.70 ? 176 HOH X O   1 
HETATM 1377 O O   . HOH B 2 .   ? -1.410  -5.390  11.316  1.00 20.75 ? 177 HOH X O   1 
HETATM 1378 O O   . HOH B 2 .   ? 8.511   4.717   -0.423  1.00 17.50 ? 178 HOH X O   1 
HETATM 1379 O O   . HOH B 2 .   ? 5.504   11.168  -3.178  1.00 26.74 ? 179 HOH X O   1 
HETATM 1380 O O   . HOH B 2 .   ? 13.383  15.673  7.765   1.00 22.01 ? 180 HOH X O   1 
HETATM 1381 O O   . HOH B 2 .   ? 6.510   -2.003  0.625   1.00 19.17 ? 181 HOH X O   1 
HETATM 1382 O O   . HOH B 2 .   ? 9.719   8.003   1.969   1.00 22.57 ? 182 HOH X O   1 
HETATM 1383 O O   . HOH B 2 .   ? -10.995 -10.825 0.683   1.00 28.01 ? 183 HOH X O   1 
HETATM 1384 O O   . HOH B 2 .   ? 5.976   -12.190 8.576   1.00 26.64 ? 184 HOH X O   1 
HETATM 1385 O O   . HOH B 2 .   ? 1.928   17.491  0.639   1.00 22.15 ? 185 HOH X O   1 
HETATM 1386 O O   . HOH B 2 .   ? 1.425   22.913  7.535   1.00 28.42 ? 186 HOH X O   1 
HETATM 1387 O O   . HOH B 2 .   ? -4.749  -16.219 -16.901 1.00 28.73 ? 187 HOH X O   1 
HETATM 1388 O O   . HOH B 2 .   ? 12.262  26.636  12.166  1.00 23.90 ? 188 HOH X O   1 
HETATM 1389 O O   . HOH B 2 .   ? -3.364  11.446  -1.725  1.00 44.28 ? 189 HOH X O   1 
HETATM 1390 O O   . HOH B 2 .   ? 10.461  26.616  5.029   1.00 29.43 ? 190 HOH X O   1 
HETATM 1391 O O   . HOH B 2 .   ? -4.185  4.725   -16.154 1.00 32.09 ? 191 HOH X O   1 
HETATM 1392 O O   . HOH B 2 .   ? -8.304  9.156   16.167  1.00 27.08 ? 192 HOH X O   1 
HETATM 1393 O O   . HOH B 2 .   ? 10.762  11.456  7.661   1.00 23.66 ? 193 HOH X O   1 
HETATM 1394 O O   . HOH B 2 .   ? 1.627   -13.951 -17.103 1.00 28.76 ? 194 HOH X O   1 
HETATM 1395 O O   . HOH B 2 .   ? 9.145   14.396  -0.040  1.00 38.45 ? 195 HOH X O   1 
HETATM 1396 O O   . HOH B 2 .   ? -4.713  -1.469  12.275  1.00 20.35 ? 196 HOH X O   1 
HETATM 1397 O O   . HOH B 2 .   ? 8.676   17.596  6.125   1.00 27.67 ? 197 HOH X O   1 
HETATM 1398 O O   . HOH B 2 .   ? -1.636  16.689  2.321   1.00 18.42 ? 198 HOH X O   1 
HETATM 1399 O O   . HOH B 2 .   ? 12.753  -9.573  -19.008 1.00 34.79 ? 199 HOH X O   1 
HETATM 1400 O O   . HOH B 2 .   ? -7.698  -2.615  5.547   1.00 35.69 ? 200 HOH X O   1 
HETATM 1401 O O   . HOH B 2 .   ? 8.330   19.830  10.429  1.00 22.38 ? 201 HOH X O   1 
HETATM 1402 O O   . HOH B 2 .   ? -1.112  4.377   -8.075  1.00 22.07 ? 202 HOH X O   1 
HETATM 1403 O O   . HOH B 2 .   ? 2.224   23.617  0.110   1.00 25.54 ? 203 HOH X O   1 
HETATM 1404 O O   . HOH B 2 .   ? 9.448   6.743   15.526  1.00 23.80 ? 204 HOH X O   1 
HETATM 1405 O O   . HOH B 2 .   ? -6.377  0.708   5.124   1.00 31.09 ? 205 HOH X O   1 
HETATM 1406 O O   . HOH B 2 .   ? 6.971   -5.948  26.867  1.00 38.24 ? 206 HOH X O   1 
HETATM 1407 O O   . HOH B 2 .   ? -2.079  6.339   -16.491 1.00 31.97 ? 207 HOH X O   1 
HETATM 1408 O O   . HOH B 2 .   ? -1.430  4.117   -3.309  1.00 24.40 ? 208 HOH X O   1 
HETATM 1409 O O   . HOH B 2 .   ? 1.762   13.551  -1.618  1.00 32.02 ? 209 HOH X O   1 
HETATM 1410 O O   . HOH B 2 .   ? 9.339   24.182  13.000  1.00 32.93 ? 210 HOH X O   1 
HETATM 1411 O O   . HOH B 2 .   ? 10.001  22.230  11.558  1.00 33.66 ? 211 HOH X O   1 
HETATM 1412 O O   . HOH B 2 .   ? 9.852   10.995  24.022  1.00 38.61 ? 212 HOH X O   1 
HETATM 1413 O O   . HOH B 2 .   ? -12.487 -5.337  4.159   1.00 34.18 ? 213 HOH X O   1 
HETATM 1414 O O   . HOH B 2 .   ? -11.948 -4.153  -29.591 1.00 40.54 ? 214 HOH X O   1 
HETATM 1415 O O   . HOH B 2 .   ? 11.209  0.579   12.987  1.00 34.43 ? 215 HOH X O   1 
HETATM 1416 O O   . HOH B 2 .   ? 8.117   -0.546  -6.950  1.00 32.27 ? 216 HOH X O   1 
HETATM 1417 O O   . HOH B 2 .   ? -4.970  -14.148 -21.378 1.00 39.71 ? 217 HOH X O   1 
HETATM 1418 O O   . HOH B 2 .   ? 13.520  -7.774  2.989   1.00 31.95 ? 218 HOH X O   1 
HETATM 1419 O O   . HOH B 2 .   ? 10.264  2.578   -0.185  1.00 29.39 ? 219 HOH X O   1 
HETATM 1420 O O   . HOH B 2 .   ? 9.650   27.759  11.811  1.00 26.78 ? 220 HOH X O   1 
HETATM 1421 O O   . HOH B 2 .   ? -4.672  0.650   17.038  1.00 30.79 ? 221 HOH X O   1 
HETATM 1422 O O   . HOH B 2 .   ? -12.291 -8.486  -0.726  1.00 27.67 ? 222 HOH X O   1 
HETATM 1423 O O   . HOH B 2 .   ? -3.942  -4.159  12.045  1.00 28.81 ? 223 HOH X O   1 
HETATM 1424 O O   . HOH B 2 .   ? 6.232   2.840   20.730  1.00 31.57 ? 224 HOH X O   1 
HETATM 1425 O O   . HOH B 2 .   ? -6.010  2.007   7.498   1.00 32.97 ? 225 HOH X O   1 
HETATM 1426 O O   . HOH B 2 .   ? 10.601  3.152   2.433   1.00 32.25 ? 226 HOH X O   1 
HETATM 1427 O O   . HOH B 2 .   ? -3.115  18.879  0.290   1.00 28.94 ? 227 HOH X O   1 
HETATM 1428 O O   . HOH B 2 .   ? 10.724  7.569   4.574   1.00 31.10 ? 228 HOH X O   1 
HETATM 1429 O O   . HOH B 2 .   ? 13.044  8.259   10.062  1.00 42.48 ? 229 HOH X O   1 
HETATM 1430 O O   A HOH B 2 .   ? 15.334  18.638  2.182   0.50 28.25 ? 230 HOH X O   1 
HETATM 1431 O O   B HOH B 2 .   ? 14.703  20.485  1.642   0.50 27.59 ? 230 HOH X O   1 
# 
